data_7S5V
#
_entry.id   7S5V
#
_cell.length_a   1.00
_cell.length_b   1.00
_cell.length_c   1.00
_cell.angle_alpha   90.00
_cell.angle_beta   90.00
_cell.angle_gamma   90.00
#
_symmetry.space_group_name_H-M   'P 1'
#
loop_
_entity.id
_entity.type
_entity.pdbx_description
1 polymer 'ATP-binding cassette sub-family C member 8'
2 non-polymer "ADENOSINE-5'-DIPHOSPHATE"
3 non-polymer 'MAGNESIUM ION'
4 non-polymer "ADENOSINE-5'-TRIPHOSPHATE"
#
_entity_poly.entity_id   1
_entity_poly.type   'polypeptide(L)'
_entity_poly.pdbx_seq_one_letter_code
;GPLAFCGSENHSAAYRVDQGVLNNGCFVDALNVVPHVFLLFITFPILFIGWGSQSSKVHIHHSTWLHFPGHNLRWILTFM
LLFVLVCEIAEGILSDGVTESHHLHLYMPAGMAFMAAVTSVVYYHNIETSNFPKLLIALLVYWTLAFITKTIKFVKFLDH
AIGFSQLRFCLTGLLVILYGMLLLVEVNVIRVRRYIFFKTPREVKPPEDLQDLGVRFLQPFVNLLSKGTYWWMNAFIKTA
HKKPIDLRAIGKLPIAMRALTNYQRLCEAFDAQVRKDIQGTQGARAIWQALSHAFGRRLVLSSTFRILADLLGFAGPLCI
FGIVDHLGKENDVFQPKTQFLGVYFVSSQEFLANAYVLAVLLFLALLLQRTFLQASYYVAIETGINLRGAIQTKIYNKIM
HLSTSNLSMGEMTAGQICNLVAIDTNQLMWFFFLCPNLWAMPVQIIVGVILLYYILGVSALIGAAVIILLAPVQYFVATK
LSQAQRSTLEYSNERLKQTNEMLRGIKLLKLYAWENIFRTRVETTRRKEMTSLRAFAIYTSISIFMNTAIPIAAVLITFV
GHVSFFKEADFSPSVAFASLSLFHILVTPLFLLSSVVRSTVKALVSVQKLSEFLSSAEIREEQCAPHEPTPQGPASKYQA
VPLRVVNRKRPAREDCRGLTGPLQSLVPSADGDADNCCVQIMGGYFTWTPDGIPTLSNITIRIPRGQLTMIVGQVGCGKS
SLLLAALGEMQKVSGAVFWSSLPDSEIGEDPSPERETATDLDIRKRGPVAYASQKPWLLNATVEENIIFESPFNKQRYKM
VIEACSLQPDIDILPHGDQTQIGERGINLSGGQRQRISVARALYQHANVVFLDDPFSALDIHLSDHLMQAGILELLRDDK
RTVVLVTHKLQYLPHADWIIAMKDGTIQREGTLKDFQRSECQLFEHWKTLMNRQDQELEKETVTERKATEPPQGLSRAMS
SRDGLLQDEEEEEEEAAESEEDDNLSSMLHQRAEIPWRACAKYLSSAGILLLSLLVFSQLLKHMVLVAIDYWLAKWTDSA
LTLTPAARNCSLSQECTLDQTVYAMVFTVLCSLGIVLCLVTSVTVEWTGLKVAKRLHRSLLNRIILAPMRFFETTPLGSI
LNRFSSDCNTIDQHIPSTLECLSRSTLLCVSALAVISYVTPVFLVALLPLAIVCYFIQKYFRVASRDLQQLDDTTQLPLL
SHFAETVEGLTTIRAFRYEARFQQKLLEYTDSNNIASLFLTAANRWLEVRMEYIGACVVLIAAVTSISNSLHRELSAGLV
GLGLTYALMVSNYLNWMVRNLADMELQLGAVKRIHGLLKTEAESYEGLLAPSLIPKNWPDQGKIQIQNLSVRYDSSLKPV
LKHVNALIAPGQKIGICGRTGSGKSSFSLAFFRMVDTFEGHIIIDGIDIAKLPLHTLRSRLSIILQDPVLFSGTIRFNLD
PERKCSDSTLWEALEIAQLKLVVKALPGGLDAIITEGGENFSQGQRQLFCLARAFVRKTSIFIMDEATASIDMATENILQ
KVVMTAFADRTVVTIAHRVHTILSADLVIVLKRGAILEFDKPEKLLSRKDSVFASFVRADK
;
_entity_poly.pdbx_strand_id   E
#
loop_
_chem_comp.id
_chem_comp.type
_chem_comp.name
_chem_comp.formula
ADP non-polymer ADENOSINE-5'-DIPHOSPHATE 'C10 H15 N5 O10 P2'
ATP non-polymer ADENOSINE-5'-TRIPHOSPHATE 'C10 H16 N5 O13 P3'
MG non-polymer 'MAGNESIUM ION' 'Mg 2'
#
# COMPACT_ATOMS: atom_id res chain seq x y z
N ALA A 4 -36.29 14.28 54.11
CA ALA A 4 -35.93 14.48 55.51
C ALA A 4 -34.80 13.55 55.90
N PHE A 5 -33.81 14.11 56.61
CA PHE A 5 -32.64 13.35 57.02
C PHE A 5 -32.98 12.41 58.17
N CYS A 6 -32.28 11.27 58.19
CA CYS A 6 -32.36 10.23 59.24
C CYS A 6 -33.79 9.71 59.45
N GLY A 7 -34.62 9.80 58.43
CA GLY A 7 -35.98 9.31 58.51
C GLY A 7 -36.99 10.40 58.86
N SER A 8 -38.26 10.02 58.76
CA SER A 8 -39.35 10.92 59.11
C SER A 8 -40.44 10.19 59.91
N GLU A 9 -40.09 9.08 60.55
CA GLU A 9 -41.05 8.28 61.30
C GLU A 9 -41.24 8.74 62.74
N ASN A 10 -40.36 9.63 63.22
CA ASN A 10 -40.43 10.25 64.55
C ASN A 10 -40.40 9.21 65.67
N HIS A 11 -39.33 8.41 65.68
CA HIS A 11 -39.12 7.42 66.73
C HIS A 11 -38.14 7.89 67.80
N SER A 12 -37.55 9.08 67.63
CA SER A 12 -36.61 9.71 68.58
C SER A 12 -35.40 8.82 68.83
N ALA A 13 -34.91 8.17 67.78
CA ALA A 13 -33.75 7.30 67.87
C ALA A 13 -32.64 7.65 66.90
N ALA A 14 -32.97 8.12 65.70
CA ALA A 14 -31.96 8.53 64.73
C ALA A 14 -31.54 9.98 64.92
N TYR A 15 -32.49 10.85 65.28
CA TYR A 15 -32.14 12.23 65.61
C TYR A 15 -31.44 12.33 66.96
N ARG A 16 -31.65 11.37 67.86
CA ARG A 16 -31.11 11.40 69.20
C ARG A 16 -29.77 10.68 69.26
N VAL A 17 -28.85 11.22 70.06
CA VAL A 17 -27.54 10.62 70.30
C VAL A 17 -27.32 10.62 71.81
N ASP A 18 -27.60 9.48 72.46
CA ASP A 18 -27.54 9.39 73.91
C ASP A 18 -26.39 8.50 74.38
N GLN A 19 -26.34 7.25 73.92
CA GLN A 19 -25.28 6.35 74.35
C GLN A 19 -23.94 6.65 73.68
N GLY A 20 -23.95 7.38 72.56
CA GLY A 20 -22.73 7.78 71.91
C GLY A 20 -22.98 8.64 70.69
N VAL A 21 -22.25 9.75 70.57
CA VAL A 21 -22.36 10.59 69.39
C VAL A 21 -21.66 9.96 68.19
N LEU A 22 -20.73 9.04 68.44
CA LEU A 22 -20.07 8.29 67.37
C LEU A 22 -20.60 6.87 67.23
N ASN A 23 -21.32 6.37 68.22
CA ASN A 23 -21.90 5.03 68.19
C ASN A 23 -23.28 5.01 67.54
N ASN A 24 -23.72 6.14 67.00
CA ASN A 24 -25.02 6.20 66.35
C ASN A 24 -24.98 5.48 65.00
N GLY A 25 -26.07 4.81 64.66
CA GLY A 25 -26.16 4.17 63.35
C GLY A 25 -26.23 5.19 62.23
N CYS A 26 -26.92 6.30 62.46
CA CYS A 26 -26.84 7.45 61.57
C CYS A 26 -25.74 8.38 62.07
N PHE A 27 -25.70 9.59 61.52
CA PHE A 27 -24.85 10.74 61.85
C PHE A 27 -23.39 10.54 61.39
N VAL A 28 -23.02 9.32 61.02
CA VAL A 28 -21.79 9.13 60.28
C VAL A 28 -22.04 9.32 58.79
N ASP A 29 -23.27 9.06 58.34
CA ASP A 29 -23.71 9.52 57.02
C ASP A 29 -23.82 11.05 56.99
N ALA A 30 -24.15 11.66 58.13
CA ALA A 30 -24.08 13.11 58.22
C ALA A 30 -22.65 13.62 58.41
N LEU A 31 -21.73 12.74 58.81
CA LEU A 31 -20.37 13.16 59.07
C LEU A 31 -19.46 13.03 57.85
N ASN A 32 -19.72 12.06 56.96
CA ASN A 32 -18.83 11.83 55.82
C ASN A 32 -19.20 12.64 54.60
N VAL A 33 -19.86 13.78 54.77
CA VAL A 33 -20.21 14.67 53.66
C VAL A 33 -19.34 15.91 53.66
N VAL A 34 -19.09 16.50 54.83
CA VAL A 34 -18.28 17.70 54.98
C VAL A 34 -16.82 17.58 54.51
N PRO A 35 -16.17 16.41 54.44
CA PRO A 35 -14.93 16.37 53.62
C PRO A 35 -15.17 16.65 52.16
N HIS A 36 -16.28 16.13 51.61
CA HIS A 36 -16.55 16.35 50.19
C HIS A 36 -17.01 17.77 49.92
N VAL A 37 -17.80 18.37 50.82
CA VAL A 37 -18.16 19.77 50.64
C VAL A 37 -16.97 20.67 50.94
N PHE A 38 -16.01 20.20 51.77
CA PHE A 38 -14.78 20.95 51.97
C PHE A 38 -13.96 21.01 50.69
N LEU A 39 -13.78 19.84 50.05
CA LEU A 39 -13.07 19.78 48.78
C LEU A 39 -13.77 20.58 47.69
N LEU A 40 -15.10 20.49 47.64
CA LEU A 40 -15.85 21.21 46.60
C LEU A 40 -15.77 22.72 46.80
N PHE A 41 -15.96 23.20 48.03
CA PHE A 41 -16.01 24.62 48.30
C PHE A 41 -14.64 25.26 48.48
N ILE A 42 -13.56 24.49 48.51
CA ILE A 42 -12.23 25.08 48.34
C ILE A 42 -11.62 24.77 46.98
N THR A 43 -12.24 23.91 46.18
CA THR A 43 -11.73 23.59 44.85
C THR A 43 -12.37 24.46 43.78
N PHE A 44 -13.67 24.69 43.87
CA PHE A 44 -14.33 25.58 42.92
C PHE A 44 -13.86 27.04 42.98
N PRO A 45 -13.40 27.61 44.10
CA PRO A 45 -12.66 28.88 43.98
C PRO A 45 -11.38 28.78 43.15
N ILE A 46 -10.66 27.67 43.23
CA ILE A 46 -9.45 27.50 42.41
C ILE A 46 -9.81 27.35 40.94
N LEU A 47 -10.96 26.74 40.65
CA LEU A 47 -11.48 26.74 39.29
C LEU A 47 -11.99 28.12 38.89
N PHE A 48 -12.34 28.96 39.85
CA PHE A 48 -12.77 30.31 39.51
C PHE A 48 -11.59 31.24 39.28
N ILE A 49 -10.61 31.22 40.18
CA ILE A 49 -9.51 32.17 40.12
C ILE A 49 -8.33 31.68 39.27
N GLY A 50 -8.21 30.38 39.04
CA GLY A 50 -7.09 29.87 38.27
C GLY A 50 -7.44 29.58 36.83
N TRP A 51 -8.56 28.89 36.62
CA TRP A 51 -9.00 28.46 35.29
C TRP A 51 -10.44 28.87 35.04
N GLY A 52 -10.87 30.00 35.63
CA GLY A 52 -12.13 30.60 35.29
C GLY A 52 -11.93 31.78 34.35
N SER A 53 -10.94 31.67 33.47
CA SER A 53 -10.64 32.72 32.52
C SER A 53 -10.06 32.12 31.24
N THR A 64 3.28 21.49 26.06
CA THR A 64 4.42 21.10 26.89
C THR A 64 3.96 20.62 28.26
N TRP A 65 2.82 19.95 28.30
CA TRP A 65 2.30 19.44 29.56
C TRP A 65 3.05 18.19 29.97
N LEU A 66 3.15 18.00 31.28
CA LEU A 66 3.89 16.88 31.85
C LEU A 66 3.00 16.15 32.85
N HIS A 67 3.00 14.82 32.76
CA HIS A 67 2.20 14.00 33.65
C HIS A 67 2.90 13.81 34.98
N PHE A 68 2.14 13.95 36.06
CA PHE A 68 2.64 13.55 37.36
C PHE A 68 2.70 12.02 37.43
N PRO A 69 3.57 11.46 38.28
CA PRO A 69 3.63 10.01 38.40
C PRO A 69 2.40 9.44 39.11
N GLY A 70 2.20 8.15 38.92
CA GLY A 70 0.98 7.51 39.38
C GLY A 70 -0.24 7.95 38.59
N HIS A 71 -0.05 8.35 37.34
CA HIS A 71 -1.13 8.93 36.55
C HIS A 71 -2.17 7.88 36.19
N ASN A 72 -1.74 6.78 35.57
CA ASN A 72 -2.66 5.74 35.16
C ASN A 72 -3.29 5.04 36.36
N LEU A 73 -2.53 4.89 37.44
CA LEU A 73 -3.08 4.27 38.64
C LEU A 73 -4.11 5.17 39.29
N ARG A 74 -3.86 6.49 39.32
CA ARG A 74 -4.81 7.40 39.93
C ARG A 74 -6.08 7.52 39.10
N TRP A 75 -5.96 7.47 37.77
CA TRP A 75 -7.16 7.52 36.95
C TRP A 75 -7.95 6.22 37.02
N ILE A 76 -7.26 5.07 37.11
CA ILE A 76 -7.95 3.79 37.23
C ILE A 76 -8.65 3.68 38.58
N LEU A 77 -8.00 4.16 39.65
CA LEU A 77 -8.65 4.17 40.95
C LEU A 77 -9.77 5.19 41.03
N THR A 78 -9.67 6.28 40.27
CA THR A 78 -10.77 7.23 40.22
C THR A 78 -11.99 6.63 39.51
N PHE A 79 -11.76 5.87 38.45
CA PHE A 79 -12.88 5.20 37.78
C PHE A 79 -13.48 4.11 38.65
N MET A 80 -12.65 3.39 39.41
CA MET A 80 -13.18 2.40 40.35
C MET A 80 -13.94 3.07 41.47
N LEU A 81 -13.49 4.25 41.90
CA LEU A 81 -14.20 5.02 42.92
C LEU A 81 -15.55 5.50 42.41
N LEU A 82 -15.60 5.93 41.15
CA LEU A 82 -16.84 6.37 40.53
C LEU A 82 -17.82 5.21 40.40
N PHE A 83 -17.31 4.02 40.06
CA PHE A 83 -18.17 2.84 39.95
C PHE A 83 -18.70 2.41 41.31
N VAL A 84 -17.87 2.45 42.35
CA VAL A 84 -18.33 2.03 43.67
C VAL A 84 -19.29 3.07 44.26
N LEU A 85 -19.08 4.35 43.97
CA LEU A 85 -20.04 5.36 44.43
C LEU A 85 -21.34 5.26 43.67
N VAL A 86 -21.30 4.92 42.37
CA VAL A 86 -22.52 4.73 41.62
C VAL A 86 -23.25 3.47 42.04
N CYS A 87 -22.54 2.49 42.61
CA CYS A 87 -23.22 1.36 43.22
C CYS A 87 -23.78 1.70 44.59
N GLU A 88 -23.10 2.58 45.34
CA GLU A 88 -23.56 2.92 46.67
C GLU A 88 -24.78 3.83 46.64
N ILE A 89 -24.87 4.71 45.63
CA ILE A 89 -26.10 5.47 45.41
C ILE A 89 -27.25 4.52 45.11
N ALA A 90 -27.00 3.49 44.30
CA ALA A 90 -28.04 2.52 43.97
C ALA A 90 -28.46 1.70 45.19
N GLU A 91 -27.49 1.36 46.04
CA GLU A 91 -27.81 0.65 47.29
C GLU A 91 -28.61 1.53 48.24
N GLY A 92 -28.31 2.84 48.28
CA GLY A 92 -29.08 3.75 49.10
C GLY A 92 -30.52 3.91 48.61
N ILE A 93 -30.71 4.09 47.30
CA ILE A 93 -32.05 4.22 46.74
C ILE A 93 -32.83 2.93 46.87
N LEU A 94 -32.17 1.78 46.71
CA LEU A 94 -32.86 0.51 46.87
C LEU A 94 -33.19 0.22 48.33
N SER A 95 -32.34 0.64 49.26
CA SER A 95 -32.63 0.43 50.68
C SER A 95 -33.63 1.42 51.22
N ASP A 96 -33.83 2.55 50.55
CA ASP A 96 -34.89 3.45 50.95
C ASP A 96 -36.26 2.89 50.56
N GLY A 97 -36.32 2.10 49.49
CA GLY A 97 -37.59 1.59 48.98
C GLY A 97 -38.29 0.61 49.90
N VAL A 98 -37.53 -0.08 50.75
CA VAL A 98 -38.12 -0.95 51.76
C VAL A 98 -38.84 -0.11 52.81
N THR A 99 -38.28 1.04 53.16
CA THR A 99 -38.87 1.93 54.14
C THR A 99 -40.11 2.62 53.56
N GLU A 100 -40.89 3.22 54.46
CA GLU A 100 -42.15 3.86 54.07
C GLU A 100 -41.93 5.22 53.44
N SER A 101 -40.89 5.93 53.84
CA SER A 101 -40.66 7.29 53.39
C SER A 101 -39.27 7.41 52.79
N HIS A 102 -38.85 8.63 52.53
CA HIS A 102 -37.56 8.92 51.91
C HIS A 102 -36.55 9.25 53.01
N HIS A 103 -35.73 8.27 53.36
CA HIS A 103 -34.63 8.47 54.31
C HIS A 103 -33.46 9.08 53.55
N LEU A 104 -33.12 10.32 53.88
CA LEU A 104 -32.20 11.09 53.05
C LEU A 104 -30.74 10.67 53.26
N HIS A 105 -30.43 10.04 54.39
CA HIS A 105 -29.05 9.72 54.75
C HIS A 105 -28.46 8.54 54.00
N LEU A 106 -29.19 7.96 53.05
CA LEU A 106 -28.71 6.82 52.28
C LEU A 106 -28.13 7.20 50.93
N TYR A 107 -28.78 8.10 50.19
CA TYR A 107 -28.34 8.41 48.84
C TYR A 107 -27.59 9.74 48.75
N MET A 108 -27.89 10.70 49.61
CA MET A 108 -27.17 11.98 49.65
C MET A 108 -25.69 11.88 50.05
N PRO A 109 -25.27 11.12 51.09
CA PRO A 109 -23.83 11.09 51.39
C PRO A 109 -22.99 10.39 50.33
N ALA A 110 -23.58 9.47 49.56
CA ALA A 110 -22.87 8.91 48.42
C ALA A 110 -22.96 9.82 47.20
N GLY A 111 -24.07 10.55 47.06
CA GLY A 111 -24.22 11.42 45.91
C GLY A 111 -23.33 12.64 45.97
N MET A 112 -23.10 13.18 47.17
CA MET A 112 -22.16 14.29 47.29
C MET A 112 -20.73 13.83 47.04
N ALA A 113 -20.39 12.61 47.44
CA ALA A 113 -19.08 12.06 47.13
C ALA A 113 -18.93 11.83 45.63
N PHE A 114 -20.01 11.44 44.96
CA PHE A 114 -19.98 11.32 43.51
C PHE A 114 -19.83 12.68 42.83
N MET A 115 -20.41 13.73 43.41
CA MET A 115 -20.27 15.05 42.84
C MET A 115 -18.89 15.64 43.12
N ALA A 116 -18.23 15.20 44.18
CA ALA A 116 -16.91 15.71 44.51
C ALA A 116 -15.77 14.90 43.93
N ALA A 117 -15.99 13.63 43.58
CA ALA A 117 -14.89 12.85 43.01
C ALA A 117 -14.58 13.26 41.58
N VAL A 118 -15.61 13.62 40.81
CA VAL A 118 -15.40 14.18 39.49
C VAL A 118 -14.70 15.53 39.57
N THR A 119 -15.05 16.31 40.60
CA THR A 119 -14.36 17.57 40.83
C THR A 119 -12.90 17.35 41.23
N SER A 120 -12.64 16.27 41.98
CA SER A 120 -11.27 15.96 42.37
C SER A 120 -10.43 15.53 41.18
N VAL A 121 -10.99 14.75 40.26
CA VAL A 121 -10.18 14.34 39.12
C VAL A 121 -10.04 15.48 38.10
N VAL A 122 -11.04 16.39 38.03
CA VAL A 122 -10.90 17.60 37.22
C VAL A 122 -9.82 18.50 37.79
N TYR A 123 -9.77 18.60 39.13
CA TYR A 123 -8.77 19.40 39.79
C TYR A 123 -7.37 18.80 39.62
N TYR A 124 -7.26 17.48 39.66
CA TYR A 124 -5.96 16.85 39.46
C TYR A 124 -5.48 17.02 38.03
N HIS A 125 -6.39 16.96 37.05
CA HIS A 125 -5.95 17.18 35.68
C HIS A 125 -5.54 18.62 35.44
N ASN A 126 -6.30 19.58 36.00
CA ASN A 126 -5.95 20.98 35.82
C ASN A 126 -4.70 21.36 36.60
N ILE A 127 -4.32 20.57 37.61
CA ILE A 127 -3.05 20.81 38.26
C ILE A 127 -1.90 20.19 37.47
N GLU A 128 -2.10 18.97 36.95
CA GLU A 128 -1.02 18.29 36.22
C GLU A 128 -0.73 18.95 34.88
N THR A 129 -1.75 19.51 34.23
CA THR A 129 -1.54 20.17 32.94
C THR A 129 -0.91 21.54 33.07
N SER A 130 -0.82 22.09 34.29
CA SER A 130 -0.22 23.39 34.51
C SER A 130 1.01 23.33 35.40
N ASN A 131 1.33 22.16 35.95
CA ASN A 131 2.48 21.92 36.83
C ASN A 131 2.45 22.83 38.06
N PHE A 132 1.38 22.70 38.83
CA PHE A 132 1.23 23.40 40.10
C PHE A 132 1.20 22.37 41.22
N PRO A 133 2.32 21.73 41.54
CA PRO A 133 2.25 20.57 42.44
C PRO A 133 1.97 20.94 43.89
N LYS A 134 2.35 22.15 44.32
CA LYS A 134 2.02 22.60 45.66
C LYS A 134 0.52 22.72 45.85
N LEU A 135 -0.21 23.05 44.79
CA LEU A 135 -1.67 23.09 44.83
C LEU A 135 -2.30 21.71 44.99
N LEU A 136 -1.52 20.64 45.02
CA LEU A 136 -2.06 19.34 45.39
C LEU A 136 -2.23 19.17 46.90
N ILE A 137 -1.86 20.17 47.71
CA ILE A 137 -1.95 20.02 49.17
C ILE A 137 -3.38 19.79 49.63
N ALA A 138 -4.37 20.38 48.94
CA ALA A 138 -5.77 20.07 49.21
C ALA A 138 -6.06 18.60 48.94
N LEU A 139 -5.60 18.08 47.81
CA LEU A 139 -5.69 16.65 47.56
C LEU A 139 -4.75 15.85 48.42
N LEU A 140 -3.81 16.50 49.12
CA LEU A 140 -3.09 15.81 50.17
C LEU A 140 -4.03 15.44 51.31
N VAL A 141 -4.89 16.37 51.72
CA VAL A 141 -5.66 16.15 52.94
C VAL A 141 -7.00 15.49 52.65
N TYR A 142 -7.55 15.68 51.44
CA TYR A 142 -8.89 15.22 51.14
C TYR A 142 -8.96 13.70 51.07
N TRP A 143 -7.89 13.05 50.66
CA TRP A 143 -7.87 11.60 50.69
C TRP A 143 -7.46 11.03 52.05
N THR A 144 -7.12 11.88 53.03
CA THR A 144 -6.91 11.39 54.40
C THR A 144 -8.23 11.30 55.14
N LEU A 145 -8.85 12.47 55.38
CA LEU A 145 -9.88 12.57 56.40
C LEU A 145 -11.16 11.86 55.99
N ALA A 146 -11.51 11.95 54.70
CA ALA A 146 -12.64 11.20 54.17
C ALA A 146 -12.39 9.70 54.31
N PHE A 147 -11.15 9.28 54.04
CA PHE A 147 -10.73 7.90 54.33
C PHE A 147 -10.89 7.59 55.80
N ILE A 148 -10.46 8.51 56.66
CA ILE A 148 -10.67 8.37 58.10
C ILE A 148 -12.16 8.35 58.41
N THR A 149 -12.94 9.17 57.69
CA THR A 149 -14.36 9.20 57.94
C THR A 149 -15.07 8.01 57.30
N LYS A 150 -14.39 7.31 56.39
CA LYS A 150 -14.89 6.01 55.96
C LYS A 150 -14.38 4.90 56.86
N THR A 151 -13.30 5.14 57.59
CA THR A 151 -12.75 4.09 58.43
C THR A 151 -13.59 3.87 59.68
N ILE A 152 -14.01 4.96 60.34
CA ILE A 152 -14.89 4.84 61.50
C ILE A 152 -16.23 4.23 61.09
N LYS A 153 -16.76 4.68 59.94
CA LYS A 153 -17.94 4.08 59.35
C LYS A 153 -17.72 2.63 58.95
N PHE A 154 -16.47 2.21 58.73
CA PHE A 154 -16.24 0.80 58.52
C PHE A 154 -16.13 0.03 59.83
N VAL A 155 -15.64 0.67 60.90
CA VAL A 155 -15.41 -0.09 62.13
C VAL A 155 -16.56 0.06 63.12
N LYS A 156 -17.41 1.08 62.98
CA LYS A 156 -18.64 1.12 63.75
C LYS A 156 -19.73 0.26 63.13
N PHE A 157 -19.52 -0.22 61.90
CA PHE A 157 -20.41 -1.20 61.28
C PHE A 157 -20.08 -2.62 61.71
N LEU A 158 -19.08 -2.81 62.57
CA LEU A 158 -18.77 -4.11 63.14
C LEU A 158 -19.57 -4.28 64.43
N ASP A 159 -20.88 -4.41 64.27
CA ASP A 159 -21.79 -4.56 65.40
C ASP A 159 -21.70 -5.96 65.98
N ILE A 162 -22.95 -6.87 61.16
CA ILE A 162 -23.33 -6.82 59.75
C ILE A 162 -22.09 -6.86 58.87
N GLY A 163 -21.64 -8.06 58.53
CA GLY A 163 -20.45 -8.23 57.73
C GLY A 163 -20.60 -9.25 56.62
N PHE A 164 -20.35 -8.82 55.39
CA PHE A 164 -20.31 -9.57 54.13
C PHE A 164 -21.66 -10.15 53.72
N SER A 165 -22.73 -9.96 54.49
CA SER A 165 -24.08 -10.27 54.06
C SER A 165 -24.91 -9.02 53.84
N GLN A 166 -24.46 -7.87 54.34
CA GLN A 166 -25.05 -6.58 54.03
C GLN A 166 -24.17 -5.90 52.98
N LEU A 167 -24.83 -5.23 52.03
CA LEU A 167 -24.08 -4.71 50.87
C LEU A 167 -23.25 -3.50 51.25
N ARG A 168 -23.80 -2.61 52.07
CA ARG A 168 -23.11 -1.36 52.38
C ARG A 168 -21.87 -1.57 53.23
N PHE A 169 -21.76 -2.72 53.91
CA PHE A 169 -20.50 -3.09 54.56
C PHE A 169 -19.40 -3.29 53.52
N CYS A 170 -19.67 -4.09 52.49
CA CYS A 170 -18.69 -4.31 51.43
C CYS A 170 -18.45 -3.04 50.62
N LEU A 171 -19.49 -2.22 50.47
CA LEU A 171 -19.35 -0.96 49.73
C LEU A 171 -18.46 0.02 50.47
N THR A 172 -18.68 0.20 51.77
CA THR A 172 -17.81 1.08 52.55
C THR A 172 -16.43 0.49 52.76
N GLY A 173 -16.29 -0.84 52.75
CA GLY A 173 -14.97 -1.44 52.75
C GLY A 173 -14.20 -1.14 51.47
N LEU A 174 -14.90 -1.23 50.33
CA LEU A 174 -14.30 -0.84 49.06
C LEU A 174 -13.99 0.65 49.03
N LEU A 175 -14.83 1.48 49.68
CA LEU A 175 -14.55 2.91 49.76
C LEU A 175 -13.32 3.18 50.60
N VAL A 176 -13.14 2.43 51.69
CA VAL A 176 -11.94 2.53 52.51
C VAL A 176 -10.70 2.15 51.70
N ILE A 177 -10.79 1.06 50.94
CA ILE A 177 -9.66 0.57 50.17
C ILE A 177 -9.32 1.55 49.04
N LEU A 178 -10.34 2.12 48.40
CA LEU A 178 -10.09 3.06 47.30
C LEU A 178 -9.56 4.39 47.80
N TYR A 179 -10.07 4.89 48.92
CA TYR A 179 -9.56 6.13 49.49
C TYR A 179 -8.14 5.94 50.02
N GLY A 180 -7.84 4.78 50.59
CA GLY A 180 -6.49 4.51 51.05
C GLY A 180 -5.50 4.33 49.91
N MET A 181 -5.96 3.72 48.81
CA MET A 181 -5.09 3.57 47.65
C MET A 181 -4.84 4.91 46.98
N LEU A 182 -5.86 5.76 46.90
CA LEU A 182 -5.66 7.12 46.38
C LEU A 182 -4.78 7.95 47.30
N LEU A 183 -4.83 7.69 48.60
CA LEU A 183 -3.92 8.38 49.51
C LEU A 183 -2.48 7.89 49.33
N LEU A 184 -2.31 6.60 49.02
CA LEU A 184 -0.96 6.09 48.78
C LEU A 184 -0.42 6.57 47.44
N VAL A 185 -1.28 6.78 46.44
CA VAL A 185 -0.83 7.40 45.19
C VAL A 185 -0.56 8.88 45.42
N GLU A 186 -1.27 9.51 46.35
CA GLU A 186 -1.05 10.93 46.60
C GLU A 186 0.27 11.18 47.32
N VAL A 187 0.67 10.29 48.24
CA VAL A 187 1.99 10.42 48.84
C VAL A 187 3.09 9.91 47.91
N ASN A 188 2.74 9.28 46.80
CA ASN A 188 3.66 8.93 45.74
C ASN A 188 3.84 10.07 44.74
N VAL A 189 3.56 11.30 45.14
CA VAL A 189 3.82 12.49 44.33
C VAL A 189 4.78 13.45 45.03
N ILE A 190 4.59 13.67 46.34
CA ILE A 190 5.47 14.54 47.10
C ILE A 190 6.88 13.98 47.19
N ARG A 191 6.99 12.65 47.29
CA ARG A 191 8.29 12.06 47.49
C ARG A 191 9.10 11.96 46.20
N VAL A 192 8.52 12.31 45.06
CA VAL A 192 9.22 12.23 43.79
C VAL A 192 9.32 13.60 43.11
N ARG A 193 8.25 14.40 43.14
CA ARG A 193 8.26 15.77 42.63
C ARG A 193 7.93 16.67 43.81
N ARG A 194 8.95 17.03 44.57
CA ARG A 194 8.75 17.60 45.89
C ARG A 194 8.21 19.02 45.82
N TYR A 195 7.13 19.26 46.55
CA TYR A 195 6.52 20.59 46.57
C TYR A 195 6.33 21.09 48.00
N ILE A 196 6.15 20.17 48.94
CA ILE A 196 5.92 20.53 50.33
C ILE A 196 6.68 19.57 51.23
N PHE A 197 7.21 20.10 52.34
CA PHE A 197 7.89 19.34 53.40
C PHE A 197 9.10 18.58 52.88
N PHE A 198 9.89 19.25 52.04
CA PHE A 198 11.11 18.67 51.50
C PHE A 198 12.05 19.80 51.09
N LYS A 199 13.32 19.44 50.86
CA LYS A 199 14.35 20.40 50.53
C LYS A 199 14.92 20.24 49.13
N THR A 200 14.63 19.13 48.45
CA THR A 200 15.10 18.88 47.09
C THR A 200 13.90 18.74 46.16
N PRO A 201 13.44 19.83 45.56
CA PRO A 201 12.30 19.73 44.63
C PRO A 201 12.71 19.13 43.30
N ARG A 202 12.69 17.78 43.23
CA ARG A 202 13.18 17.04 42.08
C ARG A 202 12.22 17.23 40.90
N GLU A 203 12.39 18.36 40.21
CA GLU A 203 11.56 18.69 39.07
C GLU A 203 12.00 17.88 37.87
N VAL A 204 11.12 17.01 37.38
CA VAL A 204 11.44 16.20 36.22
C VAL A 204 11.31 17.03 34.95
N LYS A 205 11.94 16.56 33.90
CA LYS A 205 11.94 17.25 32.62
C LYS A 205 10.63 17.00 31.88
N PRO A 206 10.23 17.91 30.99
CA PRO A 206 9.11 17.64 30.08
C PRO A 206 9.44 16.49 29.15
N PRO A 207 8.42 15.82 28.53
CA PRO A 207 8.67 14.51 27.89
C PRO A 207 9.58 14.59 26.66
N GLU A 208 10.89 14.68 26.95
CA GLU A 208 12.03 14.76 26.00
C GLU A 208 11.78 15.77 24.88
N ASP A 209 11.15 16.89 25.24
CA ASP A 209 10.84 18.02 24.36
C ASP A 209 10.04 17.60 23.14
N LEU A 210 9.17 16.60 23.30
CA LEU A 210 8.34 16.12 22.21
C LEU A 210 7.16 17.04 21.91
N GLN A 211 6.94 18.07 22.72
CA GLN A 211 5.95 19.07 22.39
C GLN A 211 6.57 20.27 21.68
N ASP A 212 7.90 20.33 21.62
CA ASP A 212 8.61 21.44 20.99
C ASP A 212 9.01 21.15 19.56
N LEU A 213 9.07 19.87 19.16
CA LEU A 213 9.46 19.53 17.81
C LEU A 213 8.34 19.72 16.80
N GLY A 214 7.13 19.97 17.27
CA GLY A 214 6.02 20.18 16.35
C GLY A 214 5.18 18.94 16.17
N VAL A 215 5.15 18.09 17.19
CA VAL A 215 4.32 16.90 17.17
C VAL A 215 2.90 17.28 17.55
N ARG A 216 1.95 16.94 16.68
CA ARG A 216 0.54 17.21 16.92
C ARG A 216 -0.27 15.94 17.08
N PHE A 217 0.39 14.80 17.30
CA PHE A 217 -0.32 13.55 17.47
C PHE A 217 -0.93 13.43 18.86
N LEU A 218 -0.13 13.65 19.90
CA LEU A 218 -0.55 13.81 21.30
C LEU A 218 -1.29 12.59 21.86
N GLN A 219 -1.16 11.42 21.25
CA GLN A 219 -1.83 10.26 21.82
C GLN A 219 -1.04 9.65 22.99
N PRO A 220 0.29 9.49 22.95
CA PRO A 220 0.95 9.09 24.20
C PRO A 220 0.98 10.18 25.26
N PHE A 221 0.99 11.44 24.86
CA PHE A 221 1.05 12.54 25.82
C PHE A 221 -0.33 13.08 26.15
N VAL A 222 -1.25 12.19 26.53
CA VAL A 222 -2.59 12.56 26.92
C VAL A 222 -2.93 11.82 28.20
N ASN A 223 -3.93 12.32 28.91
CA ASN A 223 -4.38 11.63 30.11
C ASN A 223 -5.15 10.37 29.72
N LEU A 224 -5.43 9.54 30.71
CA LEU A 224 -5.98 8.22 30.44
C LEU A 224 -7.42 8.29 29.94
N LEU A 225 -8.15 9.34 30.27
CA LEU A 225 -9.50 9.50 29.73
C LEU A 225 -9.45 9.92 28.26
N SER A 226 -8.49 10.76 27.90
CA SER A 226 -8.31 11.12 26.50
C SER A 226 -7.59 10.04 25.72
N LYS A 227 -7.03 9.02 26.39
CA LYS A 227 -6.44 7.91 25.67
C LYS A 227 -7.48 6.88 25.27
N GLY A 228 -8.56 6.79 26.02
CA GLY A 228 -9.58 5.81 25.75
C GLY A 228 -10.68 6.37 24.87
N THR A 229 -11.04 7.63 25.08
CA THR A 229 -12.08 8.27 24.31
C THR A 229 -11.57 9.07 23.13
N TYR A 230 -10.23 9.20 23.00
CA TYR A 230 -9.55 9.93 21.93
C TYR A 230 -10.02 11.38 21.86
N TRP A 231 -10.15 12.00 23.03
CA TRP A 231 -10.73 13.33 23.15
C TRP A 231 -9.87 14.39 22.48
N TRP A 232 -8.55 14.16 22.41
CA TRP A 232 -7.66 15.09 21.70
C TRP A 232 -8.00 15.17 20.22
N MET A 233 -8.55 14.08 19.66
CA MET A 233 -8.96 14.10 18.27
C MET A 233 -10.21 14.95 18.06
N ASN A 234 -10.98 15.24 19.12
CA ASN A 234 -12.23 15.96 18.96
C ASN A 234 -12.02 17.41 18.57
N ALA A 235 -10.83 17.96 18.80
CA ALA A 235 -10.52 19.28 18.30
C ALA A 235 -10.05 19.22 16.85
N PHE A 236 -9.54 18.07 16.41
CA PHE A 236 -9.04 17.95 15.06
C PHE A 236 -10.14 17.80 14.04
N ILE A 237 -11.28 17.22 14.44
CA ILE A 237 -12.42 17.10 13.54
C ILE A 237 -13.10 18.45 13.38
N LYS A 238 -13.11 19.27 14.43
CA LYS A 238 -13.78 20.57 14.39
C LYS A 238 -13.05 21.58 13.52
N THR A 239 -11.75 21.40 13.29
CA THR A 239 -10.97 22.32 12.48
C THR A 239 -10.77 21.84 11.06
N ALA A 240 -11.32 20.68 10.70
CA ALA A 240 -11.34 20.27 9.31
C ALA A 240 -12.52 20.88 8.56
N HIS A 241 -13.48 21.45 9.27
CA HIS A 241 -14.59 22.12 8.60
C HIS A 241 -14.20 23.51 8.13
N LYS A 242 -13.24 24.14 8.78
CA LYS A 242 -12.85 25.51 8.42
C LYS A 242 -11.78 25.50 7.34
N LYS A 243 -10.62 24.92 7.63
CA LYS A 243 -9.53 24.82 6.67
C LYS A 243 -9.17 23.34 6.54
N PRO A 244 -9.09 22.80 5.32
CA PRO A 244 -8.88 21.36 5.15
C PRO A 244 -7.52 20.89 5.63
N ILE A 245 -7.43 19.61 5.92
CA ILE A 245 -6.26 19.04 6.56
C ILE A 245 -5.18 18.79 5.52
N ASP A 246 -3.98 19.30 5.76
CA ASP A 246 -2.85 19.08 4.89
C ASP A 246 -1.68 18.58 5.70
N LEU A 247 -0.60 18.23 5.02
CA LEU A 247 0.66 18.00 5.70
C LEU A 247 1.19 19.31 6.26
N ARG A 248 2.07 19.19 7.26
CA ARG A 248 2.49 20.29 8.15
C ARG A 248 1.30 20.93 8.86
N ALA A 249 0.22 20.16 9.02
CA ALA A 249 -0.85 20.46 9.95
C ALA A 249 -1.22 19.27 10.79
N ILE A 250 -0.87 18.05 10.36
CA ILE A 250 -0.84 16.89 11.24
C ILE A 250 0.49 16.77 11.96
N GLY A 251 1.45 17.64 11.66
CA GLY A 251 2.70 17.67 12.38
C GLY A 251 3.63 16.54 12.02
N LYS A 252 4.65 16.38 12.85
CA LYS A 252 5.63 15.32 12.71
C LYS A 252 5.17 14.10 13.50
N LEU A 253 6.06 13.16 13.68
CA LEU A 253 5.92 11.95 14.46
C LEU A 253 6.59 12.11 15.82
N PRO A 254 6.11 11.40 16.85
CA PRO A 254 6.84 11.37 18.12
C PRO A 254 8.14 10.60 17.97
N ILE A 255 8.98 10.72 19.00
CA ILE A 255 10.34 10.20 18.91
C ILE A 255 10.41 8.69 19.01
N ALA A 256 9.32 8.03 19.39
CA ALA A 256 9.30 6.58 19.48
C ALA A 256 8.54 5.92 18.34
N MET A 257 7.92 6.72 17.47
CA MET A 257 7.20 6.19 16.31
C MET A 257 7.90 6.52 15.01
N ARG A 258 9.13 7.01 15.05
CA ARG A 258 9.87 7.26 13.82
C ARG A 258 10.33 5.96 13.20
N ALA A 259 10.49 5.98 11.89
CA ALA A 259 10.98 4.80 11.20
C ALA A 259 12.46 4.55 11.49
N LEU A 260 13.22 5.60 11.83
CA LEU A 260 14.62 5.40 12.16
C LEU A 260 14.79 4.69 13.50
N THR A 261 13.98 5.04 14.50
CA THR A 261 14.06 4.37 15.79
C THR A 261 13.25 3.09 15.85
N ASN A 262 12.34 2.85 14.91
CA ASN A 262 11.70 1.55 14.78
C ASN A 262 12.56 0.59 13.98
N TYR A 263 13.40 1.10 13.09
CA TYR A 263 14.38 0.28 12.39
C TYR A 263 15.52 -0.16 13.28
N GLN A 264 15.89 0.64 14.27
CA GLN A 264 17.00 0.26 15.14
C GLN A 264 16.63 -0.89 16.05
N ARG A 265 15.40 -0.90 16.57
CA ARG A 265 15.00 -1.99 17.46
C ARG A 265 14.70 -3.26 16.68
N LEU A 266 14.48 -3.13 15.37
CA LEU A 266 14.46 -4.31 14.52
C LEU A 266 15.86 -4.87 14.35
N CYS A 267 16.86 -4.00 14.27
CA CYS A 267 18.23 -4.46 14.07
C CYS A 267 18.82 -5.05 15.34
N GLU A 268 18.43 -4.53 16.51
CA GLU A 268 18.90 -5.14 17.76
C GLU A 268 18.30 -6.51 17.97
N ALA A 269 17.07 -6.73 17.48
CA ALA A 269 16.47 -8.05 17.56
C ALA A 269 17.17 -9.02 16.61
N PHE A 270 17.64 -8.52 15.47
CA PHE A 270 18.38 -9.36 14.54
C PHE A 270 19.79 -9.67 15.05
N ASP A 271 20.43 -8.73 15.74
CA ASP A 271 21.77 -8.97 16.24
C ASP A 271 21.75 -9.73 17.57
N ALA A 272 20.61 -9.74 18.25
CA ALA A 272 20.52 -10.35 19.58
C ALA A 272 20.34 -11.86 19.51
N GLN A 273 20.30 -12.42 18.31
CA GLN A 273 20.12 -13.86 18.16
C GLN A 273 21.08 -14.48 17.16
N VAL A 274 22.09 -13.73 16.71
CA VAL A 274 23.10 -14.04 15.67
C VAL A 274 22.63 -14.94 14.52
N GLY A 283 17.14 -17.05 7.82
CA GLY A 283 16.01 -17.93 7.65
C GLY A 283 14.68 -17.20 7.75
N ALA A 284 13.59 -17.92 7.61
CA ALA A 284 12.26 -17.33 7.73
C ALA A 284 11.74 -17.34 9.16
N ARG A 285 12.40 -18.05 10.07
CA ARG A 285 12.05 -17.98 11.48
C ARG A 285 12.85 -16.93 12.23
N ALA A 286 13.98 -16.49 11.65
CA ALA A 286 14.77 -15.44 12.29
C ALA A 286 14.05 -14.10 12.24
N ILE A 287 13.22 -13.89 11.22
CA ILE A 287 12.42 -12.68 11.18
C ILE A 287 11.30 -12.73 12.20
N TRP A 288 10.68 -13.89 12.37
CA TRP A 288 9.61 -14.02 13.36
C TRP A 288 10.15 -13.90 14.78
N GLN A 289 11.34 -14.42 15.03
CA GLN A 289 11.97 -14.16 16.32
C GLN A 289 12.49 -12.75 16.44
N ALA A 290 12.70 -12.07 15.30
CA ALA A 290 13.09 -10.67 15.32
C ALA A 290 11.89 -9.73 15.36
N LEU A 291 10.68 -10.23 15.09
CA LEU A 291 9.49 -9.43 15.21
C LEU A 291 8.76 -9.64 16.52
N SER A 292 8.94 -10.80 17.16
CA SER A 292 8.41 -11.02 18.49
C SER A 292 9.29 -10.42 19.58
N HIS A 293 10.52 -10.03 19.25
CA HIS A 293 11.42 -9.41 20.20
C HIS A 293 11.38 -7.90 20.14
N ALA A 294 11.16 -7.32 18.96
CA ALA A 294 11.07 -5.87 18.85
C ALA A 294 9.68 -5.37 19.21
N PHE A 295 8.64 -5.99 18.66
CA PHE A 295 7.27 -5.56 18.83
C PHE A 295 6.44 -6.62 19.55
N GLY A 296 6.99 -7.18 20.61
CA GLY A 296 6.28 -8.24 21.32
C GLY A 296 5.42 -7.73 22.44
N ARG A 297 5.95 -6.81 23.24
CA ARG A 297 5.23 -6.33 24.41
C ARG A 297 4.04 -5.47 24.04
N ARG A 298 4.09 -4.79 22.88
CA ARG A 298 2.95 -4.00 22.44
C ARG A 298 1.80 -4.89 21.99
N LEU A 299 2.11 -5.98 21.29
CA LEU A 299 1.07 -6.95 20.95
C LEU A 299 0.54 -7.65 22.19
N VAL A 300 1.41 -7.86 23.19
CA VAL A 300 0.95 -8.43 24.46
C VAL A 300 -0.01 -7.48 25.16
N LEU A 301 0.29 -6.17 25.13
CA LEU A 301 -0.58 -5.17 25.73
C LEU A 301 -1.93 -5.10 25.02
N SER A 302 -1.92 -5.15 23.69
CA SER A 302 -3.20 -5.10 22.97
C SER A 302 -3.98 -6.39 23.14
N SER A 303 -3.29 -7.53 23.30
CA SER A 303 -3.99 -8.77 23.59
C SER A 303 -4.59 -8.76 25.00
N THR A 304 -3.94 -8.09 25.94
CA THR A 304 -4.53 -7.98 27.28
C THR A 304 -5.74 -7.05 27.26
N PHE A 305 -5.70 -5.99 26.46
CA PHE A 305 -6.88 -5.15 26.30
C PHE A 305 -8.03 -5.91 25.65
N ARG A 306 -7.71 -6.75 24.66
CA ARG A 306 -8.73 -7.59 24.03
C ARG A 306 -9.28 -8.62 25.00
N ILE A 307 -8.44 -9.17 25.87
CA ILE A 307 -8.88 -10.15 26.86
C ILE A 307 -9.77 -9.50 27.90
N LEU A 308 -9.43 -8.28 28.31
CA LEU A 308 -10.27 -7.55 29.27
C LEU A 308 -11.61 -7.16 28.66
N ALA A 309 -11.60 -6.78 27.38
CA ALA A 309 -12.87 -6.52 26.68
C ALA A 309 -13.69 -7.79 26.52
N ASP A 310 -13.03 -8.94 26.36
CA ASP A 310 -13.74 -10.22 26.27
C ASP A 310 -14.39 -10.58 27.60
N LEU A 311 -13.64 -10.43 28.68
CA LEU A 311 -14.18 -10.75 30.01
C LEU A 311 -15.26 -9.76 30.42
N LEU A 312 -15.22 -8.53 29.92
CA LEU A 312 -16.31 -7.60 30.17
C LEU A 312 -17.49 -7.87 29.27
N GLY A 313 -17.25 -8.46 28.10
CA GLY A 313 -18.36 -8.94 27.28
C GLY A 313 -19.07 -10.11 27.90
N PHE A 314 -18.37 -10.89 28.71
CA PHE A 314 -19.02 -11.96 29.48
C PHE A 314 -19.61 -11.44 30.78
N ALA A 315 -20.29 -10.30 30.71
CA ALA A 315 -21.17 -9.82 31.76
C ALA A 315 -22.48 -9.31 31.23
N GLY A 316 -22.61 -9.08 29.92
CA GLY A 316 -23.87 -8.87 29.27
C GLY A 316 -24.85 -10.02 29.45
N PRO A 317 -24.51 -11.22 28.99
CA PRO A 317 -25.41 -12.36 29.17
C PRO A 317 -25.69 -12.74 30.61
N LEU A 318 -24.80 -12.43 31.55
CA LEU A 318 -25.12 -12.63 32.96
C LEU A 318 -26.22 -11.67 33.41
N CYS A 319 -26.19 -10.43 32.93
CA CYS A 319 -27.28 -9.51 33.25
C CYS A 319 -28.57 -9.88 32.53
N ILE A 320 -28.48 -10.45 31.33
CA ILE A 320 -29.69 -10.92 30.67
C ILE A 320 -30.25 -12.14 31.39
N PHE A 321 -29.39 -12.93 32.04
CA PHE A 321 -29.87 -13.98 32.93
C PHE A 321 -30.58 -13.40 34.13
N GLY A 322 -29.95 -12.43 34.80
CA GLY A 322 -30.49 -11.94 36.05
C GLY A 322 -31.76 -11.12 35.91
N ILE A 323 -31.86 -10.35 34.83
CA ILE A 323 -33.04 -9.51 34.62
C ILE A 323 -34.27 -10.37 34.36
N VAL A 324 -34.14 -11.33 33.44
CA VAL A 324 -35.26 -12.21 33.11
C VAL A 324 -35.55 -13.19 34.26
N ASP A 325 -34.54 -13.51 35.07
CA ASP A 325 -34.81 -14.29 36.28
C ASP A 325 -35.56 -13.47 37.31
N HIS A 326 -35.38 -12.15 37.32
CA HIS A 326 -36.12 -11.33 38.27
C HIS A 326 -37.58 -11.16 37.88
N LEU A 327 -37.88 -11.08 36.58
CA LEU A 327 -39.24 -10.79 36.15
C LEU A 327 -40.18 -11.97 36.29
N GLY A 328 -39.65 -13.19 36.41
CA GLY A 328 -40.50 -14.34 36.62
C GLY A 328 -41.12 -14.40 38.00
N LYS A 329 -40.52 -13.73 38.98
CA LYS A 329 -41.06 -13.68 40.33
C LYS A 329 -41.33 -12.24 40.77
N VAL A 343 -33.17 -2.61 61.17
CA VAL A 343 -32.50 -3.05 59.96
C VAL A 343 -33.19 -2.45 58.73
N TYR A 344 -32.45 -1.63 58.00
CA TYR A 344 -32.91 -1.06 56.74
C TYR A 344 -31.95 -1.33 55.60
N PHE A 345 -30.88 -2.07 55.84
CA PHE A 345 -29.90 -2.39 54.82
C PHE A 345 -30.47 -3.40 53.83
N VAL A 346 -29.84 -3.49 52.67
CA VAL A 346 -30.25 -4.41 51.61
C VAL A 346 -29.13 -5.41 51.40
N SER A 347 -29.48 -6.69 51.42
CA SER A 347 -28.49 -7.76 51.27
C SER A 347 -27.93 -7.77 49.85
N SER A 348 -26.72 -8.30 49.72
CA SER A 348 -26.04 -8.30 48.43
C SER A 348 -26.65 -9.27 47.44
N GLN A 349 -27.42 -10.25 47.90
CA GLN A 349 -28.13 -11.12 46.97
C GLN A 349 -29.36 -10.43 46.39
N GLU A 350 -30.03 -9.60 47.19
CA GLU A 350 -31.19 -8.85 46.72
C GLU A 350 -30.81 -7.54 46.05
N PHE A 351 -29.51 -7.24 45.95
CA PHE A 351 -29.07 -6.13 45.12
C PHE A 351 -28.84 -6.57 43.68
N LEU A 352 -28.19 -7.71 43.49
CA LEU A 352 -27.99 -8.28 42.17
C LEU A 352 -29.20 -9.06 41.67
N ALA A 353 -30.30 -9.06 42.42
CA ALA A 353 -31.56 -9.61 41.95
C ALA A 353 -32.52 -8.53 41.50
N ASN A 354 -32.14 -7.26 41.59
CA ASN A 354 -32.95 -6.19 41.03
C ASN A 354 -32.75 -6.14 39.53
N ALA A 355 -33.66 -5.45 38.86
CA ALA A 355 -33.63 -5.40 37.40
C ALA A 355 -33.02 -4.12 36.87
N TYR A 356 -33.39 -2.97 37.42
CA TYR A 356 -32.80 -1.71 36.98
C TYR A 356 -31.34 -1.61 37.39
N VAL A 357 -30.99 -2.22 38.52
CA VAL A 357 -29.60 -2.27 38.97
C VAL A 357 -28.77 -3.08 37.98
N LEU A 358 -29.28 -4.23 37.54
CA LEU A 358 -28.57 -5.02 36.55
C LEU A 358 -28.53 -4.35 35.19
N ALA A 359 -29.55 -3.55 34.87
CA ALA A 359 -29.53 -2.82 33.61
C ALA A 359 -28.45 -1.74 33.61
N VAL A 360 -28.33 -0.98 34.70
CA VAL A 360 -27.28 0.02 34.75
C VAL A 360 -25.91 -0.63 34.91
N LEU A 361 -25.83 -1.84 35.48
CA LEU A 361 -24.55 -2.52 35.55
C LEU A 361 -24.13 -3.06 34.19
N LEU A 362 -25.09 -3.52 33.39
CA LEU A 362 -24.79 -3.93 32.02
C LEU A 362 -24.39 -2.73 31.17
N PHE A 363 -25.00 -1.58 31.42
CA PHE A 363 -24.62 -0.36 30.70
C PHE A 363 -23.20 0.07 31.05
N LEU A 364 -22.84 0.06 32.34
CA LEU A 364 -21.48 0.40 32.72
C LEU A 364 -20.48 -0.68 32.34
N ALA A 365 -20.92 -1.92 32.10
CA ALA A 365 -19.99 -2.91 31.59
C ALA A 365 -19.74 -2.72 30.11
N LEU A 366 -20.79 -2.40 29.34
CA LEU A 366 -20.62 -2.18 27.92
C LEU A 366 -19.82 -0.90 27.64
N LEU A 367 -20.00 0.12 28.48
CA LEU A 367 -19.30 1.39 28.28
C LEU A 367 -17.79 1.24 28.45
N LEU A 368 -17.35 0.24 29.21
CA LEU A 368 -15.93 0.02 29.41
C LEU A 368 -15.39 -1.10 28.52
N GLN A 369 -16.22 -2.07 28.15
CA GLN A 369 -15.81 -3.05 27.14
C GLN A 369 -15.59 -2.40 25.78
N ARG A 370 -16.47 -1.48 25.39
CA ARG A 370 -16.35 -0.84 24.08
C ARG A 370 -15.14 0.08 24.00
N THR A 371 -14.64 0.60 25.11
CA THR A 371 -13.41 1.37 25.02
C THR A 371 -12.17 0.52 25.23
N PHE A 372 -12.27 -0.62 25.92
CA PHE A 372 -11.15 -1.54 25.93
C PHE A 372 -10.92 -2.16 24.55
N LEU A 373 -11.99 -2.35 23.79
CA LEU A 373 -11.86 -2.87 22.43
C LEU A 373 -11.11 -1.90 21.53
N GLN A 374 -11.46 -0.61 21.59
CA GLN A 374 -10.75 0.36 20.77
C GLN A 374 -9.34 0.61 21.28
N ALA A 375 -9.11 0.45 22.59
CA ALA A 375 -7.76 0.54 23.11
C ALA A 375 -6.91 -0.65 22.65
N SER A 376 -7.54 -1.80 22.38
CA SER A 376 -6.80 -2.89 21.78
C SER A 376 -6.52 -2.62 20.31
N TYR A 377 -7.52 -2.08 19.59
CA TYR A 377 -7.38 -1.83 18.16
C TYR A 377 -6.30 -0.81 17.88
N TYR A 378 -6.22 0.26 18.68
CA TYR A 378 -5.24 1.31 18.43
C TYR A 378 -3.82 0.80 18.67
N VAL A 379 -3.62 0.03 19.73
CA VAL A 379 -2.28 -0.47 20.03
C VAL A 379 -1.82 -1.46 18.97
N ALA A 380 -2.73 -2.33 18.52
CA ALA A 380 -2.39 -3.27 17.45
C ALA A 380 -2.08 -2.54 16.14
N ILE A 381 -2.83 -1.49 15.82
CA ILE A 381 -2.62 -0.83 14.54
C ILE A 381 -1.36 0.05 14.58
N GLU A 382 -1.08 0.69 15.72
CA GLU A 382 0.16 1.46 15.81
C GLU A 382 1.38 0.54 15.83
N THR A 383 1.23 -0.69 16.33
CA THR A 383 2.33 -1.64 16.26
C THR A 383 2.55 -2.10 14.83
N GLY A 384 1.47 -2.30 14.08
CA GLY A 384 1.60 -2.62 12.67
C GLY A 384 2.22 -1.50 11.86
N ILE A 385 1.92 -0.25 12.20
CA ILE A 385 2.48 0.88 11.47
C ILE A 385 3.96 1.03 11.77
N ASN A 386 4.36 0.83 13.03
CA ASN A 386 5.79 0.85 13.36
C ASN A 386 6.53 -0.32 12.70
N LEU A 387 5.87 -1.47 12.56
CA LEU A 387 6.46 -2.60 11.85
C LEU A 387 6.66 -2.28 10.37
N ARG A 388 5.69 -1.63 9.75
CA ARG A 388 5.81 -1.25 8.34
C ARG A 388 6.94 -0.25 8.15
N GLY A 389 7.02 0.75 9.03
CA GLY A 389 8.10 1.71 8.98
C GLY A 389 9.46 1.11 9.25
N ALA A 390 9.53 0.01 9.99
CA ALA A 390 10.82 -0.64 10.20
C ALA A 390 11.22 -1.48 8.99
N ILE A 391 10.31 -2.31 8.49
CA ILE A 391 10.71 -3.24 7.43
C ILE A 391 10.84 -2.56 6.08
N GLN A 392 10.20 -1.40 5.87
CA GLN A 392 10.46 -0.67 4.64
C GLN A 392 11.88 -0.13 4.61
N THR A 393 12.36 0.35 5.75
CA THR A 393 13.74 0.81 5.84
C THR A 393 14.73 -0.35 5.74
N LYS A 394 14.36 -1.52 6.25
CA LYS A 394 15.23 -2.68 6.08
C LYS A 394 15.29 -3.14 4.63
N ILE A 395 14.16 -3.06 3.91
CA ILE A 395 14.15 -3.42 2.49
C ILE A 395 14.98 -2.42 1.69
N TYR A 396 14.90 -1.14 2.03
CA TYR A 396 15.71 -0.15 1.33
C TYR A 396 17.19 -0.31 1.65
N ASN A 397 17.52 -0.67 2.89
CA ASN A 397 18.92 -0.91 3.24
C ASN A 397 19.45 -2.16 2.56
N LYS A 398 18.58 -3.11 2.24
CA LYS A 398 19.01 -4.22 1.38
C LYS A 398 19.18 -3.76 -0.07
N ILE A 399 18.35 -2.82 -0.52
CA ILE A 399 18.42 -2.34 -1.90
C ILE A 399 19.73 -1.61 -2.14
N MET A 400 20.17 -0.80 -1.17
CA MET A 400 21.42 -0.06 -1.35
C MET A 400 22.67 -0.93 -1.33
N HIS A 401 22.56 -2.21 -0.97
CA HIS A 401 23.67 -3.15 -1.08
C HIS A 401 23.38 -4.24 -2.09
N LEU A 402 22.26 -4.14 -2.80
CA LEU A 402 21.83 -5.23 -3.68
C LEU A 402 22.71 -5.28 -4.92
N SER A 403 23.15 -6.48 -5.27
CA SER A 403 23.87 -6.65 -6.53
C SER A 403 22.88 -6.61 -7.69
N THR A 404 23.27 -5.92 -8.76
CA THR A 404 22.37 -5.74 -9.88
C THR A 404 22.32 -6.95 -10.80
N SER A 405 23.12 -7.97 -10.55
CA SER A 405 23.00 -9.23 -11.27
C SER A 405 21.81 -10.05 -10.82
N ASN A 406 21.16 -9.68 -9.71
CA ASN A 406 19.87 -10.28 -9.38
C ASN A 406 18.79 -9.76 -10.31
N LEU A 407 18.77 -8.45 -10.56
CA LEU A 407 17.73 -7.87 -11.41
C LEU A 407 18.00 -8.16 -12.88
N SER A 408 19.27 -8.06 -13.29
CA SER A 408 19.59 -8.18 -14.70
C SER A 408 19.56 -9.63 -15.16
N MET A 409 20.41 -10.47 -14.57
CA MET A 409 20.54 -11.86 -15.00
C MET A 409 19.83 -12.76 -13.99
N GLY A 410 18.53 -12.90 -14.14
CA GLY A 410 17.84 -13.92 -13.40
C GLY A 410 16.69 -13.53 -12.49
N GLU A 411 16.92 -13.65 -11.18
CA GLU A 411 15.91 -13.94 -10.17
C GLU A 411 14.77 -12.94 -10.05
N MET A 412 15.06 -11.71 -9.61
CA MET A 412 14.01 -10.77 -9.30
C MET A 412 13.93 -9.69 -10.37
N THR A 413 12.81 -8.98 -10.38
CA THR A 413 12.60 -7.82 -11.24
C THR A 413 12.45 -6.58 -10.36
N ALA A 414 12.27 -5.43 -11.01
CA ALA A 414 12.01 -4.21 -10.25
C ALA A 414 10.57 -4.19 -9.76
N GLY A 415 9.65 -4.67 -10.58
CA GLY A 415 8.25 -4.75 -10.18
C GLY A 415 8.02 -5.71 -9.04
N GLN A 416 8.85 -6.76 -8.94
CA GLN A 416 8.74 -7.68 -7.82
C GLN A 416 9.17 -7.02 -6.51
N ILE A 417 10.19 -6.16 -6.56
CA ILE A 417 10.66 -5.47 -5.36
C ILE A 417 9.64 -4.42 -4.92
N CYS A 418 9.15 -3.62 -5.87
CA CYS A 418 8.10 -2.66 -5.53
C CYS A 418 6.77 -3.32 -5.19
N ASN A 419 6.58 -4.59 -5.57
CA ASN A 419 5.44 -5.33 -5.06
C ASN A 419 5.67 -5.78 -3.63
N LEU A 420 6.90 -6.21 -3.30
CA LEU A 420 7.14 -6.64 -1.93
C LEU A 420 7.32 -5.47 -0.98
N VAL A 421 7.31 -4.23 -1.46
CA VAL A 421 7.08 -3.09 -0.58
C VAL A 421 5.59 -2.76 -0.49
N ALA A 422 4.90 -2.72 -1.62
CA ALA A 422 3.52 -2.23 -1.63
C ALA A 422 2.52 -3.29 -1.17
N ILE A 423 2.74 -4.55 -1.52
CA ILE A 423 1.77 -5.61 -1.26
C ILE A 423 2.19 -6.48 -0.09
N ASP A 424 3.44 -6.93 -0.07
CA ASP A 424 3.86 -7.90 0.93
C ASP A 424 4.03 -7.26 2.30
N THR A 425 4.61 -6.06 2.36
CA THR A 425 4.73 -5.36 3.63
C THR A 425 3.37 -4.94 4.16
N ASN A 426 2.45 -4.56 3.26
CA ASN A 426 1.09 -4.26 3.69
C ASN A 426 0.35 -5.49 4.19
N GLN A 427 0.63 -6.66 3.61
CA GLN A 427 0.00 -7.88 4.11
C GLN A 427 0.55 -8.28 5.46
N LEU A 428 1.86 -8.12 5.66
CA LEU A 428 2.46 -8.40 6.96
C LEU A 428 1.99 -7.39 8.01
N MET A 429 1.71 -6.16 7.60
CA MET A 429 1.14 -5.18 8.53
C MET A 429 -0.30 -5.52 8.87
N TRP A 430 -1.09 -5.96 7.86
CA TRP A 430 -2.46 -6.35 8.10
C TRP A 430 -2.58 -7.63 8.90
N PHE A 431 -1.52 -8.44 8.97
CA PHE A 431 -1.52 -9.53 9.93
C PHE A 431 -1.43 -9.02 11.36
N PHE A 432 -0.66 -7.97 11.58
CA PHE A 432 -0.48 -7.44 12.92
C PHE A 432 -1.70 -6.70 13.44
N PHE A 433 -2.70 -6.46 12.59
CA PHE A 433 -3.94 -5.87 13.06
C PHE A 433 -4.84 -6.92 13.69
N LEU A 434 -4.62 -8.20 13.37
CA LEU A 434 -5.48 -9.29 13.78
C LEU A 434 -4.78 -10.30 14.67
N CYS A 435 -3.49 -10.09 14.94
CA CYS A 435 -2.76 -10.96 15.84
C CYS A 435 -3.26 -10.93 17.29
N PRO A 436 -3.71 -9.79 17.86
CA PRO A 436 -4.42 -9.88 19.15
C PRO A 436 -5.74 -10.64 19.09
N ASN A 437 -6.46 -10.57 17.97
CA ASN A 437 -7.67 -11.39 17.81
C ASN A 437 -7.32 -12.87 17.82
N LEU A 438 -6.22 -13.23 17.15
CA LEU A 438 -5.78 -14.62 17.13
C LEU A 438 -5.28 -15.06 18.50
N TRP A 439 -4.74 -14.13 19.30
CA TRP A 439 -4.24 -14.51 20.62
C TRP A 439 -5.34 -14.53 21.67
N ALA A 440 -6.44 -13.81 21.46
CA ALA A 440 -7.48 -13.71 22.47
C ALA A 440 -8.81 -14.35 22.06
N MET A 441 -8.84 -15.05 20.92
CA MET A 441 -10.02 -15.86 20.61
C MET A 441 -10.20 -17.08 21.53
N PRO A 442 -9.20 -17.95 21.79
CA PRO A 442 -9.51 -19.17 22.55
C PRO A 442 -9.81 -18.93 24.02
N VAL A 443 -9.34 -17.83 24.61
CA VAL A 443 -9.73 -17.53 25.98
C VAL A 443 -11.18 -17.11 26.03
N GLN A 444 -11.68 -16.42 25.00
CA GLN A 444 -13.11 -16.12 24.90
C GLN A 444 -13.93 -17.38 24.74
N ILE A 445 -13.45 -18.32 23.91
CA ILE A 445 -14.18 -19.58 23.74
C ILE A 445 -14.20 -20.38 25.04
N ILE A 446 -13.10 -20.37 25.80
CA ILE A 446 -13.03 -21.14 27.03
C ILE A 446 -13.93 -20.55 28.10
N VAL A 447 -13.88 -19.23 28.29
CA VAL A 447 -14.73 -18.58 29.28
C VAL A 447 -16.20 -18.66 28.88
N GLY A 448 -16.48 -18.65 27.57
CA GLY A 448 -17.85 -18.86 27.12
C GLY A 448 -18.37 -20.24 27.41
N VAL A 449 -17.52 -21.27 27.25
CA VAL A 449 -17.96 -22.63 27.53
C VAL A 449 -18.15 -22.85 29.03
N ILE A 450 -17.28 -22.25 29.86
CA ILE A 450 -17.45 -22.37 31.31
C ILE A 450 -18.70 -21.64 31.80
N LEU A 451 -18.93 -20.43 31.31
CA LEU A 451 -20.13 -19.69 31.70
C LEU A 451 -21.38 -20.33 31.14
N LEU A 452 -21.28 -21.00 29.99
CA LEU A 452 -22.41 -21.73 29.44
C LEU A 452 -22.73 -22.97 30.27
N TYR A 453 -21.70 -23.61 30.82
CA TYR A 453 -21.95 -24.72 31.73
C TYR A 453 -22.58 -24.23 33.03
N TYR A 454 -22.18 -23.06 33.50
CA TYR A 454 -22.77 -22.53 34.73
C TYR A 454 -24.22 -22.11 34.52
N ILE A 455 -24.52 -21.52 33.37
CA ILE A 455 -25.87 -21.02 33.12
C ILE A 455 -26.82 -22.16 32.77
N LEU A 456 -26.45 -22.97 31.78
CA LEU A 456 -27.36 -23.97 31.23
C LEU A 456 -27.16 -25.36 31.83
N GLY A 457 -25.93 -25.77 32.09
CA GLY A 457 -25.68 -27.07 32.67
C GLY A 457 -24.81 -27.95 31.81
N VAL A 458 -24.87 -29.27 32.04
CA VAL A 458 -24.08 -30.21 31.26
C VAL A 458 -24.54 -30.29 29.82
N SER A 459 -25.75 -29.82 29.51
CA SER A 459 -26.20 -29.68 28.13
C SER A 459 -25.38 -28.69 27.35
N ALA A 460 -24.69 -27.77 28.03
CA ALA A 460 -23.73 -26.88 27.37
C ALA A 460 -22.59 -27.67 26.73
N LEU A 461 -22.24 -28.83 27.30
CA LEU A 461 -21.26 -29.70 26.67
C LEU A 461 -21.75 -30.20 25.32
N ILE A 462 -23.07 -30.40 25.17
CA ILE A 462 -23.67 -30.71 23.88
C ILE A 462 -23.42 -29.57 22.89
N GLY A 463 -23.39 -28.34 23.37
CA GLY A 463 -23.02 -27.22 22.53
C GLY A 463 -21.57 -26.82 22.62
N ALA A 464 -20.74 -27.63 23.27
CA ALA A 464 -19.31 -27.31 23.36
C ALA A 464 -18.48 -28.06 22.34
N ALA A 465 -18.68 -29.38 22.25
CA ALA A 465 -17.91 -30.21 21.35
C ALA A 465 -18.18 -29.86 19.89
N VAL A 466 -19.40 -29.41 19.58
CA VAL A 466 -19.72 -28.90 18.25
C VAL A 466 -18.85 -27.68 17.94
N ILE A 467 -18.67 -26.78 18.92
CA ILE A 467 -17.74 -25.68 18.73
C ILE A 467 -16.31 -26.20 18.64
N ILE A 468 -16.00 -27.29 19.35
CA ILE A 468 -14.72 -27.94 19.20
C ILE A 468 -14.59 -28.57 17.81
N LEU A 469 -15.72 -28.99 17.21
CA LEU A 469 -15.70 -29.44 15.83
C LEU A 469 -15.40 -28.31 14.85
N LEU A 470 -15.54 -27.05 15.27
CA LEU A 470 -15.14 -25.91 14.47
C LEU A 470 -13.63 -25.66 14.53
N ALA A 471 -12.92 -26.32 15.44
CA ALA A 471 -11.49 -26.05 15.59
C ALA A 471 -10.62 -26.69 14.49
N PRO A 472 -10.76 -28.01 14.13
CA PRO A 472 -9.88 -28.50 13.06
C PRO A 472 -10.38 -28.14 11.66
N VAL A 473 -11.70 -27.97 11.51
CA VAL A 473 -12.28 -27.69 10.19
C VAL A 473 -11.85 -26.31 9.72
N GLN A 474 -11.91 -25.32 10.60
CA GLN A 474 -11.32 -24.02 10.32
C GLN A 474 -9.80 -24.08 10.19
N TYR A 475 -9.17 -25.11 10.73
CA TYR A 475 -7.78 -25.37 10.38
C TYR A 475 -7.67 -26.07 9.02
N PHE A 476 -8.60 -27.01 8.74
CA PHE A 476 -8.48 -27.88 7.58
C PHE A 476 -8.54 -27.08 6.28
N VAL A 477 -9.57 -26.26 6.12
CA VAL A 477 -9.68 -25.37 4.97
C VAL A 477 -8.55 -24.37 4.95
N ALA A 478 -7.96 -24.06 6.11
CA ALA A 478 -6.75 -23.24 6.20
C ALA A 478 -5.63 -23.84 5.36
N THR A 479 -5.43 -25.15 5.48
CA THR A 479 -4.45 -25.84 4.65
C THR A 479 -4.80 -25.73 3.19
N LYS A 480 -6.10 -25.84 2.88
CA LYS A 480 -6.56 -25.65 1.51
C LYS A 480 -6.31 -24.22 1.06
N LEU A 481 -6.52 -23.25 1.96
CA LEU A 481 -6.19 -21.87 1.62
C LEU A 481 -4.69 -21.70 1.46
N SER A 482 -3.90 -22.45 2.24
CA SER A 482 -2.46 -22.42 2.08
C SER A 482 -2.00 -23.06 0.77
N GLN A 483 -2.87 -23.80 0.09
CA GLN A 483 -2.60 -24.08 -1.32
C GLN A 483 -2.98 -22.88 -2.17
N ALA A 484 -4.24 -22.45 -2.06
CA ALA A 484 -4.81 -21.54 -3.05
C ALA A 484 -4.21 -20.14 -2.93
N GLN A 485 -4.08 -19.64 -1.71
CA GLN A 485 -3.42 -18.36 -1.50
C GLN A 485 -1.91 -18.44 -1.70
N ARG A 486 -1.33 -19.63 -1.84
CA ARG A 486 0.04 -19.70 -2.30
C ARG A 486 0.13 -19.85 -3.81
N SER A 487 -0.99 -20.10 -4.47
CA SER A 487 -0.98 -20.25 -5.92
C SER A 487 -1.33 -18.94 -6.63
N THR A 488 -2.36 -18.25 -6.14
CA THR A 488 -2.81 -17.01 -6.76
C THR A 488 -1.72 -15.95 -6.73
N LEU A 489 -1.11 -15.73 -5.55
CA LEU A 489 0.03 -14.83 -5.44
C LEU A 489 1.26 -15.31 -6.19
N GLU A 490 1.28 -16.56 -6.65
CA GLU A 490 2.22 -16.92 -7.70
C GLU A 490 1.77 -16.38 -9.05
N TYR A 491 0.58 -16.81 -9.49
CA TYR A 491 0.15 -16.62 -10.88
C TYR A 491 -0.05 -15.15 -11.21
N SER A 492 -0.72 -14.42 -10.31
CA SER A 492 -0.92 -12.99 -10.47
C SER A 492 0.40 -12.25 -10.56
N ASN A 493 1.41 -12.71 -9.81
CA ASN A 493 2.74 -12.13 -9.90
C ASN A 493 3.30 -12.28 -11.30
N GLU A 494 3.15 -13.47 -11.89
CA GLU A 494 3.55 -13.67 -13.27
C GLU A 494 2.72 -12.82 -14.21
N ARG A 495 1.44 -12.64 -13.88
CA ARG A 495 0.59 -11.77 -14.68
C ARG A 495 1.07 -10.33 -14.59
N LEU A 496 1.53 -9.92 -13.40
CA LEU A 496 2.05 -8.56 -13.27
C LEU A 496 3.42 -8.42 -13.91
N LYS A 497 4.07 -9.51 -14.29
CA LYS A 497 5.13 -9.39 -15.28
C LYS A 497 4.55 -9.15 -16.66
N GLN A 498 3.67 -10.06 -17.10
CA GLN A 498 3.26 -10.08 -18.50
C GLN A 498 2.38 -8.91 -18.88
N THR A 499 1.72 -8.29 -17.91
CA THR A 499 1.03 -7.04 -18.19
C THR A 499 2.03 -5.90 -18.37
N ASN A 500 2.97 -5.79 -17.43
CA ASN A 500 3.82 -4.60 -17.35
C ASN A 500 4.77 -4.51 -18.55
N GLU A 501 5.45 -5.61 -18.84
CA GLU A 501 6.31 -5.67 -20.04
C GLU A 501 5.51 -5.56 -21.33
N MET A 502 4.20 -5.78 -21.29
CA MET A 502 3.38 -5.43 -22.44
C MET A 502 3.23 -3.93 -22.56
N LEU A 503 2.83 -3.26 -21.46
CA LEU A 503 2.47 -1.85 -21.53
C LEU A 503 3.68 -0.99 -21.82
N ARG A 504 4.81 -1.28 -21.17
CA ARG A 504 6.06 -0.58 -21.44
C ARG A 504 6.59 -0.80 -22.85
N GLY A 505 6.03 -1.76 -23.60
CA GLY A 505 6.40 -1.87 -24.98
C GLY A 505 5.23 -1.81 -25.91
N ILE A 506 4.13 -1.15 -25.47
CA ILE A 506 2.86 -1.23 -26.18
C ILE A 506 2.95 -0.66 -27.59
N LYS A 507 3.84 0.33 -27.79
CA LYS A 507 4.05 0.92 -29.11
C LYS A 507 4.57 -0.10 -30.09
N LEU A 508 5.54 -0.92 -29.67
CA LEU A 508 6.03 -1.97 -30.55
C LEU A 508 4.95 -3.02 -30.79
N LEU A 509 4.12 -3.29 -29.79
CA LEU A 509 3.03 -4.23 -30.01
C LEU A 509 1.95 -3.62 -30.89
N LYS A 510 1.89 -2.30 -30.98
CA LYS A 510 0.99 -1.68 -31.91
C LYS A 510 1.65 -1.37 -33.24
N LEU A 511 2.92 -1.77 -33.41
CA LEU A 511 3.61 -1.57 -34.67
C LEU A 511 3.88 -2.87 -35.40
N TYR A 512 3.80 -4.00 -34.72
CA TYR A 512 3.98 -5.30 -35.33
C TYR A 512 2.68 -6.09 -35.37
N ALA A 513 1.58 -5.51 -34.89
CA ALA A 513 0.27 -6.16 -34.74
C ALA A 513 0.38 -7.43 -33.92
N TRP A 514 1.11 -7.33 -32.80
CA TRP A 514 1.27 -8.43 -31.86
C TRP A 514 0.44 -8.23 -30.61
N GLU A 515 -0.43 -7.22 -30.60
CA GLU A 515 -1.15 -6.84 -29.40
C GLU A 515 -2.17 -7.90 -29.01
N ASN A 516 -2.82 -8.53 -29.99
CA ASN A 516 -3.74 -9.61 -29.67
C ASN A 516 -3.02 -10.85 -29.19
N ILE A 517 -1.81 -11.11 -29.70
CA ILE A 517 -1.01 -12.23 -29.24
C ILE A 517 -0.60 -12.03 -27.78
N PHE A 518 -0.14 -10.82 -27.45
CA PHE A 518 0.25 -10.56 -26.07
C PHE A 518 -0.95 -10.47 -25.15
N ARG A 519 -2.10 -10.04 -25.67
CA ARG A 519 -3.32 -10.02 -24.87
C ARG A 519 -3.80 -11.43 -24.56
N THR A 520 -3.67 -12.35 -25.51
CA THR A 520 -3.97 -13.74 -25.21
C THR A 520 -2.95 -14.34 -24.24
N ARG A 521 -1.70 -13.88 -24.30
CA ARG A 521 -0.70 -14.37 -23.35
C ARG A 521 -0.98 -13.89 -21.93
N VAL A 522 -1.49 -12.67 -21.78
CA VAL A 522 -1.90 -12.24 -20.43
C VAL A 522 -3.22 -12.88 -20.04
N GLU A 523 -4.11 -13.13 -20.99
CA GLU A 523 -5.40 -13.75 -20.67
C GLU A 523 -5.24 -15.20 -20.23
N THR A 524 -4.21 -15.90 -20.72
CA THR A 524 -3.96 -17.27 -20.26
C THR A 524 -3.53 -17.29 -18.81
N THR A 525 -2.65 -16.37 -18.41
CA THR A 525 -2.24 -16.28 -17.02
C THR A 525 -3.38 -15.78 -16.13
N ARG A 526 -4.24 -14.91 -16.66
CA ARG A 526 -5.41 -14.47 -15.91
C ARG A 526 -6.41 -15.61 -15.72
N ARG A 527 -6.54 -16.47 -16.72
CA ARG A 527 -7.42 -17.63 -16.59
C ARG A 527 -6.87 -18.63 -15.57
N LYS A 528 -5.56 -18.86 -15.60
CA LYS A 528 -4.95 -19.74 -14.60
C LYS A 528 -4.95 -19.13 -13.21
N GLU A 529 -5.04 -17.81 -13.10
CA GLU A 529 -5.23 -17.18 -11.79
C GLU A 529 -6.68 -17.24 -11.34
N MET A 530 -7.63 -17.13 -12.27
CA MET A 530 -9.04 -17.20 -11.92
C MET A 530 -9.44 -18.61 -11.52
N THR A 531 -8.74 -19.62 -12.03
CA THR A 531 -8.94 -21.00 -11.56
C THR A 531 -8.58 -21.12 -10.08
N SER A 532 -7.42 -20.58 -9.69
CA SER A 532 -7.02 -20.59 -8.30
C SER A 532 -7.92 -19.70 -7.45
N LEU A 533 -8.46 -18.62 -8.03
CA LEU A 533 -9.39 -17.79 -7.27
C LEU A 533 -10.73 -18.48 -7.08
N ARG A 534 -11.15 -19.32 -8.03
CA ARG A 534 -12.34 -20.16 -7.82
C ARG A 534 -12.09 -21.16 -6.70
N ALA A 535 -10.91 -21.79 -6.71
CA ALA A 535 -10.58 -22.77 -5.67
C ALA A 535 -10.43 -22.12 -4.31
N PHE A 536 -10.03 -20.86 -4.27
CA PHE A 536 -9.99 -20.13 -3.01
C PHE A 536 -11.36 -19.65 -2.58
N ALA A 537 -12.19 -19.26 -3.54
CA ALA A 537 -13.50 -18.69 -3.21
C ALA A 537 -14.46 -19.76 -2.72
N ILE A 538 -14.36 -20.98 -3.27
CA ILE A 538 -15.19 -22.09 -2.79
C ILE A 538 -14.85 -22.43 -1.34
N TYR A 539 -13.56 -22.43 -1.02
CA TYR A 539 -13.16 -22.80 0.34
C TYR A 539 -13.41 -21.68 1.34
N THR A 540 -13.27 -20.41 0.95
CA THR A 540 -13.67 -19.38 1.90
C THR A 540 -15.18 -19.25 2.00
N SER A 541 -15.92 -19.68 0.98
CA SER A 541 -17.37 -19.73 1.10
C SER A 541 -17.81 -20.82 2.06
N ILE A 542 -17.16 -21.99 2.00
CA ILE A 542 -17.51 -23.02 2.97
C ILE A 542 -16.95 -22.69 4.35
N SER A 543 -15.92 -21.84 4.43
CA SER A 543 -15.45 -21.38 5.74
C SER A 543 -16.43 -20.39 6.37
N ILE A 544 -16.99 -19.49 5.56
CA ILE A 544 -18.03 -18.57 6.04
C ILE A 544 -19.28 -19.35 6.45
N PHE A 545 -19.64 -20.36 5.65
CA PHE A 545 -20.78 -21.21 5.97
C PHE A 545 -20.54 -21.99 7.25
N MET A 546 -19.30 -22.44 7.48
CA MET A 546 -18.99 -23.13 8.73
C MET A 546 -19.06 -22.19 9.92
N ASN A 547 -18.46 -21.01 9.80
CA ASN A 547 -18.45 -20.02 10.89
C ASN A 547 -19.82 -19.48 11.22
N THR A 548 -20.77 -19.54 10.28
CA THR A 548 -22.11 -19.05 10.57
C THR A 548 -23.10 -20.18 10.84
N ALA A 549 -22.78 -21.41 10.44
CA ALA A 549 -23.69 -22.53 10.61
C ALA A 549 -23.37 -23.43 11.80
N ILE A 550 -22.12 -23.46 12.27
CA ILE A 550 -21.79 -24.19 13.49
C ILE A 550 -22.41 -23.53 14.73
N PRO A 551 -22.45 -22.18 14.88
CA PRO A 551 -23.25 -21.62 15.99
C PRO A 551 -24.73 -21.99 15.99
N ILE A 552 -25.42 -21.91 14.85
CA ILE A 552 -26.85 -22.20 14.85
C ILE A 552 -27.12 -23.68 15.02
N ALA A 553 -26.21 -24.54 14.54
CA ALA A 553 -26.33 -25.96 14.82
C ALA A 553 -26.08 -26.25 16.29
N ALA A 554 -25.19 -25.48 16.92
CA ALA A 554 -24.97 -25.62 18.36
C ALA A 554 -26.19 -25.21 19.16
N VAL A 555 -26.83 -24.11 18.77
CA VAL A 555 -28.08 -23.67 19.41
C VAL A 555 -29.16 -24.72 19.25
N LEU A 556 -29.27 -25.32 18.07
CA LEU A 556 -30.28 -26.34 17.82
C LEU A 556 -30.04 -27.59 18.66
N ILE A 557 -28.83 -28.14 18.63
CA ILE A 557 -28.57 -29.38 19.35
C ILE A 557 -28.50 -29.15 20.85
N THR A 558 -28.26 -27.92 21.30
CA THR A 558 -28.29 -27.64 22.72
C THR A 558 -29.71 -27.47 23.22
N PHE A 559 -30.54 -26.73 22.49
CA PHE A 559 -31.88 -26.43 22.97
C PHE A 559 -32.86 -27.56 22.77
N VAL A 560 -32.67 -28.40 21.76
CA VAL A 560 -33.49 -29.61 21.67
C VAL A 560 -32.86 -30.75 22.47
N GLY A 561 -31.53 -30.76 22.63
CA GLY A 561 -30.86 -31.70 23.50
C GLY A 561 -30.95 -31.40 24.97
N HIS A 562 -31.66 -30.34 25.34
CA HIS A 562 -31.98 -30.02 26.73
C HIS A 562 -33.38 -30.49 27.11
N VAL A 563 -34.39 -30.12 26.33
CA VAL A 563 -35.77 -30.45 26.68
C VAL A 563 -36.11 -31.89 26.34
N SER A 564 -35.30 -32.57 25.54
CA SER A 564 -35.57 -33.98 25.26
C SER A 564 -35.05 -34.88 26.36
N PHE A 565 -33.77 -34.75 26.71
CA PHE A 565 -33.17 -35.62 27.71
C PHE A 565 -33.48 -35.14 29.12
N PHE A 566 -33.05 -33.94 29.45
CA PHE A 566 -33.11 -33.44 30.83
C PHE A 566 -34.31 -32.51 30.96
N LYS A 567 -35.49 -33.12 31.08
CA LYS A 567 -36.74 -32.38 31.18
C LYS A 567 -36.96 -31.77 32.55
N GLU A 568 -36.10 -32.03 33.53
CA GLU A 568 -36.16 -31.44 34.85
C GLU A 568 -35.01 -30.46 35.10
N ALA A 569 -34.33 -30.01 34.05
CA ALA A 569 -33.13 -29.19 34.18
C ALA A 569 -33.43 -27.69 34.17
N ASP A 570 -34.65 -27.30 34.58
CA ASP A 570 -35.06 -25.91 34.81
C ASP A 570 -34.95 -25.08 33.52
N PHE A 571 -35.82 -25.42 32.58
CA PHE A 571 -35.96 -24.60 31.38
C PHE A 571 -36.81 -23.38 31.68
N SER A 572 -36.31 -22.22 31.32
CA SER A 572 -36.85 -20.94 31.74
C SER A 572 -36.46 -19.90 30.71
N PRO A 573 -37.20 -18.79 30.60
CA PRO A 573 -36.76 -17.71 29.70
C PRO A 573 -35.43 -17.12 30.10
N SER A 574 -35.09 -17.13 31.39
CA SER A 574 -33.81 -16.62 31.85
C SER A 574 -32.66 -17.45 31.31
N VAL A 575 -32.68 -18.76 31.53
CA VAL A 575 -31.59 -19.61 31.05
C VAL A 575 -31.60 -19.71 29.52
N ALA A 576 -32.78 -19.61 28.90
CA ALA A 576 -32.86 -19.72 27.45
C ALA A 576 -32.25 -18.50 26.77
N PHE A 577 -32.68 -17.29 27.17
CA PHE A 577 -32.14 -16.10 26.54
C PHE A 577 -30.84 -15.64 27.18
N ALA A 578 -30.33 -16.35 28.19
CA ALA A 578 -28.95 -16.17 28.58
C ALA A 578 -28.02 -17.02 27.74
N SER A 579 -28.36 -18.30 27.56
CA SER A 579 -27.52 -19.17 26.76
C SER A 579 -27.58 -18.84 25.28
N LEU A 580 -28.71 -18.31 24.81
CA LEU A 580 -28.78 -17.86 23.42
C LEU A 580 -27.89 -16.64 23.20
N SER A 581 -27.84 -15.73 24.17
CA SER A 581 -26.95 -14.59 24.02
C SER A 581 -25.49 -14.99 24.17
N LEU A 582 -25.21 -16.03 24.96
CA LEU A 582 -23.85 -16.55 25.04
C LEU A 582 -23.45 -17.24 23.74
N PHE A 583 -24.38 -17.93 23.08
CA PHE A 583 -24.11 -18.49 21.77
C PHE A 583 -23.93 -17.41 20.73
N HIS A 584 -24.65 -16.29 20.86
CA HIS A 584 -24.43 -15.15 19.98
C HIS A 584 -23.06 -14.53 20.19
N ILE A 585 -22.64 -14.40 21.45
CA ILE A 585 -21.35 -13.80 21.75
C ILE A 585 -20.20 -14.76 21.49
N LEU A 586 -20.48 -16.05 21.32
CA LEU A 586 -19.51 -16.99 20.77
C LEU A 586 -19.52 -17.00 19.25
N VAL A 587 -20.32 -16.16 18.61
CA VAL A 587 -20.36 -16.03 17.16
C VAL A 587 -19.81 -14.70 16.68
N THR A 588 -19.53 -13.78 17.59
CA THR A 588 -18.87 -12.52 17.27
C THR A 588 -17.37 -12.67 16.96
N PRO A 589 -16.60 -13.56 17.62
CA PRO A 589 -15.27 -13.85 17.07
C PRO A 589 -15.31 -14.62 15.76
N LEU A 590 -16.34 -15.44 15.56
CA LEU A 590 -16.46 -16.19 14.32
C LEU A 590 -16.88 -15.31 13.15
N PHE A 591 -17.34 -14.09 13.43
CA PHE A 591 -17.50 -13.05 12.42
C PHE A 591 -16.16 -12.64 11.82
N LEU A 592 -15.06 -12.83 12.55
CA LEU A 592 -13.74 -12.42 12.08
C LEU A 592 -12.75 -13.55 11.92
N LEU A 593 -13.07 -14.79 12.33
CA LEU A 593 -12.10 -15.87 12.22
C LEU A 593 -11.81 -16.24 10.77
N SER A 594 -12.80 -16.10 9.88
CA SER A 594 -12.57 -16.37 8.46
C SER A 594 -11.62 -15.36 7.85
N SER A 595 -11.78 -14.08 8.21
CA SER A 595 -10.85 -13.06 7.71
C SER A 595 -9.47 -13.21 8.33
N VAL A 596 -9.41 -13.67 9.59
CA VAL A 596 -8.12 -13.91 10.25
C VAL A 596 -7.37 -15.03 9.56
N VAL A 597 -8.06 -16.13 9.24
CA VAL A 597 -7.37 -17.24 8.60
C VAL A 597 -7.13 -16.95 7.12
N ARG A 598 -7.88 -16.03 6.53
CA ARG A 598 -7.56 -15.56 5.18
C ARG A 598 -6.33 -14.69 5.18
N SER A 599 -6.11 -13.91 6.24
CA SER A 599 -5.02 -12.95 6.27
C SER A 599 -3.73 -13.51 6.87
N THR A 600 -3.79 -14.61 7.62
CA THR A 600 -2.55 -15.17 8.15
C THR A 600 -1.84 -16.08 7.16
N VAL A 601 -2.47 -16.40 6.04
CA VAL A 601 -1.81 -17.18 5.00
C VAL A 601 -1.07 -16.27 4.03
N LYS A 602 -1.63 -15.10 3.75
CA LYS A 602 -0.96 -14.10 2.93
C LYS A 602 0.19 -13.40 3.65
N ALA A 603 0.41 -13.70 4.93
CA ALA A 603 1.49 -13.10 5.69
C ALA A 603 2.50 -14.12 6.19
N LEU A 604 2.39 -15.37 5.78
CA LEU A 604 3.48 -16.31 5.91
C LEU A 604 4.31 -16.39 4.63
N VAL A 605 3.64 -16.38 3.47
CA VAL A 605 4.35 -16.26 2.22
C VAL A 605 4.93 -14.86 2.05
N SER A 606 4.38 -13.86 2.74
CA SER A 606 4.95 -12.52 2.74
C SER A 606 6.32 -12.52 3.41
N VAL A 607 6.41 -13.10 4.60
CA VAL A 607 7.71 -13.16 5.26
C VAL A 607 8.61 -14.18 4.61
N GLN A 608 8.06 -15.15 3.88
CA GLN A 608 8.90 -16.06 3.11
C GLN A 608 9.59 -15.34 1.96
N LYS A 609 8.83 -14.52 1.22
CA LYS A 609 9.41 -13.71 0.16
C LYS A 609 10.36 -12.65 0.71
N LEU A 610 10.06 -12.14 1.91
CA LEU A 610 10.93 -11.15 2.52
C LEU A 610 12.24 -11.76 2.97
N SER A 611 12.22 -13.00 3.46
CA SER A 611 13.46 -13.67 3.80
C SER A 611 14.22 -14.13 2.57
N GLU A 612 13.50 -14.43 1.48
CA GLU A 612 14.19 -14.75 0.23
C GLU A 612 14.86 -13.52 -0.36
N PHE A 613 14.28 -12.34 -0.18
CA PHE A 613 14.88 -11.14 -0.74
C PHE A 613 16.01 -10.60 0.13
N LEU A 614 15.86 -10.68 1.45
CA LEU A 614 16.85 -10.09 2.35
C LEU A 614 18.16 -10.86 2.38
N SER A 615 18.16 -12.12 1.97
CA SER A 615 19.36 -12.94 1.95
C SER A 615 19.83 -13.22 0.53
N SER A 616 19.66 -12.26 -0.37
CA SER A 616 20.08 -12.42 -1.75
C SER A 616 21.52 -11.96 -1.89
N ALA A 617 21.98 -11.79 -3.13
CA ALA A 617 23.37 -11.44 -3.38
C ALA A 617 23.63 -9.98 -3.01
N GLU A 618 24.90 -9.66 -2.83
CA GLU A 618 25.31 -8.31 -2.45
C GLU A 618 26.63 -7.97 -3.13
N ILE A 619 27.01 -6.71 -3.05
CA ILE A 619 28.29 -6.25 -3.57
C ILE A 619 29.22 -5.99 -2.41
N ARG A 620 30.52 -6.16 -2.68
CA ARG A 620 31.55 -5.96 -1.67
C ARG A 620 32.89 -5.67 -2.33
N ASP A 675 50.34 6.51 -9.18
CA ASP A 675 51.20 7.60 -9.65
C ASP A 675 50.56 8.30 -10.84
N ASN A 676 49.68 9.25 -10.54
CA ASN A 676 48.87 10.00 -11.50
C ASN A 676 48.05 9.07 -12.39
N CYS A 677 47.20 8.28 -11.74
CA CYS A 677 46.23 7.45 -12.44
C CYS A 677 45.02 7.26 -11.55
N CYS A 678 43.83 7.31 -12.16
CA CYS A 678 42.60 7.19 -11.39
C CYS A 678 42.36 5.73 -11.02
N VAL A 679 42.15 4.88 -12.02
CA VAL A 679 41.92 3.45 -11.81
C VAL A 679 43.10 2.70 -12.41
N GLN A 680 43.55 1.66 -11.73
CA GLN A 680 44.73 0.92 -12.15
C GLN A 680 44.51 -0.58 -12.03
N ILE A 681 43.41 -1.07 -12.63
CA ILE A 681 43.07 -2.49 -12.61
C ILE A 681 44.20 -3.32 -13.21
N MET A 682 44.47 -4.48 -12.60
CA MET A 682 45.54 -5.34 -13.08
C MET A 682 45.15 -6.79 -12.79
N GLY A 683 45.03 -7.59 -13.85
CA GLY A 683 44.73 -8.99 -13.71
C GLY A 683 43.32 -9.31 -13.25
N GLY A 684 42.39 -8.36 -13.33
CA GLY A 684 41.10 -8.56 -12.75
C GLY A 684 40.12 -9.32 -13.62
N TYR A 685 39.75 -10.52 -13.21
CA TYR A 685 38.66 -11.26 -13.85
C TYR A 685 37.36 -10.88 -13.15
N PHE A 686 36.40 -10.39 -13.91
CA PHE A 686 35.12 -9.98 -13.36
C PHE A 686 34.02 -10.78 -14.03
N THR A 687 32.92 -10.99 -13.32
CA THR A 687 31.85 -11.80 -13.87
C THR A 687 30.50 -11.30 -13.41
N TRP A 688 29.51 -11.43 -14.29
CA TRP A 688 28.14 -11.05 -13.98
C TRP A 688 27.42 -12.18 -13.27
N THR A 689 27.35 -13.34 -13.90
CA THR A 689 26.82 -14.49 -13.20
C THR A 689 27.87 -15.04 -12.22
N PRO A 690 27.46 -15.41 -11.01
CA PRO A 690 28.44 -15.90 -10.03
C PRO A 690 29.01 -17.26 -10.39
N ASP A 691 28.25 -18.09 -11.09
CA ASP A 691 28.68 -19.43 -11.48
C ASP A 691 28.68 -19.49 -13.00
N GLY A 692 29.79 -19.09 -13.61
CA GLY A 692 29.91 -19.11 -15.05
C GLY A 692 31.27 -18.63 -15.47
N ILE A 693 31.44 -18.49 -16.78
CA ILE A 693 32.69 -17.95 -17.32
C ILE A 693 32.76 -16.45 -17.00
N PRO A 694 33.94 -15.89 -16.72
CA PRO A 694 34.02 -14.45 -16.48
C PRO A 694 33.82 -13.67 -17.76
N THR A 695 32.98 -12.65 -17.69
CA THR A 695 32.68 -11.86 -18.89
C THR A 695 33.83 -10.96 -19.27
N LEU A 696 34.59 -10.46 -18.29
CA LEU A 696 35.85 -9.80 -18.54
C LEU A 696 36.99 -10.71 -18.08
N SER A 697 38.10 -10.65 -18.79
CA SER A 697 39.20 -11.57 -18.55
C SER A 697 40.52 -10.83 -18.65
N ASN A 698 41.25 -10.76 -17.54
CA ASN A 698 42.64 -10.28 -17.47
C ASN A 698 42.79 -8.87 -17.98
N ILE A 699 41.86 -8.00 -17.60
CA ILE A 699 41.90 -6.61 -18.05
C ILE A 699 42.87 -5.84 -17.15
N THR A 700 44.03 -5.50 -17.68
CA THR A 700 45.05 -4.73 -16.96
C THR A 700 45.13 -3.34 -17.58
N ILE A 701 44.26 -2.44 -17.12
CA ILE A 701 44.13 -1.12 -17.69
C ILE A 701 44.71 -0.10 -16.72
N ARG A 702 44.88 1.12 -17.20
CA ARG A 702 45.10 2.28 -16.35
C ARG A 702 44.41 3.47 -16.98
N ILE A 703 43.98 4.40 -16.14
CA ILE A 703 43.22 5.56 -16.58
C ILE A 703 43.96 6.79 -16.09
N PRO A 704 44.40 7.68 -16.97
CA PRO A 704 45.12 8.87 -16.51
C PRO A 704 44.17 9.84 -15.82
N ARG A 705 44.75 10.68 -14.97
CA ARG A 705 43.95 11.60 -14.18
C ARG A 705 43.84 12.94 -14.90
N GLY A 706 42.62 13.43 -15.03
CA GLY A 706 42.39 14.70 -15.69
C GLY A 706 42.46 14.66 -17.20
N GLN A 707 42.54 13.48 -17.80
CA GLN A 707 42.68 13.33 -19.23
C GLN A 707 41.54 12.49 -19.80
N LEU A 708 41.10 12.84 -21.00
CA LEU A 708 40.02 12.12 -21.65
C LEU A 708 40.53 10.79 -22.15
N THR A 709 39.89 9.71 -21.72
CA THR A 709 40.24 8.36 -22.15
C THR A 709 39.02 7.71 -22.78
N MET A 710 39.22 7.07 -23.93
CA MET A 710 38.12 6.50 -24.69
C MET A 710 38.18 4.99 -24.68
N ILE A 711 37.04 4.37 -24.48
CA ILE A 711 36.90 2.92 -24.58
C ILE A 711 36.10 2.64 -25.83
N VAL A 712 36.76 2.06 -26.83
CA VAL A 712 36.11 1.75 -28.11
C VAL A 712 36.22 0.27 -28.36
N GLY A 713 35.32 -0.24 -29.18
CA GLY A 713 35.27 -1.66 -29.46
C GLY A 713 33.93 -2.03 -30.03
N GLN A 714 33.79 -3.31 -30.33
CA GLN A 714 32.58 -3.81 -30.96
C GLN A 714 31.48 -4.02 -29.92
N VAL A 715 30.38 -4.62 -30.32
CA VAL A 715 29.27 -4.86 -29.42
C VAL A 715 29.54 -6.13 -28.63
N GLY A 716 29.18 -6.13 -27.35
CA GLY A 716 29.44 -7.27 -26.51
C GLY A 716 30.91 -7.47 -26.17
N CYS A 717 31.71 -6.41 -26.26
CA CYS A 717 33.15 -6.52 -26.15
C CYS A 717 33.69 -6.17 -24.78
N GLY A 718 32.85 -5.71 -23.86
CA GLY A 718 33.28 -5.45 -22.52
C GLY A 718 33.33 -4.00 -22.07
N LYS A 719 32.66 -3.09 -22.78
CA LYS A 719 32.84 -1.67 -22.50
C LYS A 719 32.06 -1.23 -21.27
N SER A 720 30.75 -1.45 -21.26
CA SER A 720 29.97 -1.10 -20.09
C SER A 720 30.27 -2.00 -18.91
N SER A 721 30.69 -3.24 -19.19
CA SER A 721 31.15 -4.12 -18.11
C SER A 721 32.46 -3.64 -17.52
N LEU A 722 33.34 -3.05 -18.33
CA LEU A 722 34.57 -2.47 -17.81
C LEU A 722 34.28 -1.22 -17.01
N LEU A 723 33.28 -0.44 -17.43
CA LEU A 723 32.85 0.71 -16.64
C LEU A 723 32.23 0.28 -15.33
N LEU A 724 31.53 -0.84 -15.31
CA LEU A 724 30.89 -1.34 -14.10
C LEU A 724 31.76 -2.30 -13.31
N ALA A 725 32.99 -2.52 -13.75
CA ALA A 725 33.96 -3.23 -12.91
C ALA A 725 34.79 -2.27 -12.09
N ALA A 726 35.01 -1.07 -12.59
CA ALA A 726 35.70 -0.05 -11.80
C ALA A 726 34.82 0.49 -10.69
N LEU A 727 33.50 0.49 -10.89
CA LEU A 727 32.60 0.93 -9.85
C LEU A 727 32.41 -0.11 -8.76
N GLY A 728 32.69 -1.37 -9.04
CA GLY A 728 32.47 -2.44 -8.09
C GLY A 728 31.15 -3.16 -8.23
N GLU A 729 30.41 -2.92 -9.30
CA GLU A 729 29.13 -3.61 -9.48
C GLU A 729 29.32 -5.06 -9.90
N MET A 730 30.42 -5.37 -10.56
CA MET A 730 30.67 -6.72 -11.02
C MET A 730 31.46 -7.50 -9.98
N GLN A 731 31.18 -8.80 -9.90
CA GLN A 731 31.81 -9.66 -8.92
C GLN A 731 33.26 -9.92 -9.31
N LYS A 732 34.19 -9.48 -8.47
CA LYS A 732 35.61 -9.65 -8.74
C LYS A 732 36.03 -11.08 -8.42
N VAL A 733 36.73 -11.72 -9.34
CA VAL A 733 37.25 -13.07 -9.14
C VAL A 733 38.72 -13.05 -8.74
N SER A 734 39.54 -12.33 -9.49
CA SER A 734 40.96 -12.23 -9.18
C SER A 734 41.40 -10.78 -9.40
N GLY A 735 42.68 -10.53 -9.18
CA GLY A 735 43.26 -9.26 -9.51
C GLY A 735 42.88 -8.12 -8.59
N ALA A 736 43.48 -6.96 -8.81
CA ALA A 736 43.29 -5.80 -7.94
C ALA A 736 42.68 -4.65 -8.72
N VAL A 737 41.96 -3.79 -7.99
CA VAL A 737 41.38 -2.57 -8.53
C VAL A 737 41.81 -1.45 -7.59
N PHE A 738 42.71 -0.59 -8.05
CA PHE A 738 43.14 0.53 -7.24
C PHE A 738 42.33 1.77 -7.58
N TRP A 739 42.42 2.78 -6.71
CA TRP A 739 41.69 4.01 -6.92
C TRP A 739 42.46 5.16 -6.32
N SER A 740 42.51 6.28 -7.05
CA SER A 740 43.15 7.53 -6.64
C SER A 740 44.62 7.37 -6.26
N LYS A 765 39.65 3.63 -0.87
CA LYS A 765 38.24 3.80 -1.17
C LYS A 765 38.06 4.48 -2.51
N ARG A 766 36.85 4.45 -3.04
CA ARG A 766 36.63 4.88 -4.41
C ARG A 766 36.52 6.40 -4.52
N GLY A 767 35.52 6.98 -3.87
CA GLY A 767 35.17 8.36 -4.11
C GLY A 767 34.12 8.44 -5.17
N PRO A 768 33.31 9.51 -5.18
CA PRO A 768 32.18 9.57 -6.10
C PRO A 768 32.63 9.85 -7.53
N VAL A 769 32.06 9.11 -8.47
CA VAL A 769 32.24 9.37 -9.89
C VAL A 769 30.93 9.92 -10.44
N ALA A 770 30.99 10.42 -11.66
CA ALA A 770 29.82 10.98 -12.32
C ALA A 770 29.40 10.01 -13.42
N TYR A 771 28.57 9.05 -13.07
CA TYR A 771 28.17 8.02 -14.01
C TYR A 771 26.95 8.46 -14.80
N ALA A 772 26.99 8.24 -16.12
CA ALA A 772 25.86 8.48 -17.01
C ALA A 772 25.71 7.23 -17.86
N SER A 773 24.74 6.39 -17.52
CA SER A 773 24.69 5.02 -18.03
C SER A 773 24.32 4.99 -19.50
N GLN A 774 24.43 3.79 -20.08
CA GLN A 774 24.07 3.60 -21.49
C GLN A 774 22.58 3.77 -21.69
N LYS A 775 21.78 3.31 -20.74
CA LYS A 775 20.36 3.59 -20.71
C LYS A 775 20.10 4.71 -19.73
N PRO A 776 19.58 5.85 -20.16
CA PRO A 776 19.47 7.01 -19.25
C PRO A 776 18.39 6.81 -18.22
N TRP A 777 18.65 7.34 -17.02
CA TRP A 777 17.78 7.17 -15.88
C TRP A 777 17.36 8.54 -15.37
N LEU A 778 16.05 8.77 -15.34
CA LEU A 778 15.48 10.03 -14.90
C LEU A 778 14.73 9.85 -13.60
N LEU A 779 14.81 10.85 -12.73
CA LEU A 779 14.03 10.86 -11.52
C LEU A 779 12.58 11.20 -11.83
N ASN A 780 11.73 11.05 -10.82
CA ASN A 780 10.36 11.54 -10.92
C ASN A 780 10.27 12.95 -10.34
N ALA A 781 11.06 13.85 -10.93
CA ALA A 781 11.16 15.22 -10.46
C ALA A 781 11.20 16.12 -11.68
N THR A 782 11.52 17.39 -11.46
CA THR A 782 11.53 18.36 -12.53
C THR A 782 12.78 18.20 -13.39
N VAL A 783 12.87 18.99 -14.46
CA VAL A 783 14.05 18.96 -15.31
C VAL A 783 15.26 19.49 -14.56
N GLU A 784 15.06 20.53 -13.76
CA GLU A 784 16.16 21.09 -12.97
C GLU A 784 16.59 20.14 -11.87
N GLU A 785 15.64 19.49 -11.20
CA GLU A 785 15.95 18.71 -10.01
C GLU A 785 16.64 17.38 -10.31
N ASN A 786 16.60 16.88 -11.54
CA ASN A 786 17.40 15.72 -11.88
C ASN A 786 18.58 16.07 -12.79
N ILE A 787 18.76 17.34 -13.13
CA ILE A 787 20.04 17.77 -13.68
C ILE A 787 21.00 18.14 -12.55
N ILE A 788 20.53 18.87 -11.54
CA ILE A 788 21.41 19.20 -10.43
C ILE A 788 21.67 17.97 -9.56
N PHE A 789 20.64 17.13 -9.36
CA PHE A 789 20.71 15.84 -8.66
C PHE A 789 21.33 15.97 -7.26
N GLU A 790 20.59 16.67 -6.40
CA GLU A 790 20.90 16.82 -4.97
C GLU A 790 22.23 17.52 -4.72
N SER A 791 22.66 18.35 -5.66
CA SER A 791 23.87 19.14 -5.52
C SER A 791 23.51 20.58 -5.18
N PRO A 792 24.46 21.38 -4.70
CA PRO A 792 24.19 22.82 -4.56
C PRO A 792 23.93 23.48 -5.91
N PHE A 793 22.82 24.21 -5.98
CA PHE A 793 22.42 24.88 -7.21
C PHE A 793 23.31 26.09 -7.43
N ASN A 794 24.15 26.03 -8.45
CA ASN A 794 24.94 27.17 -8.90
C ASN A 794 24.41 27.57 -10.27
N LYS A 795 23.96 28.82 -10.40
CA LYS A 795 23.22 29.23 -11.58
C LYS A 795 24.13 29.32 -12.80
N GLN A 796 25.35 29.83 -12.63
CA GLN A 796 26.25 29.97 -13.76
C GLN A 796 26.74 28.62 -14.25
N ARG A 797 27.04 27.71 -13.34
CA ARG A 797 27.46 26.38 -13.75
C ARG A 797 26.30 25.59 -14.35
N TYR A 798 25.08 25.81 -13.85
CA TYR A 798 23.90 25.21 -14.45
C TYR A 798 23.67 25.73 -15.86
N LYS A 799 23.93 27.02 -16.07
CA LYS A 799 23.75 27.59 -17.40
C LYS A 799 24.82 27.09 -18.36
N MET A 800 26.05 26.93 -17.88
CA MET A 800 27.10 26.36 -18.73
C MET A 800 26.85 24.89 -19.00
N VAL A 801 26.16 24.19 -18.10
CA VAL A 801 25.85 22.78 -18.33
C VAL A 801 24.74 22.64 -19.35
N ILE A 802 23.66 23.40 -19.21
CA ILE A 802 22.56 23.26 -20.16
C ILE A 802 22.81 23.99 -21.47
N GLU A 803 23.83 24.84 -21.54
CA GLU A 803 24.19 25.44 -22.83
C GLU A 803 25.15 24.57 -23.61
N ALA A 804 26.04 23.86 -22.93
CA ALA A 804 26.93 22.93 -23.61
C ALA A 804 26.18 21.71 -24.11
N CYS A 805 25.12 21.30 -23.41
CA CYS A 805 24.32 20.18 -23.85
C CYS A 805 23.33 20.55 -24.94
N SER A 806 23.19 21.84 -25.26
CA SER A 806 22.15 22.39 -26.15
C SER A 806 20.77 21.91 -25.74
N LEU A 807 20.49 22.04 -24.45
CA LEU A 807 19.23 21.64 -23.86
C LEU A 807 18.25 22.79 -23.73
N GLN A 808 18.69 24.01 -23.98
CA GLN A 808 17.86 25.21 -23.83
C GLN A 808 16.67 25.29 -24.82
N PRO A 809 16.82 25.02 -26.13
CA PRO A 809 15.62 25.05 -26.97
C PRO A 809 14.66 23.92 -26.70
N ASP A 810 15.13 22.77 -26.21
CA ASP A 810 14.20 21.73 -25.79
C ASP A 810 13.55 22.07 -24.46
N ILE A 811 14.22 22.89 -23.65
CA ILE A 811 13.65 23.30 -22.37
C ILE A 811 12.56 24.33 -22.58
N ASP A 812 12.73 25.20 -23.59
CA ASP A 812 11.74 26.26 -23.84
C ASP A 812 10.41 25.72 -24.35
N ILE A 813 10.42 24.61 -25.09
CA ILE A 813 9.18 24.04 -25.61
C ILE A 813 8.41 23.30 -24.52
N LEU A 814 9.06 22.93 -23.42
CA LEU A 814 8.41 22.26 -22.31
C LEU A 814 7.38 23.19 -21.66
N PRO A 815 6.31 22.64 -21.08
CA PRO A 815 5.21 23.51 -20.62
C PRO A 815 5.55 24.42 -19.47
N HIS A 816 6.42 24.00 -18.55
CA HIS A 816 6.77 24.84 -17.42
C HIS A 816 8.23 25.29 -17.44
N GLY A 817 8.98 24.94 -18.48
CA GLY A 817 10.37 25.32 -18.56
C GLY A 817 11.27 24.45 -17.72
N ASP A 818 11.92 25.03 -16.71
CA ASP A 818 12.83 24.29 -15.86
C ASP A 818 12.14 23.52 -14.75
N GLN A 819 10.82 23.62 -14.62
CA GLN A 819 10.11 23.03 -13.50
C GLN A 819 8.94 22.20 -13.97
N THR A 820 9.16 21.36 -14.98
CA THR A 820 8.13 20.45 -15.46
C THR A 820 8.49 19.02 -15.05
N GLN A 821 7.51 18.32 -14.47
CA GLN A 821 7.77 17.02 -13.85
C GLN A 821 8.00 15.94 -14.89
N ILE A 822 9.26 15.69 -15.23
CA ILE A 822 9.61 14.63 -16.17
C ILE A 822 9.82 13.33 -15.41
N GLY A 823 9.89 12.22 -16.13
CA GLY A 823 10.13 10.94 -15.51
C GLY A 823 9.10 9.91 -15.91
N GLU A 824 8.83 8.94 -15.04
CA GLU A 824 7.80 7.95 -15.33
C GLU A 824 6.41 8.52 -15.12
N ARG A 825 6.17 9.16 -13.98
CA ARG A 825 4.86 9.71 -13.66
C ARG A 825 4.79 11.19 -14.04
N GLY A 826 5.02 11.45 -15.32
CA GLY A 826 4.97 12.81 -15.82
C GLY A 826 5.00 12.91 -17.33
N ILE A 827 5.54 14.00 -17.83
CA ILE A 827 5.59 14.25 -19.27
C ILE A 827 6.66 13.36 -19.89
N ASN A 828 6.27 12.60 -20.92
CA ASN A 828 7.19 11.71 -21.60
C ASN A 828 8.07 12.52 -22.55
N LEU A 829 9.38 12.49 -22.31
CA LEU A 829 10.33 13.20 -23.15
C LEU A 829 10.64 12.40 -24.40
N SER A 830 11.52 12.94 -25.23
CA SER A 830 11.94 12.27 -26.45
C SER A 830 13.03 11.26 -26.12
N GLY A 831 13.68 10.71 -27.15
CA GLY A 831 14.74 9.77 -26.92
C GLY A 831 16.09 10.42 -26.68
N GLY A 832 16.32 11.59 -27.26
CA GLY A 832 17.58 12.27 -27.10
C GLY A 832 17.57 13.26 -25.97
N GLN A 833 16.38 13.72 -25.59
CA GLN A 833 16.27 14.69 -24.52
C GLN A 833 16.60 14.07 -23.17
N ARG A 834 16.15 12.84 -22.93
CA ARG A 834 16.45 12.20 -21.66
C ARG A 834 17.92 11.80 -21.57
N GLN A 835 18.53 11.45 -22.70
CA GLN A 835 19.95 11.15 -22.68
C GLN A 835 20.76 12.41 -22.48
N ARG A 836 20.33 13.54 -23.04
CA ARG A 836 21.03 14.79 -22.81
C ARG A 836 20.85 15.27 -21.38
N ILE A 837 19.70 14.98 -20.76
CA ILE A 837 19.52 15.32 -19.36
C ILE A 837 20.40 14.45 -18.48
N SER A 838 20.48 13.16 -18.80
CA SER A 838 21.33 12.25 -18.01
C SER A 838 22.81 12.54 -18.20
N VAL A 839 23.19 13.09 -19.36
CA VAL A 839 24.57 13.53 -19.55
C VAL A 839 24.81 14.82 -18.77
N ALA A 840 23.86 15.75 -18.85
CA ALA A 840 23.97 17.03 -18.14
C ALA A 840 23.99 16.87 -16.63
N ARG A 841 23.44 15.78 -16.11
CA ARG A 841 23.59 15.49 -14.69
C ARG A 841 25.03 15.20 -14.33
N ALA A 842 25.75 14.52 -15.21
CA ALA A 842 27.12 14.12 -14.92
C ALA A 842 28.10 15.29 -15.02
N LEU A 843 27.77 16.33 -15.77
CA LEU A 843 28.65 17.48 -15.92
C LEU A 843 28.48 18.52 -14.81
N TYR A 844 27.77 18.18 -13.75
CA TYR A 844 27.39 19.12 -12.70
C TYR A 844 27.68 18.53 -11.33
N GLN A 845 28.92 18.07 -11.10
CA GLN A 845 29.14 17.35 -9.86
C GLN A 845 30.38 17.74 -9.06
N HIS A 846 31.41 18.27 -9.72
CA HIS A 846 32.79 18.26 -9.22
C HIS A 846 33.20 16.87 -8.76
N ALA A 847 32.83 15.85 -9.52
CA ALA A 847 33.12 14.48 -9.12
C ALA A 847 34.56 14.09 -9.40
N ASN A 848 35.24 14.81 -10.28
CA ASN A 848 36.64 14.68 -10.71
C ASN A 848 36.92 13.42 -11.50
N VAL A 849 35.97 12.52 -11.67
CA VAL A 849 36.12 11.40 -12.58
C VAL A 849 34.75 11.06 -13.16
N VAL A 850 34.61 11.20 -14.47
CA VAL A 850 33.33 11.08 -15.15
C VAL A 850 33.32 9.80 -15.95
N PHE A 851 32.30 8.98 -15.75
CA PHE A 851 32.14 7.72 -16.47
C PHE A 851 30.99 7.92 -17.45
N LEU A 852 31.30 8.44 -18.62
CA LEU A 852 30.28 8.69 -19.64
C LEU A 852 30.16 7.45 -20.50
N ASP A 853 29.26 6.55 -20.12
CA ASP A 853 28.82 5.52 -21.03
C ASP A 853 28.04 6.16 -22.17
N ASP A 854 27.93 5.43 -23.29
CA ASP A 854 27.77 5.93 -24.67
C ASP A 854 26.70 7.01 -24.81
N PRO A 855 27.10 8.26 -24.93
CA PRO A 855 26.14 9.36 -24.87
C PRO A 855 25.69 9.85 -26.24
N PHE A 856 26.33 9.37 -27.30
CA PHE A 856 26.05 9.82 -28.64
C PHE A 856 25.10 8.88 -29.37
N SER A 857 24.34 8.07 -28.63
CA SER A 857 23.47 7.10 -29.26
C SER A 857 22.26 7.77 -29.89
N ALA A 858 21.59 8.64 -29.14
CA ALA A 858 20.37 9.26 -29.62
C ALA A 858 20.58 10.65 -30.20
N LEU A 859 21.70 11.28 -29.94
CA LEU A 859 21.96 12.60 -30.49
C LEU A 859 22.40 12.48 -31.94
N ASP A 860 22.11 13.51 -32.73
CA ASP A 860 22.57 13.55 -34.11
C ASP A 860 23.93 14.22 -34.16
N ILE A 861 24.38 14.56 -35.38
CA ILE A 861 25.73 15.08 -35.56
C ILE A 861 25.87 16.48 -35.01
N HIS A 862 24.87 17.34 -35.25
CA HIS A 862 24.99 18.73 -34.83
C HIS A 862 24.86 18.91 -33.33
N LEU A 863 24.22 17.97 -32.64
CA LEU A 863 24.22 18.00 -31.19
C LEU A 863 25.43 17.30 -30.61
N SER A 864 25.92 16.24 -31.26
CA SER A 864 27.05 15.50 -30.72
C SER A 864 28.35 16.29 -30.87
N ASP A 865 28.51 17.03 -31.96
CA ASP A 865 29.71 17.84 -32.14
C ASP A 865 29.73 19.04 -31.21
N HIS A 866 28.57 19.47 -30.72
CA HIS A 866 28.49 20.54 -29.75
C HIS A 866 28.64 20.04 -28.32
N LEU A 867 28.13 18.85 -28.04
CA LEU A 867 28.34 18.22 -26.73
C LEU A 867 29.77 17.72 -26.58
N MET A 868 30.47 17.50 -27.68
CA MET A 868 31.86 17.07 -27.60
C MET A 868 32.81 18.26 -27.47
N GLN A 869 32.54 19.34 -28.19
CA GLN A 869 33.40 20.52 -28.09
C GLN A 869 33.21 21.23 -26.76
N ALA A 870 32.01 21.76 -26.53
CA ALA A 870 31.66 22.28 -25.22
C ALA A 870 31.13 21.12 -24.39
N GLY A 871 31.59 21.02 -23.15
CA GLY A 871 31.29 19.82 -22.40
C GLY A 871 32.51 18.96 -22.18
N ILE A 872 32.66 17.91 -22.99
CA ILE A 872 33.73 16.95 -22.80
C ILE A 872 35.10 17.57 -23.06
N LEU A 873 35.19 18.58 -23.91
CA LEU A 873 36.46 19.22 -24.19
C LEU A 873 36.58 20.65 -23.66
N GLU A 874 35.53 21.22 -23.14
CA GLU A 874 35.65 22.59 -22.64
C GLU A 874 35.16 22.74 -21.20
N LEU A 875 34.13 22.00 -20.80
CA LEU A 875 33.72 22.04 -19.40
C LEU A 875 34.54 21.09 -18.55
N LEU A 876 35.11 20.05 -19.14
CA LEU A 876 35.84 19.04 -18.39
C LEU A 876 37.31 18.97 -18.76
N ARG A 877 37.78 19.85 -19.65
CA ARG A 877 39.21 19.98 -19.89
C ARG A 877 39.78 21.30 -19.40
N ASP A 878 38.95 22.34 -19.29
CA ASP A 878 39.35 23.51 -18.52
C ASP A 878 39.39 23.17 -17.04
N ASP A 879 38.25 22.79 -16.49
CA ASP A 879 38.21 22.18 -15.17
C ASP A 879 38.77 20.77 -15.28
N LYS A 880 39.92 20.51 -14.65
CA LYS A 880 40.66 19.27 -14.88
C LYS A 880 39.94 18.10 -14.21
N ARG A 881 38.97 17.55 -14.93
CA ARG A 881 38.21 16.40 -14.48
C ARG A 881 38.48 15.22 -15.41
N THR A 882 38.62 14.04 -14.83
CA THR A 882 38.89 12.83 -15.59
C THR A 882 37.64 12.40 -16.35
N VAL A 883 37.75 12.25 -17.66
CA VAL A 883 36.64 11.83 -18.49
C VAL A 883 36.96 10.46 -19.05
N VAL A 884 36.08 9.50 -18.81
CA VAL A 884 36.16 8.18 -19.41
C VAL A 884 34.95 8.02 -20.31
N LEU A 885 35.16 8.03 -21.62
CA LEU A 885 34.09 8.16 -22.58
C LEU A 885 34.00 6.90 -23.43
N VAL A 886 33.02 6.07 -23.16
CA VAL A 886 32.72 4.95 -24.03
C VAL A 886 32.02 5.49 -25.27
N THR A 887 32.53 5.17 -26.45
CA THR A 887 31.96 5.73 -27.65
C THR A 887 32.10 4.78 -28.83
N HIS A 888 31.19 4.92 -29.79
CA HIS A 888 31.32 4.29 -31.09
C HIS A 888 31.68 5.28 -32.18
N LYS A 889 31.55 6.57 -31.94
CA LYS A 889 31.95 7.60 -32.88
C LYS A 889 33.46 7.70 -32.86
N LEU A 890 34.10 7.12 -33.86
CA LEU A 890 35.55 7.11 -33.94
C LEU A 890 36.13 8.40 -34.50
N GLN A 891 35.28 9.32 -35.00
CA GLN A 891 35.76 10.62 -35.45
C GLN A 891 36.30 11.46 -34.30
N TYR A 892 35.84 11.20 -33.08
CA TYR A 892 36.38 11.84 -31.90
C TYR A 892 37.61 11.12 -31.36
N LEU A 893 38.05 10.04 -32.02
CA LEU A 893 39.27 9.38 -31.60
C LEU A 893 40.55 10.22 -31.63
N PRO A 894 40.70 11.27 -32.45
CA PRO A 894 41.83 12.20 -32.22
C PRO A 894 41.83 12.88 -30.86
N HIS A 895 40.67 13.14 -30.28
CA HIS A 895 40.59 13.98 -29.09
C HIS A 895 40.93 13.26 -27.80
N ALA A 896 41.32 12.01 -27.84
CA ALA A 896 41.54 11.24 -26.63
C ALA A 896 43.02 11.25 -26.23
N ASP A 897 43.27 10.98 -24.96
CA ASP A 897 44.62 10.87 -24.46
C ASP A 897 44.98 9.43 -24.06
N TRP A 898 44.01 8.53 -24.00
CA TRP A 898 44.28 7.14 -23.65
C TRP A 898 43.15 6.29 -24.26
N ILE A 899 43.40 5.71 -25.43
CA ILE A 899 42.37 4.95 -26.12
C ILE A 899 42.46 3.50 -25.69
N ILE A 900 41.41 2.99 -25.06
CA ILE A 900 41.34 1.61 -24.66
C ILE A 900 40.51 0.86 -25.68
N ALA A 901 41.02 -0.28 -26.15
CA ALA A 901 40.36 -1.05 -27.19
C ALA A 901 40.17 -2.47 -26.68
N MET A 902 38.93 -2.94 -26.71
CA MET A 902 38.59 -4.24 -26.16
C MET A 902 38.19 -5.20 -27.26
N LYS A 903 38.20 -6.48 -26.92
CA LYS A 903 37.84 -7.53 -27.86
C LYS A 903 37.42 -8.75 -27.04
N ASP A 904 36.11 -9.03 -27.02
CA ASP A 904 35.51 -10.19 -26.34
C ASP A 904 35.81 -10.20 -24.84
N GLY A 905 35.82 -9.02 -24.24
CA GLY A 905 35.99 -8.90 -22.80
C GLY A 905 37.39 -8.50 -22.40
N THR A 906 38.39 -9.13 -23.00
CA THR A 906 39.76 -8.77 -22.73
C THR A 906 40.11 -7.48 -23.45
N ILE A 907 40.95 -6.66 -22.82
CA ILE A 907 41.47 -5.50 -23.52
C ILE A 907 42.47 -5.95 -24.57
N GLN A 908 42.37 -5.38 -25.76
CA GLN A 908 43.30 -5.73 -26.82
C GLN A 908 44.55 -4.86 -26.75
N ARG A 909 44.37 -3.55 -26.61
CA ARG A 909 45.49 -2.62 -26.53
C ARG A 909 45.01 -1.35 -25.88
N GLU A 910 45.94 -0.65 -25.21
CA GLU A 910 45.68 0.66 -24.65
C GLU A 910 46.89 1.53 -24.94
N GLY A 911 46.68 2.84 -24.88
CA GLY A 911 47.71 3.81 -25.17
C GLY A 911 47.19 4.87 -26.12
N THR A 912 48.11 5.68 -26.61
CA THR A 912 47.73 6.77 -27.48
C THR A 912 47.62 6.29 -28.93
N LEU A 913 47.30 7.24 -29.83
CA LEU A 913 47.19 6.93 -31.24
C LEU A 913 48.53 6.55 -31.84
N LYS A 914 49.62 7.10 -31.32
CA LYS A 914 50.94 6.65 -31.70
C LYS A 914 51.17 5.20 -31.30
N ASP A 915 50.72 4.83 -30.08
CA ASP A 915 50.83 3.46 -29.61
C ASP A 915 49.95 2.52 -30.43
N PHE A 916 48.89 3.02 -31.03
CA PHE A 916 48.05 2.16 -31.85
C PHE A 916 48.51 2.07 -33.30
N GLN A 917 49.15 3.10 -33.82
CA GLN A 917 49.65 3.04 -35.19
C GLN A 917 51.03 2.42 -35.29
N ARG A 918 51.76 2.34 -34.18
CA ARG A 918 53.09 1.76 -34.23
C ARG A 918 53.08 0.29 -33.84
N SER A 919 52.33 -0.07 -32.80
CA SER A 919 52.34 -1.41 -32.24
C SER A 919 51.22 -2.30 -32.75
N GLU A 920 50.01 -1.75 -32.89
CA GLU A 920 48.86 -2.55 -33.31
C GLU A 920 48.76 -2.65 -34.83
N CYS A 921 48.61 -1.49 -35.50
CA CYS A 921 48.71 -1.25 -36.95
C CYS A 921 47.72 -2.04 -37.81
N GLN A 922 46.81 -2.79 -37.18
CA GLN A 922 45.74 -3.48 -37.87
C GLN A 922 44.39 -2.96 -37.43
N LEU A 923 44.19 -2.78 -36.13
CA LEU A 923 43.05 -2.04 -35.63
C LEU A 923 43.15 -0.57 -36.00
N PHE A 924 44.37 -0.04 -36.13
CA PHE A 924 44.54 1.35 -36.56
C PHE A 924 44.09 1.54 -38.01
N GLU A 925 44.51 0.64 -38.89
CA GLU A 925 44.04 0.68 -40.27
C GLU A 925 42.56 0.36 -40.35
N HIS A 926 42.06 -0.48 -39.46
CA HIS A 926 40.63 -0.77 -39.43
C HIS A 926 39.82 0.43 -38.96
N TRP A 927 40.40 1.28 -38.11
CA TRP A 927 39.76 2.54 -37.77
C TRP A 927 39.81 3.51 -38.95
N LYS A 928 40.94 3.55 -39.64
CA LYS A 928 41.11 4.51 -40.73
C LYS A 928 40.21 4.18 -41.92
N THR A 929 39.97 2.91 -42.20
CA THR A 929 39.07 2.53 -43.27
C THR A 929 37.62 2.43 -42.82
N LEU A 930 37.31 2.79 -41.58
CA LEU A 930 35.94 2.77 -41.12
C LEU A 930 35.25 4.11 -41.29
N MET A 931 35.98 5.20 -41.06
CA MET A 931 35.48 6.54 -41.34
C MET A 931 35.95 7.06 -42.69
N ASN A 932 36.38 6.15 -43.57
CA ASN A 932 37.01 6.37 -44.88
C ASN A 932 37.98 7.56 -44.86
N ARG A 933 38.96 7.47 -43.97
CA ARG A 933 40.02 8.46 -43.84
C ARG A 933 41.37 7.86 -44.22
N GLN A 934 41.39 7.08 -45.30
CA GLN A 934 42.64 6.52 -45.80
C GLN A 934 43.53 7.58 -46.41
N ASP A 935 42.94 8.61 -47.02
CA ASP A 935 43.70 9.72 -47.58
C ASP A 935 43.87 10.86 -46.58
N GLN A 936 44.28 10.49 -45.37
CA GLN A 936 44.52 11.40 -44.26
C GLN A 936 45.33 10.62 -43.22
N GLU A 937 45.40 11.16 -42.01
CA GLU A 937 46.08 10.48 -40.92
C GLU A 937 45.35 10.70 -39.62
N LEU A 938 45.28 9.65 -38.79
CA LEU A 938 44.72 9.74 -37.46
C LEU A 938 45.85 10.14 -36.50
N GLU A 939 45.74 11.34 -35.94
CA GLU A 939 46.71 11.82 -34.97
C GLU A 939 45.99 12.67 -33.94
N LYS A 940 46.63 12.85 -32.79
CA LYS A 940 46.03 13.62 -31.72
C LYS A 940 46.00 15.10 -32.09
N GLU A 941 44.92 15.77 -31.70
CA GLU A 941 44.76 17.18 -32.00
C GLU A 941 45.65 18.01 -31.09
N THR A 942 46.37 18.97 -31.68
CA THR A 942 47.25 19.86 -30.92
C THR A 942 46.46 21.10 -30.51
N VAL A 943 45.57 20.88 -29.54
CA VAL A 943 44.67 21.93 -29.08
C VAL A 943 45.42 22.97 -28.25
N PRO A 996 -25.19 7.27 -3.50
CA PRO A 996 -24.05 6.44 -3.90
C PRO A 996 -23.56 6.75 -5.31
N TRP A 997 -22.35 6.27 -5.63
CA TRP A 997 -21.73 6.55 -6.91
C TRP A 997 -22.26 5.60 -7.97
N ARG A 998 -21.84 5.83 -9.21
CA ARG A 998 -22.17 4.94 -10.31
C ARG A 998 -21.29 3.69 -10.31
N ALA A 999 -20.20 3.69 -9.55
CA ALA A 999 -19.36 2.51 -9.46
C ALA A 999 -20.05 1.39 -8.70
N CYS A 1000 -20.94 1.72 -7.76
CA CYS A 1000 -21.71 0.70 -7.07
C CYS A 1000 -22.69 0.03 -8.02
N ALA A 1001 -23.31 0.81 -8.90
CA ALA A 1001 -24.16 0.21 -9.94
C ALA A 1001 -23.35 -0.58 -10.95
N LYS A 1002 -22.14 -0.11 -11.27
CA LYS A 1002 -21.27 -0.84 -12.18
C LYS A 1002 -20.84 -2.17 -11.58
N TYR A 1003 -20.61 -2.21 -10.27
CA TYR A 1003 -20.39 -3.48 -9.59
C TYR A 1003 -21.66 -4.32 -9.59
N LEU A 1004 -22.82 -3.68 -9.52
CA LEU A 1004 -24.07 -4.43 -9.47
C LEU A 1004 -24.67 -4.71 -10.83
N SER A 1005 -24.22 -4.02 -11.89
CA SER A 1005 -24.67 -4.36 -13.23
C SER A 1005 -23.73 -5.32 -13.95
N SER A 1006 -22.49 -5.45 -13.48
CA SER A 1006 -21.59 -6.48 -13.97
C SER A 1006 -21.75 -7.79 -13.23
N ALA A 1007 -22.72 -7.89 -12.34
CA ALA A 1007 -23.03 -9.13 -11.65
C ALA A 1007 -24.16 -9.90 -12.31
N GLY A 1008 -25.10 -9.21 -12.94
CA GLY A 1008 -26.25 -9.85 -13.54
C GLY A 1008 -27.45 -9.87 -12.61
N ILE A 1009 -28.63 -9.71 -13.21
CA ILE A 1009 -29.83 -9.59 -12.39
C ILE A 1009 -30.26 -10.93 -11.81
N LEU A 1010 -29.91 -12.05 -12.46
CA LEU A 1010 -30.26 -13.36 -11.91
C LEU A 1010 -29.43 -13.68 -10.68
N LEU A 1011 -28.18 -13.25 -10.66
CA LEU A 1011 -27.35 -13.43 -9.48
C LEU A 1011 -27.65 -12.38 -8.42
N LEU A 1012 -28.05 -11.18 -8.83
CA LEU A 1012 -28.30 -10.12 -7.87
C LEU A 1012 -29.63 -10.33 -7.13
N SER A 1013 -30.65 -10.82 -7.83
CA SER A 1013 -31.90 -11.13 -7.16
C SER A 1013 -31.77 -12.36 -6.27
N LEU A 1014 -30.84 -13.25 -6.60
CA LEU A 1014 -30.53 -14.37 -5.75
C LEU A 1014 -29.64 -13.96 -4.58
N LEU A 1015 -28.98 -12.81 -4.68
CA LEU A 1015 -28.20 -12.29 -3.57
C LEU A 1015 -29.06 -11.45 -2.62
N VAL A 1016 -29.94 -10.62 -3.15
CA VAL A 1016 -30.74 -9.74 -2.31
C VAL A 1016 -31.84 -10.53 -1.60
N PHE A 1017 -32.62 -11.30 -2.34
CA PHE A 1017 -33.76 -12.02 -1.78
C PHE A 1017 -33.39 -13.32 -1.09
N SER A 1018 -32.10 -13.58 -0.87
CA SER A 1018 -31.68 -14.69 -0.03
C SER A 1018 -30.85 -14.25 1.16
N GLN A 1019 -30.63 -12.95 1.32
CA GLN A 1019 -30.11 -12.41 2.57
C GLN A 1019 -31.19 -11.75 3.42
N LEU A 1020 -32.19 -11.15 2.78
CA LEU A 1020 -33.39 -10.76 3.50
C LEU A 1020 -34.21 -11.94 3.97
N LEU A 1021 -34.03 -13.11 3.34
CA LEU A 1021 -34.72 -14.31 3.77
C LEU A 1021 -33.99 -15.05 4.87
N LYS A 1022 -32.68 -14.82 5.03
CA LYS A 1022 -31.97 -15.46 6.13
C LYS A 1022 -32.25 -14.75 7.45
N HIS A 1023 -32.20 -13.41 7.44
CA HIS A 1023 -32.43 -12.66 8.67
C HIS A 1023 -33.90 -12.54 9.03
N MET A 1024 -34.81 -12.79 8.08
CA MET A 1024 -36.21 -12.97 8.44
C MET A 1024 -36.46 -14.33 9.05
N VAL A 1025 -35.55 -15.28 8.82
CA VAL A 1025 -35.63 -16.58 9.48
C VAL A 1025 -34.97 -16.54 10.85
N LEU A 1026 -33.81 -15.88 10.95
CA LEU A 1026 -33.05 -15.82 12.20
C LEU A 1026 -33.80 -15.07 13.28
N VAL A 1027 -34.66 -14.11 12.90
CA VAL A 1027 -35.52 -13.47 13.89
C VAL A 1027 -36.61 -14.44 14.35
N ALA A 1028 -37.19 -15.19 13.42
CA ALA A 1028 -38.18 -16.19 13.80
C ALA A 1028 -37.59 -17.36 14.57
N ILE A 1029 -36.28 -17.58 14.46
CA ILE A 1029 -35.60 -18.53 15.32
C ILE A 1029 -35.52 -17.98 16.74
N ASP A 1030 -35.41 -16.66 16.88
CA ASP A 1030 -35.38 -16.01 18.19
C ASP A 1030 -36.73 -15.46 18.62
N TYR A 1031 -37.71 -15.36 17.72
CA TYR A 1031 -39.07 -15.08 18.18
C TYR A 1031 -39.73 -16.35 18.68
N TRP A 1032 -39.47 -17.48 18.03
CA TRP A 1032 -39.61 -18.75 18.72
C TRP A 1032 -38.54 -18.82 19.78
N LEU A 1033 -38.81 -19.60 20.84
CA LEU A 1033 -38.21 -19.63 22.18
C LEU A 1033 -38.68 -18.43 23.02
N ALA A 1034 -39.39 -17.46 22.44
CA ALA A 1034 -40.16 -16.51 23.21
C ALA A 1034 -41.64 -16.88 23.21
N LYS A 1035 -42.07 -17.69 22.26
CA LYS A 1035 -43.36 -18.35 22.35
C LYS A 1035 -43.27 -19.72 22.99
N TRP A 1036 -42.06 -20.27 23.08
CA TRP A 1036 -41.83 -21.57 23.69
C TRP A 1036 -41.58 -21.46 25.19
N THR A 1037 -40.64 -20.61 25.61
CA THR A 1037 -40.30 -20.54 27.02
C THR A 1037 -41.38 -19.85 27.84
N ASP A 1038 -42.22 -19.03 27.21
CA ASP A 1038 -43.39 -18.55 27.91
C ASP A 1038 -44.45 -19.63 28.05
N SER A 1039 -44.38 -20.67 27.22
CA SER A 1039 -45.23 -21.85 27.37
C SER A 1039 -44.65 -22.87 28.32
N ALA A 1040 -43.46 -22.63 28.86
CA ALA A 1040 -42.84 -23.52 29.84
C ALA A 1040 -43.31 -23.26 31.26
N LEU A 1041 -44.17 -22.27 31.45
CA LEU A 1041 -44.65 -21.88 32.78
C LEU A 1041 -46.13 -22.21 32.94
N GLN A 1060 -46.73 -30.03 23.76
CA GLN A 1060 -45.63 -29.29 24.36
C GLN A 1060 -44.33 -29.56 23.62
N THR A 1061 -44.27 -30.71 22.95
CA THR A 1061 -43.17 -31.01 22.04
C THR A 1061 -43.45 -30.51 20.63
N VAL A 1062 -44.58 -29.84 20.42
CA VAL A 1062 -44.87 -29.21 19.13
C VAL A 1062 -44.15 -27.87 18.98
N TYR A 1063 -43.62 -27.32 20.07
CA TYR A 1063 -42.78 -26.14 19.96
C TYR A 1063 -41.39 -26.49 19.47
N ALA A 1064 -40.89 -27.67 19.82
CA ALA A 1064 -39.57 -28.10 19.41
C ALA A 1064 -39.57 -28.77 18.05
N MET A 1065 -40.71 -29.32 17.62
CA MET A 1065 -40.79 -29.89 16.28
C MET A 1065 -40.80 -28.82 15.19
N VAL A 1066 -41.09 -27.57 15.53
CA VAL A 1066 -41.03 -26.46 14.60
C VAL A 1066 -39.86 -25.55 14.86
N PHE A 1067 -38.99 -25.90 15.81
CA PHE A 1067 -37.75 -25.18 16.01
C PHE A 1067 -36.60 -25.78 15.21
N THR A 1068 -36.65 -27.09 14.96
CA THR A 1068 -35.65 -27.70 14.08
C THR A 1068 -35.87 -27.29 12.64
N VAL A 1069 -37.12 -27.20 12.20
CA VAL A 1069 -37.42 -26.78 10.84
C VAL A 1069 -37.17 -25.30 10.62
N LEU A 1070 -37.01 -24.52 11.69
CA LEU A 1070 -36.54 -23.15 11.55
C LEU A 1070 -35.03 -23.06 11.66
N CYS A 1071 -34.41 -23.92 12.47
CA CYS A 1071 -32.96 -23.92 12.56
C CYS A 1071 -32.31 -24.60 11.36
N SER A 1072 -33.04 -25.49 10.67
CA SER A 1072 -32.53 -26.04 9.43
C SER A 1072 -32.72 -25.07 8.27
N LEU A 1073 -33.72 -24.20 8.36
CA LEU A 1073 -33.89 -23.12 7.39
C LEU A 1073 -32.99 -21.93 7.68
N GLY A 1074 -32.12 -22.02 8.68
CA GLY A 1074 -31.14 -21.00 8.94
C GLY A 1074 -29.76 -21.52 8.60
N ILE A 1075 -29.69 -22.78 8.18
CA ILE A 1075 -28.48 -23.36 7.62
C ILE A 1075 -28.55 -23.44 6.11
N VAL A 1076 -29.68 -23.89 5.58
CA VAL A 1076 -29.85 -23.95 4.13
C VAL A 1076 -30.14 -22.58 3.52
N LEU A 1077 -30.45 -21.58 4.34
CA LEU A 1077 -30.47 -20.20 3.89
C LEU A 1077 -29.19 -19.46 4.28
N CYS A 1078 -28.24 -20.17 4.88
CA CYS A 1078 -26.90 -19.65 5.13
C CYS A 1078 -25.91 -20.11 4.08
N LEU A 1079 -26.02 -21.38 3.66
CA LEU A 1079 -25.16 -21.92 2.62
C LEU A 1079 -25.36 -21.20 1.30
N VAL A 1080 -26.62 -20.90 0.96
CA VAL A 1080 -26.88 -20.23 -0.31
C VAL A 1080 -26.41 -18.79 -0.28
N THR A 1081 -26.46 -18.13 0.89
CA THR A 1081 -25.95 -16.77 0.99
C THR A 1081 -24.43 -16.75 0.87
N SER A 1082 -23.76 -17.68 1.56
CA SER A 1082 -22.31 -17.75 1.50
C SER A 1082 -21.79 -18.21 0.15
N VAL A 1083 -22.57 -18.93 -0.64
CA VAL A 1083 -22.07 -19.25 -1.98
C VAL A 1083 -22.38 -18.16 -2.99
N THR A 1084 -23.55 -17.49 -2.89
CA THR A 1084 -23.82 -16.45 -3.87
C THR A 1084 -23.04 -15.17 -3.64
N VAL A 1085 -22.58 -14.90 -2.41
CA VAL A 1085 -21.70 -13.76 -2.19
C VAL A 1085 -20.39 -13.96 -2.93
N GLU A 1086 -19.78 -15.13 -2.79
CA GLU A 1086 -18.51 -15.39 -3.47
C GLU A 1086 -18.69 -15.59 -4.96
N TRP A 1087 -19.85 -16.12 -5.38
CA TRP A 1087 -20.16 -16.23 -6.80
C TRP A 1087 -20.25 -14.85 -7.46
N THR A 1088 -20.91 -13.91 -6.78
CA THR A 1088 -20.97 -12.54 -7.27
C THR A 1088 -19.59 -11.89 -7.27
N GLY A 1089 -18.84 -12.06 -6.18
CA GLY A 1089 -17.51 -11.46 -6.09
C GLY A 1089 -16.50 -12.04 -7.04
N LEU A 1090 -16.74 -13.24 -7.56
CA LEU A 1090 -15.87 -13.80 -8.58
C LEU A 1090 -16.33 -13.47 -10.00
N LYS A 1091 -17.64 -13.49 -10.25
CA LYS A 1091 -18.15 -13.17 -11.58
C LYS A 1091 -17.98 -11.70 -11.91
N VAL A 1092 -17.95 -10.83 -10.91
CA VAL A 1092 -17.66 -9.43 -11.19
C VAL A 1092 -16.18 -9.23 -11.50
N ALA A 1093 -15.31 -9.90 -10.74
CA ALA A 1093 -13.87 -9.72 -10.92
C ALA A 1093 -13.36 -10.36 -12.19
N LYS A 1094 -14.04 -11.39 -12.70
CA LYS A 1094 -13.71 -11.90 -14.02
C LYS A 1094 -14.14 -10.94 -15.11
N ARG A 1095 -15.33 -10.34 -14.95
CA ARG A 1095 -15.87 -9.46 -15.97
C ARG A 1095 -15.22 -8.09 -15.97
N LEU A 1096 -14.54 -7.71 -14.89
CA LEU A 1096 -13.96 -6.38 -14.78
C LEU A 1096 -12.48 -6.34 -15.14
N HIS A 1097 -11.83 -7.48 -15.30
CA HIS A 1097 -10.46 -7.49 -15.80
C HIS A 1097 -10.38 -7.78 -17.28
N ARG A 1098 -11.26 -8.64 -17.79
CA ARG A 1098 -11.29 -8.89 -19.23
C ARG A 1098 -11.78 -7.66 -19.99
N SER A 1099 -12.79 -6.97 -19.45
CA SER A 1099 -13.30 -5.77 -20.10
C SER A 1099 -12.33 -4.59 -20.01
N LEU A 1100 -11.37 -4.64 -19.08
CA LEU A 1100 -10.33 -3.62 -19.01
C LEU A 1100 -9.15 -3.97 -19.89
N LEU A 1101 -8.80 -5.26 -19.97
CA LEU A 1101 -7.69 -5.68 -20.80
C LEU A 1101 -8.03 -5.57 -22.28
N ASN A 1102 -9.27 -5.83 -22.66
CA ASN A 1102 -9.66 -5.70 -24.05
C ASN A 1102 -9.78 -4.25 -24.50
N ARG A 1103 -9.87 -3.31 -23.56
CA ARG A 1103 -10.04 -1.90 -23.88
C ARG A 1103 -8.74 -1.12 -23.83
N ILE A 1104 -7.78 -1.57 -23.01
CA ILE A 1104 -6.49 -0.88 -22.95
C ILE A 1104 -5.68 -1.14 -24.20
N ILE A 1105 -5.81 -2.34 -24.76
CA ILE A 1105 -5.12 -2.70 -26.01
C ILE A 1105 -5.63 -1.85 -27.17
N LEU A 1106 -6.93 -1.59 -27.21
CA LEU A 1106 -7.53 -0.85 -28.31
C LEU A 1106 -7.27 0.65 -28.24
N ALA A 1107 -6.64 1.14 -27.18
CA ALA A 1107 -6.48 2.57 -26.99
C ALA A 1107 -5.41 3.11 -27.93
N PRO A 1108 -5.55 4.35 -28.40
CA PRO A 1108 -4.53 4.93 -29.28
C PRO A 1108 -3.25 5.24 -28.52
N MET A 1109 -2.17 5.42 -29.29
CA MET A 1109 -0.86 5.67 -28.71
C MET A 1109 -0.77 7.02 -28.03
N ARG A 1110 -1.65 7.96 -28.40
CA ARG A 1110 -1.72 9.24 -27.71
C ARG A 1110 -2.15 9.07 -26.26
N PHE A 1111 -2.98 8.05 -25.98
CA PHE A 1111 -3.38 7.79 -24.60
C PHE A 1111 -2.22 7.24 -23.78
N PHE A 1112 -1.38 6.40 -24.39
CA PHE A 1112 -0.23 5.87 -23.68
C PHE A 1112 0.89 6.89 -23.57
N GLU A 1113 0.91 7.90 -24.44
CA GLU A 1113 1.97 8.90 -24.37
C GLU A 1113 1.69 9.93 -23.28
N THR A 1114 0.45 10.43 -23.21
CA THR A 1114 0.14 11.49 -22.25
C THR A 1114 0.01 10.94 -20.83
N THR A 1115 -0.89 9.98 -20.63
CA THR A 1115 -1.15 9.46 -19.30
C THR A 1115 0.02 8.59 -18.84
N PRO A 1116 0.42 8.69 -17.57
CA PRO A 1116 1.57 7.91 -17.10
C PRO A 1116 1.25 6.43 -17.01
N LEU A 1117 2.29 5.62 -17.20
CA LEU A 1117 2.12 4.17 -17.17
C LEU A 1117 1.90 3.65 -15.76
N GLY A 1118 2.29 4.42 -14.75
CA GLY A 1118 2.09 3.98 -13.37
C GLY A 1118 0.63 3.87 -13.00
N SER A 1119 -0.21 4.76 -13.54
CA SER A 1119 -1.64 4.69 -13.25
C SER A 1119 -2.28 3.48 -13.92
N ILE A 1120 -1.96 3.25 -15.20
CA ILE A 1120 -2.53 2.11 -15.93
C ILE A 1120 -2.03 0.79 -15.36
N LEU A 1121 -0.82 0.76 -14.82
CA LEU A 1121 -0.37 -0.46 -14.17
C LEU A 1121 -0.98 -0.62 -12.78
N ASN A 1122 -1.22 0.48 -12.07
CA ASN A 1122 -1.83 0.38 -10.74
C ASN A 1122 -3.27 -0.04 -10.81
N ARG A 1123 -3.96 0.28 -11.92
CA ARG A 1123 -5.31 -0.25 -12.08
C ARG A 1123 -5.31 -1.75 -12.36
N PHE A 1124 -4.19 -2.29 -12.83
CA PHE A 1124 -4.06 -3.73 -13.06
C PHE A 1124 -3.45 -4.46 -11.87
N SER A 1125 -2.68 -3.76 -11.04
CA SER A 1125 -1.95 -4.41 -9.97
C SER A 1125 -2.67 -4.33 -8.63
N SER A 1126 -3.10 -3.14 -8.22
CA SER A 1126 -3.72 -2.97 -6.91
C SER A 1126 -5.23 -3.03 -6.96
N ASP A 1127 -5.85 -2.41 -7.96
CA ASP A 1127 -7.31 -2.38 -8.02
C ASP A 1127 -7.89 -3.71 -8.44
N CYS A 1128 -7.23 -4.41 -9.35
CA CYS A 1128 -7.64 -5.78 -9.67
C CYS A 1128 -7.17 -6.78 -8.62
N ASN A 1129 -6.48 -6.34 -7.59
CA ASN A 1129 -6.22 -7.14 -6.39
C ASN A 1129 -7.22 -6.87 -5.29
N THR A 1130 -7.75 -5.65 -5.20
CA THR A 1130 -8.75 -5.37 -4.18
C THR A 1130 -10.16 -5.73 -4.66
N ILE A 1131 -10.36 -5.84 -5.97
CA ILE A 1131 -11.69 -6.18 -6.47
C ILE A 1131 -11.99 -7.65 -6.24
N ASP A 1132 -11.03 -8.53 -6.50
CA ASP A 1132 -11.31 -9.96 -6.39
C ASP A 1132 -11.10 -10.50 -4.98
N GLN A 1133 -10.30 -9.83 -4.15
CA GLN A 1133 -9.90 -10.40 -2.88
C GLN A 1133 -10.42 -9.64 -1.67
N HIS A 1134 -10.90 -8.42 -1.84
CA HIS A 1134 -11.33 -7.63 -0.69
C HIS A 1134 -12.81 -7.29 -0.71
N ILE A 1135 -13.35 -6.93 -1.86
CA ILE A 1135 -14.78 -6.58 -1.98
C ILE A 1135 -15.71 -7.77 -1.75
N PRO A 1136 -15.46 -9.01 -2.20
CA PRO A 1136 -16.37 -10.10 -1.80
C PRO A 1136 -16.34 -10.47 -0.32
N SER A 1137 -15.37 -9.98 0.45
CA SER A 1137 -15.42 -10.15 1.89
C SER A 1137 -16.07 -8.95 2.57
N THR A 1138 -15.76 -7.74 2.09
CA THR A 1138 -16.33 -6.53 2.66
C THR A 1138 -17.83 -6.45 2.40
N LEU A 1139 -18.28 -6.91 1.23
CA LEU A 1139 -19.70 -6.94 0.92
C LEU A 1139 -20.44 -7.93 1.79
N GLU A 1140 -19.82 -9.08 2.07
CA GLU A 1140 -20.44 -10.09 2.94
C GLU A 1140 -20.56 -9.57 4.36
N CYS A 1141 -19.47 -8.98 4.89
CA CYS A 1141 -19.49 -8.45 6.24
C CYS A 1141 -20.46 -7.28 6.37
N LEU A 1142 -20.54 -6.44 5.33
CA LEU A 1142 -21.44 -5.30 5.34
C LEU A 1142 -22.89 -5.74 5.31
N SER A 1143 -23.22 -6.69 4.43
CA SER A 1143 -24.60 -7.15 4.32
C SER A 1143 -25.04 -7.89 5.57
N ARG A 1144 -24.17 -8.75 6.13
CA ARG A 1144 -24.53 -9.47 7.35
C ARG A 1144 -24.68 -8.53 8.54
N SER A 1145 -23.74 -7.58 8.71
CA SER A 1145 -23.80 -6.68 9.84
C SER A 1145 -24.96 -5.71 9.73
N THR A 1146 -25.22 -5.16 8.54
CA THR A 1146 -26.33 -4.23 8.43
C THR A 1146 -27.68 -4.92 8.43
N LEU A 1147 -27.76 -6.20 8.05
CA LEU A 1147 -29.05 -6.86 8.19
C LEU A 1147 -29.28 -7.30 9.63
N LEU A 1148 -28.22 -7.62 10.37
CA LEU A 1148 -28.39 -7.89 11.79
C LEU A 1148 -28.76 -6.62 12.54
N CYS A 1149 -28.22 -5.48 12.13
CA CYS A 1149 -28.55 -4.22 12.79
C CYS A 1149 -29.91 -3.70 12.38
N VAL A 1150 -30.40 -4.04 11.18
CA VAL A 1150 -31.75 -3.62 10.79
C VAL A 1150 -32.78 -4.55 11.43
N SER A 1151 -32.55 -5.87 11.38
CA SER A 1151 -33.45 -6.81 12.01
C SER A 1151 -33.36 -6.81 13.53
N ALA A 1152 -32.34 -6.16 14.10
CA ALA A 1152 -32.24 -6.02 15.53
C ALA A 1152 -32.90 -4.75 16.05
N LEU A 1153 -33.12 -3.77 15.18
CA LEU A 1153 -33.89 -2.60 15.54
C LEU A 1153 -35.38 -2.77 15.26
N ALA A 1154 -35.76 -3.84 14.58
CA ALA A 1154 -37.16 -4.09 14.28
C ALA A 1154 -37.83 -4.97 15.31
N VAL A 1155 -37.08 -5.57 16.23
CA VAL A 1155 -37.67 -6.39 17.28
C VAL A 1155 -37.49 -5.80 18.67
N ILE A 1156 -36.59 -4.83 18.85
CA ILE A 1156 -36.59 -4.04 20.08
C ILE A 1156 -37.48 -2.83 19.95
N SER A 1157 -38.08 -2.61 18.78
CA SER A 1157 -39.19 -1.70 18.62
C SER A 1157 -40.53 -2.41 18.52
N TYR A 1158 -40.51 -3.75 18.45
CA TYR A 1158 -41.74 -4.50 18.53
C TYR A 1158 -42.12 -4.83 19.96
N VAL A 1159 -41.15 -5.20 20.79
CA VAL A 1159 -41.49 -5.54 22.17
C VAL A 1159 -41.66 -4.29 23.01
N THR A 1160 -41.00 -3.19 22.66
CA THR A 1160 -41.12 -1.90 23.35
C THR A 1160 -41.29 -0.81 22.30
N PRO A 1161 -42.53 -0.54 21.89
CA PRO A 1161 -42.76 0.52 20.88
C PRO A 1161 -42.40 1.91 21.35
N VAL A 1162 -42.35 2.12 22.68
CA VAL A 1162 -41.87 3.36 23.27
C VAL A 1162 -40.43 3.66 22.86
N PHE A 1163 -39.66 2.60 22.56
CA PHE A 1163 -38.29 2.75 22.05
C PHE A 1163 -38.23 3.54 20.74
N LEU A 1164 -39.29 3.47 19.92
CA LEU A 1164 -39.34 4.29 18.71
C LEU A 1164 -39.32 5.78 19.05
N VAL A 1165 -40.02 6.16 20.12
CA VAL A 1165 -39.96 7.53 20.65
C VAL A 1165 -38.55 7.86 21.10
N ALA A 1166 -37.81 6.86 21.58
CA ALA A 1166 -36.41 7.05 21.95
C ALA A 1166 -35.45 6.65 20.83
N LEU A 1167 -35.95 6.34 19.64
CA LEU A 1167 -35.05 6.04 18.53
C LEU A 1167 -34.75 7.28 17.70
N LEU A 1168 -35.77 8.08 17.44
CA LEU A 1168 -35.62 9.29 16.63
C LEU A 1168 -34.65 10.33 17.19
N PRO A 1169 -34.64 10.70 18.50
CA PRO A 1169 -33.69 11.74 18.92
C PRO A 1169 -32.30 11.20 19.21
N LEU A 1170 -32.01 9.98 18.79
CA LEU A 1170 -30.68 9.42 18.95
C LEU A 1170 -30.10 8.90 17.65
N ALA A 1171 -30.90 8.22 16.82
CA ALA A 1171 -30.40 7.63 15.58
C ALA A 1171 -29.97 8.70 14.60
N ILE A 1172 -30.73 9.81 14.52
CA ILE A 1172 -30.29 10.93 13.69
C ILE A 1172 -29.04 11.57 14.26
N VAL A 1173 -28.82 11.44 15.57
CA VAL A 1173 -27.56 11.88 16.19
C VAL A 1173 -26.40 11.09 15.61
N CYS A 1174 -26.63 9.79 15.34
CA CYS A 1174 -25.66 8.96 14.63
C CYS A 1174 -25.34 9.58 13.28
N TYR A 1175 -26.38 9.99 12.54
CA TYR A 1175 -26.18 10.71 11.30
C TYR A 1175 -25.46 12.02 11.54
N PHE A 1176 -25.81 12.71 12.62
CA PHE A 1176 -25.17 13.97 12.95
C PHE A 1176 -23.78 13.80 13.52
N ILE A 1177 -23.30 12.58 13.73
CA ILE A 1177 -21.86 12.42 13.88
C ILE A 1177 -21.20 12.11 12.56
N GLN A 1178 -21.84 11.22 11.77
CA GLN A 1178 -21.19 10.62 10.61
C GLN A 1178 -20.89 11.65 9.54
N LYS A 1179 -21.88 12.48 9.22
CA LYS A 1179 -21.67 13.65 8.37
C LYS A 1179 -20.59 14.56 8.95
N TYR A 1180 -20.69 14.86 10.25
CA TYR A 1180 -19.69 15.65 10.94
C TYR A 1180 -18.33 14.95 10.98
N PHE A 1181 -18.32 13.62 10.86
CA PHE A 1181 -17.03 12.95 10.79
C PHE A 1181 -16.47 12.96 9.38
N ARG A 1182 -17.34 12.97 8.37
CA ARG A 1182 -16.92 12.54 7.04
C ARG A 1182 -16.00 13.54 6.37
N VAL A 1183 -16.19 14.83 6.64
CA VAL A 1183 -15.33 15.85 6.04
C VAL A 1183 -13.93 15.81 6.67
N ALA A 1184 -13.77 15.18 7.83
CA ALA A 1184 -12.45 14.91 8.34
C ALA A 1184 -11.98 13.49 8.04
N SER A 1185 -12.86 12.64 7.52
CA SER A 1185 -12.45 11.31 7.12
C SER A 1185 -11.94 11.32 5.68
N ARG A 1186 -12.78 11.77 4.75
CA ARG A 1186 -12.41 11.86 3.34
C ARG A 1186 -11.24 12.80 3.10
N ASP A 1187 -11.03 13.76 4.00
CA ASP A 1187 -9.81 14.54 3.96
C ASP A 1187 -8.61 13.67 4.36
N LEU A 1188 -8.68 13.04 5.52
CA LEU A 1188 -7.54 12.28 6.03
C LEU A 1188 -7.33 10.99 5.27
N GLN A 1189 -8.33 10.53 4.52
CA GLN A 1189 -8.13 9.42 3.61
C GLN A 1189 -7.22 9.83 2.45
N GLN A 1190 -7.24 11.11 2.07
CA GLN A 1190 -6.44 11.59 0.95
C GLN A 1190 -5.04 11.99 1.35
N LEU A 1191 -4.64 11.74 2.60
CA LEU A 1191 -3.24 11.86 2.97
C LEU A 1191 -2.58 10.50 3.15
N ASP A 1192 -3.35 9.43 3.28
CA ASP A 1192 -2.81 8.09 3.23
C ASP A 1192 -2.59 7.63 1.80
N ASP A 1193 -3.13 8.37 0.82
CA ASP A 1193 -2.96 8.04 -0.58
C ASP A 1193 -1.93 8.92 -1.28
N THR A 1194 -1.94 10.22 -1.03
CA THR A 1194 -1.00 11.12 -1.66
C THR A 1194 0.32 11.24 -0.91
N THR A 1195 0.56 10.39 0.09
CA THR A 1195 1.88 10.23 0.66
C THR A 1195 2.43 8.81 0.50
N GLN A 1196 1.59 7.85 0.12
CA GLN A 1196 2.10 6.53 -0.23
C GLN A 1196 2.61 6.51 -1.67
N LEU A 1197 2.05 7.35 -2.52
CA LEU A 1197 2.48 7.41 -3.91
C LEU A 1197 3.93 7.90 -4.10
N PRO A 1198 4.42 8.97 -3.44
CA PRO A 1198 5.84 9.28 -3.57
C PRO A 1198 6.75 8.25 -2.92
N LEU A 1199 6.28 7.53 -1.90
CA LEU A 1199 7.08 6.47 -1.31
C LEU A 1199 7.28 5.32 -2.29
N LEU A 1200 6.20 4.88 -2.95
CA LEU A 1200 6.34 3.83 -3.95
C LEU A 1200 7.09 4.32 -5.17
N SER A 1201 6.95 5.60 -5.53
CA SER A 1201 7.70 6.14 -6.66
C SER A 1201 9.19 6.22 -6.35
N HIS A 1202 9.54 6.52 -5.10
CA HIS A 1202 10.95 6.52 -4.70
C HIS A 1202 11.51 5.10 -4.67
N PHE A 1203 10.71 4.13 -4.21
CA PHE A 1203 11.14 2.74 -4.25
C PHE A 1203 11.29 2.23 -5.67
N ALA A 1204 10.52 2.77 -6.61
CA ALA A 1204 10.67 2.37 -8.00
C ALA A 1204 11.83 3.07 -8.69
N GLU A 1205 12.15 4.30 -8.30
CA GLU A 1205 13.24 5.00 -8.96
C GLU A 1205 14.59 4.75 -8.31
N THR A 1206 14.63 4.14 -7.13
CA THR A 1206 15.92 3.76 -6.57
C THR A 1206 16.40 2.41 -7.07
N VAL A 1207 15.60 1.71 -7.86
CA VAL A 1207 15.98 0.42 -8.42
C VAL A 1207 16.39 0.54 -9.87
N GLU A 1208 15.68 1.38 -10.63
CA GLU A 1208 16.03 1.61 -12.02
C GLU A 1208 17.39 2.28 -12.17
N GLY A 1209 17.72 3.17 -11.25
CA GLY A 1209 19.00 3.85 -11.30
C GLY A 1209 19.92 3.49 -10.16
N LEU A 1210 19.96 2.21 -9.82
CA LEU A 1210 20.75 1.77 -8.67
C LEU A 1210 22.24 1.91 -8.92
N THR A 1211 22.70 1.55 -10.11
CA THR A 1211 24.11 1.71 -10.46
C THR A 1211 24.49 3.17 -10.55
N THR A 1212 23.56 4.03 -10.95
CA THR A 1212 23.84 5.46 -10.99
C THR A 1212 23.94 6.03 -9.59
N ILE A 1213 23.04 5.63 -8.68
CA ILE A 1213 23.04 6.14 -7.32
C ILE A 1213 24.28 5.66 -6.58
N ARG A 1214 24.63 4.39 -6.70
CA ARG A 1214 25.78 3.86 -5.99
C ARG A 1214 27.10 4.36 -6.56
N ALA A 1215 27.11 4.93 -7.77
CA ALA A 1215 28.32 5.50 -8.31
C ALA A 1215 28.52 6.95 -7.90
N PHE A 1216 27.45 7.67 -7.61
CA PHE A 1216 27.54 9.02 -7.08
C PHE A 1216 27.81 9.06 -5.59
N ARG A 1217 27.83 7.90 -4.93
CA ARG A 1217 27.89 7.76 -3.47
C ARG A 1217 26.76 8.54 -2.78
N TYR A 1218 25.55 8.36 -3.30
CA TYR A 1218 24.37 9.01 -2.74
C TYR A 1218 23.48 8.02 -2.00
N GLU A 1219 24.08 6.96 -1.46
CA GLU A 1219 23.31 5.95 -0.75
C GLU A 1219 22.76 6.48 0.56
N ALA A 1220 23.58 7.21 1.32
CA ALA A 1220 23.12 7.75 2.60
C ALA A 1220 22.09 8.85 2.39
N ARG A 1221 22.28 9.68 1.36
CA ARG A 1221 21.31 10.74 1.07
C ARG A 1221 20.00 10.16 0.57
N PHE A 1222 20.05 9.07 -0.20
CA PHE A 1222 18.80 8.45 -0.62
C PHE A 1222 18.13 7.66 0.50
N GLN A 1223 18.90 7.17 1.46
CA GLN A 1223 18.28 6.54 2.63
C GLN A 1223 17.58 7.57 3.50
N GLN A 1224 18.20 8.75 3.67
CA GLN A 1224 17.55 9.85 4.38
C GLN A 1224 16.30 10.32 3.62
N LYS A 1225 16.38 10.32 2.29
CA LYS A 1225 15.21 10.67 1.48
C LYS A 1225 14.12 9.62 1.58
N LEU A 1226 14.47 8.38 1.86
CA LEU A 1226 13.46 7.37 2.17
C LEU A 1226 12.79 7.65 3.50
N LEU A 1227 13.61 7.89 4.54
CA LEU A 1227 13.10 8.11 5.89
C LEU A 1227 12.18 9.31 5.95
N GLU A 1228 12.50 10.36 5.21
CA GLU A 1228 11.63 11.54 5.16
C GLU A 1228 10.31 11.26 4.43
N TYR A 1229 10.23 10.19 3.65
CA TYR A 1229 8.97 9.81 3.02
C TYR A 1229 8.15 8.86 3.88
N THR A 1230 8.81 7.88 4.49
CA THR A 1230 8.07 6.91 5.28
C THR A 1230 7.63 7.47 6.62
N ASP A 1231 8.32 8.49 7.15
CA ASP A 1231 7.79 9.17 8.33
C ASP A 1231 6.52 9.94 7.99
N SER A 1232 6.50 10.62 6.86
CA SER A 1232 5.33 11.37 6.44
C SER A 1232 4.19 10.45 6.02
N ASN A 1233 4.49 9.22 5.62
CA ASN A 1233 3.41 8.27 5.39
C ASN A 1233 2.90 7.67 6.70
N ASN A 1234 3.79 7.44 7.66
CA ASN A 1234 3.40 6.84 8.93
C ASN A 1234 2.54 7.78 9.75
N ILE A 1235 2.84 9.09 9.75
CA ILE A 1235 2.01 10.02 10.52
C ILE A 1235 0.65 10.18 9.86
N ALA A 1236 0.57 10.11 8.53
CA ALA A 1236 -0.70 10.22 7.86
C ALA A 1236 -1.53 8.94 8.02
N SER A 1237 -0.88 7.81 8.25
CA SER A 1237 -1.64 6.61 8.57
C SER A 1237 -2.11 6.63 10.02
N LEU A 1238 -1.27 7.16 10.93
CA LEU A 1238 -1.61 7.18 12.34
C LEU A 1238 -2.76 8.13 12.63
N PHE A 1239 -2.83 9.25 11.90
CA PHE A 1239 -3.93 10.17 12.14
C PHE A 1239 -5.25 9.61 11.62
N LEU A 1240 -5.21 8.88 10.51
CA LEU A 1240 -6.41 8.22 10.01
C LEU A 1240 -6.87 7.12 10.96
N THR A 1241 -5.91 6.41 11.56
CA THR A 1241 -6.23 5.42 12.58
C THR A 1241 -6.90 6.04 13.79
N ALA A 1242 -6.36 7.16 14.28
CA ALA A 1242 -6.93 7.82 15.45
C ALA A 1242 -8.29 8.41 15.16
N ALA A 1243 -8.51 8.92 13.94
CA ALA A 1243 -9.84 9.41 13.57
C ALA A 1243 -10.85 8.29 13.49
N ASN A 1244 -10.44 7.13 12.95
CA ASN A 1244 -11.34 5.99 12.88
C ASN A 1244 -11.69 5.49 14.28
N ARG A 1245 -10.72 5.48 15.19
CA ARG A 1245 -11.03 5.04 16.55
C ARG A 1245 -11.89 6.05 17.30
N TRP A 1246 -11.74 7.34 16.98
CA TRP A 1246 -12.62 8.36 17.55
C TRP A 1246 -14.07 8.12 17.15
N LEU A 1247 -14.31 7.95 15.84
CA LEU A 1247 -15.67 7.69 15.36
C LEU A 1247 -16.21 6.37 15.89
N GLU A 1248 -15.36 5.34 15.97
CA GLU A 1248 -15.84 4.03 16.40
C GLU A 1248 -16.16 4.00 17.89
N VAL A 1249 -15.38 4.71 18.71
CA VAL A 1249 -15.71 4.71 20.14
C VAL A 1249 -16.94 5.56 20.39
N ARG A 1250 -17.19 6.60 19.58
CA ARG A 1250 -18.42 7.35 19.74
C ARG A 1250 -19.64 6.53 19.32
N MET A 1251 -19.49 5.77 18.23
CA MET A 1251 -20.61 4.94 17.78
C MET A 1251 -20.90 3.81 18.75
N GLU A 1252 -19.86 3.23 19.35
CA GLU A 1252 -20.10 2.20 20.36
C GLU A 1252 -20.66 2.77 21.66
N TYR A 1253 -20.36 4.03 21.97
CA TYR A 1253 -21.01 4.65 23.13
C TYR A 1253 -22.48 4.90 22.87
N ILE A 1254 -22.84 5.28 21.64
CA ILE A 1254 -24.26 5.38 21.29
C ILE A 1254 -24.93 4.02 21.32
N GLY A 1255 -24.21 2.97 20.93
CA GLY A 1255 -24.76 1.62 21.05
C GLY A 1255 -25.00 1.19 22.48
N ALA A 1256 -24.09 1.57 23.39
CA ALA A 1256 -24.31 1.28 24.80
C ALA A 1256 -25.50 2.06 25.36
N CYS A 1257 -25.70 3.29 24.89
CA CYS A 1257 -26.90 4.03 25.26
C CYS A 1257 -28.16 3.37 24.71
N VAL A 1258 -28.08 2.75 23.54
CA VAL A 1258 -29.21 2.00 22.99
C VAL A 1258 -29.56 0.82 23.89
N VAL A 1259 -28.53 0.11 24.38
CA VAL A 1259 -28.78 -1.02 25.27
C VAL A 1259 -29.39 -0.57 26.59
N LEU A 1260 -28.92 0.57 27.14
CA LEU A 1260 -29.49 1.10 28.37
C LEU A 1260 -30.96 1.50 28.17
N ILE A 1261 -31.26 2.17 27.05
CA ILE A 1261 -32.62 2.62 26.79
C ILE A 1261 -33.55 1.43 26.58
N ALA A 1262 -33.14 0.47 25.75
CA ALA A 1262 -33.98 -0.68 25.45
C ALA A 1262 -34.04 -1.68 26.59
N ALA A 1263 -33.14 -1.59 27.57
CA ALA A 1263 -33.29 -2.40 28.77
C ALA A 1263 -34.25 -1.75 29.77
N VAL A 1264 -34.13 -0.44 29.94
CA VAL A 1264 -35.00 0.27 30.88
C VAL A 1264 -36.45 0.23 30.40
N THR A 1265 -36.68 0.47 29.11
CA THR A 1265 -38.06 0.48 28.65
C THR A 1265 -38.62 -0.92 28.42
N SER A 1266 -37.84 -1.97 28.62
CA SER A 1266 -38.36 -3.33 28.66
C SER A 1266 -38.65 -3.79 30.08
N ILE A 1267 -37.78 -3.42 31.01
CA ILE A 1267 -38.00 -3.73 32.42
C ILE A 1267 -39.22 -2.99 32.94
N SER A 1268 -39.29 -1.67 32.68
CA SER A 1268 -40.42 -0.88 33.14
C SER A 1268 -41.69 -1.15 32.35
N ASN A 1269 -41.61 -1.82 31.21
CA ASN A 1269 -42.81 -2.28 30.53
C ASN A 1269 -43.25 -3.66 30.99
N SER A 1270 -42.35 -4.45 31.57
CA SER A 1270 -42.76 -5.75 32.07
C SER A 1270 -43.13 -5.74 33.55
N LEU A 1271 -42.67 -4.74 34.30
CA LEU A 1271 -43.08 -4.66 35.69
C LEU A 1271 -44.45 -4.03 35.84
N HIS A 1272 -44.79 -3.07 34.98
CA HIS A 1272 -46.08 -2.40 35.04
C HIS A 1272 -47.09 -3.08 34.11
N ARG A 1273 -46.80 -3.07 32.81
CA ARG A 1273 -47.61 -3.84 31.87
C ARG A 1273 -47.09 -5.28 31.86
N GLU A 1274 -47.76 -6.14 31.10
CA GLU A 1274 -47.43 -7.56 31.08
C GLU A 1274 -46.74 -7.87 29.76
N LEU A 1275 -45.41 -7.89 29.78
CA LEU A 1275 -44.60 -8.18 28.60
C LEU A 1275 -44.22 -9.64 28.51
N SER A 1276 -44.74 -10.49 29.40
CA SER A 1276 -44.63 -11.95 29.42
C SER A 1276 -43.19 -12.47 29.55
N ALA A 1277 -42.22 -11.59 29.80
CA ALA A 1277 -40.87 -11.91 30.28
C ALA A 1277 -39.99 -12.70 29.32
N GLY A 1278 -40.52 -13.16 28.20
CA GLY A 1278 -39.70 -13.81 27.19
C GLY A 1278 -39.35 -12.77 26.15
N LEU A 1279 -40.32 -11.88 25.91
CA LEU A 1279 -40.10 -10.76 25.01
C LEU A 1279 -39.05 -9.81 25.57
N VAL A 1280 -38.93 -9.73 26.90
CA VAL A 1280 -37.90 -8.91 27.53
C VAL A 1280 -36.52 -9.48 27.23
N GLY A 1281 -36.36 -10.80 27.34
CA GLY A 1281 -35.09 -11.41 26.99
C GLY A 1281 -34.78 -11.32 25.52
N LEU A 1282 -35.82 -11.38 24.68
CA LEU A 1282 -35.63 -11.21 23.24
C LEU A 1282 -35.15 -9.80 22.91
N GLY A 1283 -35.79 -8.79 23.51
CA GLY A 1283 -35.37 -7.42 23.29
C GLY A 1283 -34.00 -7.12 23.86
N LEU A 1284 -33.65 -7.75 24.99
CA LEU A 1284 -32.32 -7.55 25.55
C LEU A 1284 -31.24 -8.18 24.68
N THR A 1285 -31.51 -9.39 24.17
CA THR A 1285 -30.55 -10.06 23.28
C THR A 1285 -30.34 -9.26 22.01
N TYR A 1286 -31.41 -8.73 21.44
CA TYR A 1286 -31.19 -7.96 20.22
C TYR A 1286 -30.69 -6.55 20.48
N ALA A 1287 -30.87 -6.01 21.69
CA ALA A 1287 -30.21 -4.75 22.03
C ALA A 1287 -28.70 -4.96 22.12
N LEU A 1288 -28.27 -6.07 22.70
CA LEU A 1288 -26.85 -6.43 22.67
C LEU A 1288 -26.37 -6.66 21.23
N MET A 1289 -27.25 -7.17 20.37
CA MET A 1289 -26.90 -7.32 18.96
C MET A 1289 -26.71 -5.97 18.28
N VAL A 1290 -27.53 -4.97 18.63
CA VAL A 1290 -27.33 -3.61 18.12
C VAL A 1290 -25.99 -3.06 18.59
N SER A 1291 -25.66 -3.29 19.87
CA SER A 1291 -24.37 -2.83 20.39
C SER A 1291 -23.19 -3.49 19.70
N ASN A 1292 -23.33 -4.76 19.32
CA ASN A 1292 -22.24 -5.44 18.64
C ASN A 1292 -22.12 -5.03 17.19
N TYR A 1293 -23.25 -4.84 16.49
CA TYR A 1293 -23.23 -4.69 15.05
C TYR A 1293 -23.63 -3.31 14.57
N LEU A 1294 -23.53 -2.29 15.43
CA LEU A 1294 -23.60 -0.93 14.92
C LEU A 1294 -22.25 -0.48 14.40
N ASN A 1295 -21.19 -0.77 15.15
CA ASN A 1295 -19.85 -0.36 14.74
C ASN A 1295 -19.38 -1.13 13.53
N TRP A 1296 -19.77 -2.40 13.40
CA TRP A 1296 -19.37 -3.17 12.23
C TRP A 1296 -20.09 -2.68 10.99
N MET A 1297 -21.35 -2.26 11.14
CA MET A 1297 -22.08 -1.66 10.03
C MET A 1297 -21.44 -0.36 9.58
N VAL A 1298 -21.05 0.49 10.54
CA VAL A 1298 -20.42 1.76 10.19
C VAL A 1298 -19.05 1.55 9.54
N ARG A 1299 -18.26 0.63 10.10
CA ARG A 1299 -16.92 0.37 9.58
C ARG A 1299 -16.96 -0.28 8.21
N ASN A 1300 -17.87 -1.23 8.00
CA ASN A 1300 -17.94 -1.88 6.69
C ASN A 1300 -18.59 -0.98 5.64
N LEU A 1301 -19.45 -0.05 6.05
CA LEU A 1301 -19.94 0.95 5.11
C LEU A 1301 -18.82 1.89 4.67
N ALA A 1302 -17.98 2.31 5.62
CA ALA A 1302 -16.84 3.15 5.26
C ALA A 1302 -15.83 2.39 4.40
N ASP A 1303 -15.66 1.10 4.66
CA ASP A 1303 -14.72 0.30 3.89
C ASP A 1303 -15.25 0.03 2.49
N MET A 1304 -16.56 -0.13 2.33
CA MET A 1304 -17.12 -0.29 0.99
C MET A 1304 -17.04 1.00 0.20
N GLU A 1305 -17.25 2.14 0.87
CA GLU A 1305 -17.08 3.44 0.21
C GLU A 1305 -15.63 3.67 -0.17
N LEU A 1306 -14.67 3.16 0.61
CA LEU A 1306 -13.27 3.29 0.23
C LEU A 1306 -12.92 2.36 -0.93
N GLN A 1307 -13.37 1.11 -0.87
CA GLN A 1307 -12.99 0.12 -1.88
C GLN A 1307 -13.75 0.27 -3.19
N LEU A 1308 -14.86 1.00 -3.22
CA LEU A 1308 -15.54 1.22 -4.49
C LEU A 1308 -14.83 2.25 -5.36
N GLY A 1309 -13.86 2.98 -4.81
CA GLY A 1309 -13.06 3.86 -5.63
C GLY A 1309 -12.19 3.12 -6.64
N ALA A 1310 -11.85 1.87 -6.35
CA ALA A 1310 -11.14 1.05 -7.32
C ALA A 1310 -12.02 0.71 -8.51
N VAL A 1311 -13.28 0.34 -8.26
CA VAL A 1311 -14.22 0.12 -9.35
C VAL A 1311 -14.47 1.41 -10.11
N LYS A 1312 -14.46 2.55 -9.40
CA LYS A 1312 -14.60 3.83 -10.07
C LYS A 1312 -13.42 4.14 -10.99
N ARG A 1313 -12.20 3.82 -10.55
CA ARG A 1313 -11.03 4.11 -11.37
C ARG A 1313 -10.92 3.15 -12.56
N ILE A 1314 -11.30 1.89 -12.36
CA ILE A 1314 -11.32 0.93 -13.45
C ILE A 1314 -12.39 1.28 -14.46
N HIS A 1315 -13.56 1.73 -13.98
CA HIS A 1315 -14.60 2.20 -14.89
C HIS A 1315 -14.21 3.49 -15.59
N GLY A 1316 -13.35 4.29 -14.96
CA GLY A 1316 -12.82 5.45 -15.63
C GLY A 1316 -11.86 5.09 -16.75
N LEU A 1317 -11.01 4.09 -16.52
CA LEU A 1317 -10.14 3.62 -17.60
C LEU A 1317 -10.89 2.81 -18.64
N LEU A 1318 -12.03 2.22 -18.29
CA LEU A 1318 -12.76 1.38 -19.23
C LEU A 1318 -13.47 2.20 -20.30
N LYS A 1319 -13.66 3.50 -20.07
CA LYS A 1319 -14.35 4.38 -21.02
C LYS A 1319 -13.37 5.16 -21.87
N THR A 1320 -12.24 4.57 -22.21
CA THR A 1320 -11.24 5.27 -23.02
C THR A 1320 -11.61 5.16 -24.50
N GLU A 1321 -10.71 5.59 -25.37
CA GLU A 1321 -11.01 5.68 -26.79
C GLU A 1321 -10.77 4.34 -27.48
N ALA A 1322 -10.80 4.35 -28.81
CA ALA A 1322 -10.47 3.19 -29.61
C ALA A 1322 -9.74 3.65 -30.85
N GLU A 1323 -8.84 2.81 -31.36
CA GLU A 1323 -7.98 3.20 -32.47
C GLU A 1323 -8.65 3.06 -33.83
N SER A 1324 -9.93 2.66 -33.88
CA SER A 1324 -10.72 2.47 -35.09
C SER A 1324 -10.06 1.44 -36.02
N TYR A 1325 -10.03 0.20 -35.52
CA TYR A 1325 -9.34 -0.87 -36.21
C TYR A 1325 -10.03 -1.30 -37.49
N GLU A 1326 -11.33 -1.05 -37.63
CA GLU A 1326 -12.01 -1.37 -38.87
C GLU A 1326 -11.58 -0.41 -39.98
N GLY A 1327 -11.64 -0.89 -41.22
CA GLY A 1327 -11.22 -0.13 -42.36
C GLY A 1327 -12.38 0.23 -43.26
N LEU A 1328 -12.12 1.16 -44.17
CA LEU A 1328 -13.12 1.57 -45.14
C LEU A 1328 -13.16 0.65 -46.35
N LEU A 1329 -12.30 -0.35 -46.40
CA LEU A 1329 -12.19 -1.25 -47.55
C LEU A 1329 -12.43 -2.68 -47.11
N ALA A 1330 -13.21 -3.41 -47.89
CA ALA A 1330 -13.50 -4.80 -47.60
C ALA A 1330 -12.25 -5.65 -47.84
N PRO A 1331 -12.01 -6.65 -47.00
CA PRO A 1331 -10.82 -7.49 -47.15
C PRO A 1331 -10.86 -8.47 -48.33
N SER A 1332 -11.89 -8.41 -49.17
CA SER A 1332 -11.86 -9.13 -50.43
C SER A 1332 -11.15 -8.36 -51.52
N LEU A 1333 -10.98 -7.05 -51.35
CA LEU A 1333 -10.32 -6.21 -52.34
C LEU A 1333 -8.84 -6.00 -52.05
N ILE A 1334 -8.43 -6.11 -50.79
CA ILE A 1334 -7.01 -6.15 -50.46
C ILE A 1334 -6.49 -7.53 -50.88
N PRO A 1335 -5.46 -7.61 -51.72
CA PRO A 1335 -4.97 -8.92 -52.17
C PRO A 1335 -4.26 -9.66 -51.05
N LYS A 1336 -3.97 -10.94 -51.33
CA LYS A 1336 -3.31 -11.77 -50.34
C LYS A 1336 -1.86 -11.35 -50.15
N ASN A 1337 -1.18 -11.01 -51.24
CA ASN A 1337 0.16 -10.43 -51.20
C ASN A 1337 -0.01 -8.92 -51.33
N TRP A 1338 -0.16 -8.23 -50.20
CA TRP A 1338 -0.57 -6.83 -50.25
C TRP A 1338 0.54 -5.92 -50.77
N PRO A 1339 1.72 -5.77 -50.10
CA PRO A 1339 2.73 -4.88 -50.69
C PRO A 1339 3.69 -5.66 -51.58
N ASP A 1340 3.16 -6.24 -52.66
CA ASP A 1340 3.96 -7.13 -53.50
C ASP A 1340 5.07 -6.40 -54.22
N GLN A 1341 4.85 -5.14 -54.58
CA GLN A 1341 5.88 -4.26 -55.08
C GLN A 1341 5.73 -2.95 -54.31
N GLY A 1342 6.62 -2.69 -53.37
CA GLY A 1342 6.49 -1.50 -52.55
C GLY A 1342 6.72 -0.24 -53.35
N LYS A 1343 5.62 0.44 -53.67
CA LYS A 1343 5.57 1.52 -54.64
C LYS A 1343 4.96 2.75 -54.02
N ILE A 1344 5.50 3.12 -52.86
CA ILE A 1344 4.93 4.11 -51.97
C ILE A 1344 4.87 5.48 -52.62
N GLN A 1345 3.66 5.92 -52.95
CA GLN A 1345 3.44 7.23 -53.54
C GLN A 1345 2.84 8.14 -52.47
N ILE A 1346 3.56 9.21 -52.14
CA ILE A 1346 3.16 10.15 -51.11
C ILE A 1346 2.83 11.47 -51.78
N GLN A 1347 1.62 11.98 -51.54
CA GLN A 1347 1.16 13.21 -52.15
C GLN A 1347 0.55 14.10 -51.09
N ASN A 1348 1.20 15.23 -50.81
CA ASN A 1348 0.70 16.31 -49.95
C ASN A 1348 0.41 15.83 -48.52
N LEU A 1349 1.21 14.89 -48.03
CA LEU A 1349 0.99 14.35 -46.70
C LEU A 1349 1.34 15.38 -45.64
N SER A 1350 0.57 15.40 -44.56
CA SER A 1350 0.88 16.21 -43.39
C SER A 1350 0.33 15.50 -42.17
N VAL A 1351 1.19 15.27 -41.18
CA VAL A 1351 0.82 14.50 -40.00
C VAL A 1351 0.77 15.44 -38.80
N ARG A 1352 0.18 14.94 -37.72
CA ARG A 1352 0.21 15.62 -36.43
C ARG A 1352 0.00 14.57 -35.36
N TYR A 1353 0.38 14.89 -34.13
CA TYR A 1353 0.25 13.92 -33.06
C TYR A 1353 -1.08 14.04 -32.31
N ASP A 1354 -1.61 15.26 -32.19
CA ASP A 1354 -2.93 15.48 -31.65
C ASP A 1354 -3.48 16.74 -32.29
N SER A 1355 -4.80 16.90 -32.24
CA SER A 1355 -5.50 17.90 -33.02
C SER A 1355 -5.24 19.34 -32.59
N SER A 1356 -4.51 19.58 -31.50
CA SER A 1356 -4.19 20.92 -31.06
C SER A 1356 -2.74 21.31 -31.32
N LEU A 1357 -2.02 20.52 -32.11
CA LEU A 1357 -0.59 20.71 -32.28
C LEU A 1357 -0.25 21.12 -33.71
N LYS A 1358 0.99 21.54 -33.89
CA LYS A 1358 1.48 21.94 -35.19
C LYS A 1358 1.68 20.70 -36.08
N PRO A 1359 1.61 20.86 -37.39
CA PRO A 1359 1.91 19.72 -38.27
C PRO A 1359 3.40 19.39 -38.23
N VAL A 1360 3.69 18.11 -37.95
CA VAL A 1360 5.08 17.67 -37.87
C VAL A 1360 5.69 17.58 -39.26
N LEU A 1361 4.97 16.99 -40.20
CA LEU A 1361 5.32 17.06 -41.60
C LEU A 1361 4.33 17.97 -42.31
N LYS A 1362 4.76 18.52 -43.44
CA LYS A 1362 3.95 19.52 -44.12
C LYS A 1362 4.23 19.44 -45.61
N HIS A 1363 3.22 19.00 -46.37
CA HIS A 1363 3.23 19.01 -47.84
C HIS A 1363 4.35 18.17 -48.42
N VAL A 1364 4.67 17.05 -47.78
CA VAL A 1364 5.76 16.20 -48.27
C VAL A 1364 5.27 15.41 -49.47
N ASN A 1365 6.07 15.38 -50.53
CA ASN A 1365 5.75 14.66 -51.75
C ASN A 1365 6.95 13.79 -52.09
N ALA A 1366 6.70 12.49 -52.24
CA ALA A 1366 7.77 11.56 -52.59
C ALA A 1366 7.18 10.37 -53.32
N LEU A 1367 7.86 9.95 -54.38
CA LEU A 1367 7.45 8.78 -55.15
C LEU A 1367 8.60 7.78 -55.12
N ILE A 1368 8.30 6.55 -54.69
CA ILE A 1368 9.30 5.53 -54.47
C ILE A 1368 9.08 4.39 -55.45
N ALA A 1369 10.14 3.98 -56.13
CA ALA A 1369 10.07 2.89 -57.10
C ALA A 1369 9.82 1.57 -56.38
N PRO A 1370 9.36 0.52 -57.12
CA PRO A 1370 9.10 -0.78 -56.47
C PRO A 1370 10.30 -1.53 -55.88
N GLY A 1371 11.52 -1.00 -55.98
CA GLY A 1371 12.64 -1.68 -55.38
C GLY A 1371 13.71 -0.77 -54.81
N GLN A 1372 13.41 0.52 -54.70
CA GLN A 1372 14.42 1.51 -54.35
C GLN A 1372 14.77 1.41 -52.86
N LYS A 1373 15.87 2.06 -52.49
CA LYS A 1373 16.47 1.97 -51.17
C LYS A 1373 16.65 3.34 -50.57
N ILE A 1374 15.55 4.11 -50.54
CA ILE A 1374 15.56 5.51 -50.10
C ILE A 1374 16.11 5.66 -48.69
N GLY A 1375 16.91 6.69 -48.48
CA GLY A 1375 17.44 7.01 -47.17
C GLY A 1375 16.96 8.37 -46.72
N ILE A 1376 16.80 8.53 -45.41
CA ILE A 1376 16.25 9.76 -44.85
C ILE A 1376 17.24 10.30 -43.84
N CYS A 1377 17.71 11.52 -44.08
CA CYS A 1377 18.63 12.19 -43.18
C CYS A 1377 18.10 13.57 -42.85
N GLY A 1378 18.57 14.11 -41.74
CA GLY A 1378 18.11 15.40 -41.28
C GLY A 1378 18.46 15.58 -39.82
N ARG A 1379 18.14 16.77 -39.32
CA ARG A 1379 18.46 17.08 -37.93
C ARG A 1379 17.45 16.43 -37.00
N THR A 1380 17.73 16.52 -35.69
CA THR A 1380 16.82 16.00 -34.70
C THR A 1380 15.65 16.97 -34.54
N GLY A 1381 14.44 16.46 -34.71
CA GLY A 1381 13.26 17.29 -34.72
C GLY A 1381 12.75 17.64 -36.11
N SER A 1382 13.38 17.12 -37.16
CA SER A 1382 12.90 17.40 -38.51
C SER A 1382 11.62 16.65 -38.82
N GLY A 1383 11.42 15.49 -38.20
CA GLY A 1383 10.23 14.71 -38.46
C GLY A 1383 10.54 13.36 -39.06
N LYS A 1384 11.71 12.82 -38.74
CA LYS A 1384 12.13 11.55 -39.35
C LYS A 1384 11.33 10.38 -38.79
N SER A 1385 11.19 10.31 -37.47
CA SER A 1385 10.37 9.25 -36.88
C SER A 1385 8.89 9.45 -37.17
N SER A 1386 8.45 10.69 -37.37
CA SER A 1386 7.06 10.91 -37.77
C SER A 1386 6.82 10.44 -39.20
N PHE A 1387 7.81 10.63 -40.07
CA PHE A 1387 7.75 10.06 -41.42
C PHE A 1387 7.73 8.54 -41.35
N SER A 1388 8.49 7.97 -40.42
CA SER A 1388 8.51 6.52 -40.28
C SER A 1388 7.19 5.98 -39.75
N LEU A 1389 6.55 6.72 -38.85
CA LEU A 1389 5.26 6.30 -38.29
C LEU A 1389 4.07 6.68 -39.15
N ALA A 1390 4.28 7.49 -40.19
CA ALA A 1390 3.16 7.88 -41.04
C ALA A 1390 2.66 6.73 -41.90
N PHE A 1391 3.47 5.71 -42.14
CA PHE A 1391 3.01 4.55 -42.88
C PHE A 1391 2.18 3.61 -42.02
N PHE A 1392 2.32 3.67 -40.71
CA PHE A 1392 1.62 2.78 -39.80
C PHE A 1392 0.43 3.44 -39.13
N ARG A 1393 0.17 4.70 -39.47
CA ARG A 1393 -0.94 5.50 -38.96
C ARG A 1393 -0.93 5.59 -37.44
N MET A 1394 0.28 5.69 -36.86
CA MET A 1394 0.43 6.04 -35.46
C MET A 1394 0.48 7.54 -35.24
N VAL A 1395 0.38 8.33 -36.31
CA VAL A 1395 0.25 9.77 -36.22
C VAL A 1395 -1.02 10.17 -36.95
N ASP A 1396 -1.65 11.24 -36.46
CA ASP A 1396 -2.95 11.68 -36.96
C ASP A 1396 -2.72 12.35 -38.30
N THR A 1397 -2.73 11.55 -39.36
CA THR A 1397 -2.70 12.09 -40.72
C THR A 1397 -4.03 12.75 -41.01
N PHE A 1398 -4.00 14.05 -41.29
CA PHE A 1398 -5.23 14.79 -41.57
C PHE A 1398 -5.35 15.26 -43.01
N GLU A 1399 -4.28 15.22 -43.78
CA GLU A 1399 -4.31 15.73 -45.15
C GLU A 1399 -3.24 15.03 -45.96
N GLY A 1400 -3.63 14.41 -47.06
CA GLY A 1400 -2.66 13.80 -47.94
C GLY A 1400 -2.81 12.30 -48.10
N HIS A 1401 -2.36 11.78 -49.24
CA HIS A 1401 -2.48 10.38 -49.57
C HIS A 1401 -1.14 9.68 -49.46
N ILE A 1402 -1.15 8.51 -48.84
CA ILE A 1402 -0.07 7.54 -48.98
C ILE A 1402 -0.66 6.35 -49.71
N ILE A 1403 -0.24 6.15 -50.95
CA ILE A 1403 -0.78 5.10 -51.79
C ILE A 1403 0.33 4.10 -52.06
N ILE A 1404 0.11 2.85 -51.66
CA ILE A 1404 1.03 1.75 -51.94
C ILE A 1404 0.31 0.74 -52.81
N ASP A 1405 0.93 0.36 -53.93
CA ASP A 1405 0.40 -0.61 -54.90
C ASP A 1405 -0.96 -0.21 -55.45
N GLY A 1406 -1.24 1.08 -55.56
CA GLY A 1406 -2.52 1.53 -56.04
C GLY A 1406 -3.65 1.49 -55.03
N ILE A 1407 -3.37 1.11 -53.79
CA ILE A 1407 -4.38 0.98 -52.75
C ILE A 1407 -4.05 1.95 -51.64
N ASP A 1408 -5.02 2.78 -51.26
CA ASP A 1408 -4.80 3.81 -50.25
C ASP A 1408 -4.55 3.18 -48.89
N ILE A 1409 -3.85 3.94 -48.04
CA ILE A 1409 -3.41 3.39 -46.76
C ILE A 1409 -4.35 3.74 -45.61
N ALA A 1410 -5.22 4.74 -45.78
CA ALA A 1410 -6.18 5.04 -44.73
C ALA A 1410 -7.41 4.16 -44.84
N LYS A 1411 -7.73 3.70 -46.05
CA LYS A 1411 -8.84 2.78 -46.26
C LYS A 1411 -8.32 1.35 -46.17
N LEU A 1412 -7.95 0.97 -44.96
CA LEU A 1412 -7.30 -0.31 -44.71
C LEU A 1412 -7.45 -0.64 -43.24
N PRO A 1413 -7.64 -1.90 -42.87
CA PRO A 1413 -7.65 -2.25 -41.45
C PRO A 1413 -6.25 -2.15 -40.87
N LEU A 1414 -6.18 -1.81 -39.59
CA LEU A 1414 -4.89 -1.58 -38.96
C LEU A 1414 -4.11 -2.87 -38.77
N HIS A 1415 -4.81 -3.97 -38.46
CA HIS A 1415 -4.12 -5.25 -38.33
C HIS A 1415 -3.73 -5.86 -39.67
N THR A 1416 -4.27 -5.34 -40.78
CA THR A 1416 -3.78 -5.69 -42.10
C THR A 1416 -2.61 -4.82 -42.52
N LEU A 1417 -2.63 -3.54 -42.14
CA LEU A 1417 -1.56 -2.65 -42.52
C LEU A 1417 -0.30 -2.91 -41.73
N ARG A 1418 -0.39 -2.96 -40.40
CA ARG A 1418 0.81 -3.03 -39.58
C ARG A 1418 1.47 -4.40 -39.60
N SER A 1419 0.72 -5.45 -39.92
CA SER A 1419 1.29 -6.79 -39.98
C SER A 1419 1.91 -7.10 -41.34
N ARG A 1420 1.90 -6.15 -42.28
CA ARG A 1420 2.49 -6.36 -43.59
C ARG A 1420 3.53 -5.30 -43.93
N LEU A 1421 3.96 -4.50 -42.96
CA LEU A 1421 5.05 -3.56 -43.10
C LEU A 1421 5.90 -3.65 -41.83
N SER A 1422 7.22 -3.62 -41.97
CA SER A 1422 8.10 -3.75 -40.83
C SER A 1422 8.77 -2.43 -40.49
N ILE A 1423 9.08 -2.27 -39.20
CA ILE A 1423 9.71 -1.06 -38.71
C ILE A 1423 10.66 -1.45 -37.59
N ILE A 1424 11.85 -0.84 -37.59
CA ILE A 1424 12.79 -0.99 -36.49
C ILE A 1424 12.88 0.35 -35.78
N LEU A 1425 12.49 0.36 -34.52
CA LEU A 1425 12.58 1.58 -33.72
C LEU A 1425 14.02 1.84 -33.32
N GLN A 1426 14.26 3.05 -32.83
CA GLN A 1426 15.59 3.39 -32.36
C GLN A 1426 15.89 2.73 -31.02
N ASP A 1427 14.89 2.49 -30.21
CA ASP A 1427 15.09 1.92 -28.89
C ASP A 1427 14.82 0.42 -28.90
N PRO A 1428 15.57 -0.35 -28.10
CA PRO A 1428 15.33 -1.80 -28.03
C PRO A 1428 14.18 -2.12 -27.08
N VAL A 1429 13.22 -2.90 -27.56
CA VAL A 1429 11.96 -3.11 -26.87
C VAL A 1429 11.81 -4.61 -26.60
N LEU A 1430 12.92 -5.27 -26.23
CA LEU A 1430 12.89 -6.70 -26.00
C LEU A 1430 12.00 -7.07 -24.81
N PHE A 1431 11.27 -8.17 -24.96
CA PHE A 1431 10.42 -8.71 -23.91
C PHE A 1431 11.08 -9.94 -23.29
N SER A 1432 10.70 -10.24 -22.06
CA SER A 1432 11.22 -11.40 -21.38
C SER A 1432 10.65 -12.68 -21.97
N GLY A 1433 11.43 -13.74 -21.89
CA GLY A 1433 11.04 -15.01 -22.47
C GLY A 1433 12.23 -15.77 -23.01
N THR A 1434 12.17 -16.17 -24.27
CA THR A 1434 13.26 -16.87 -24.92
C THR A 1434 13.60 -16.17 -26.22
N ILE A 1435 14.68 -16.63 -26.86
CA ILE A 1435 15.07 -16.08 -28.14
C ILE A 1435 14.02 -16.40 -29.19
N ARG A 1436 13.50 -17.62 -29.16
CA ARG A 1436 12.46 -18.02 -30.09
C ARG A 1436 11.15 -17.29 -29.82
N PHE A 1437 10.93 -16.87 -28.58
CA PHE A 1437 9.73 -16.10 -28.28
C PHE A 1437 9.88 -14.65 -28.72
N ASN A 1438 11.07 -14.07 -28.54
CA ASN A 1438 11.26 -12.67 -28.90
C ASN A 1438 11.31 -12.48 -30.41
N LEU A 1439 11.85 -13.45 -31.14
CA LEU A 1439 11.88 -13.33 -32.59
C LEU A 1439 10.50 -13.53 -33.18
N ASP A 1440 9.70 -14.43 -32.62
CA ASP A 1440 8.32 -14.59 -33.04
C ASP A 1440 7.47 -15.10 -31.87
N PRO A 1441 6.55 -14.28 -31.36
CA PRO A 1441 5.67 -14.76 -30.30
C PRO A 1441 4.60 -15.73 -30.77
N GLU A 1442 4.38 -15.84 -32.07
CA GLU A 1442 3.35 -16.72 -32.59
C GLU A 1442 3.82 -18.15 -32.80
N ARG A 1443 5.13 -18.37 -32.84
CA ARG A 1443 5.76 -19.66 -33.19
C ARG A 1443 5.27 -20.18 -34.54
N LYS A 1444 5.13 -19.27 -35.50
CA LYS A 1444 4.57 -19.63 -36.80
C LYS A 1444 5.63 -19.98 -37.83
N CYS A 1445 6.82 -19.40 -37.73
CA CYS A 1445 7.88 -19.68 -38.69
C CYS A 1445 8.76 -20.81 -38.19
N SER A 1446 9.55 -21.36 -39.11
CA SER A 1446 10.36 -22.54 -38.83
C SER A 1446 11.55 -22.17 -37.95
N ASP A 1447 12.38 -23.17 -37.67
CA ASP A 1447 13.54 -22.92 -36.83
C ASP A 1447 14.72 -22.43 -37.66
N SER A 1448 14.86 -22.90 -38.90
CA SER A 1448 16.02 -22.53 -39.69
C SER A 1448 15.91 -21.11 -40.22
N THR A 1449 14.69 -20.60 -40.39
CA THR A 1449 14.52 -19.21 -40.77
C THR A 1449 14.71 -18.26 -39.60
N LEU A 1450 14.79 -18.76 -38.38
CA LEU A 1450 15.21 -17.96 -37.24
C LEU A 1450 16.72 -17.93 -37.10
N TRP A 1451 17.45 -18.66 -37.92
CA TRP A 1451 18.91 -18.62 -37.96
C TRP A 1451 19.44 -17.83 -39.14
N GLU A 1452 18.78 -17.95 -40.29
CA GLU A 1452 19.13 -17.10 -41.43
C GLU A 1452 18.80 -15.65 -41.15
N ALA A 1453 17.73 -15.40 -40.40
CA ALA A 1453 17.43 -14.06 -39.94
C ALA A 1453 18.16 -13.70 -38.65
N LEU A 1454 19.04 -14.56 -38.18
CA LEU A 1454 19.97 -14.25 -37.11
C LEU A 1454 21.41 -14.17 -37.59
N GLU A 1455 21.73 -14.86 -38.68
CA GLU A 1455 23.06 -14.72 -39.27
C GLU A 1455 23.23 -13.36 -39.91
N ILE A 1456 22.17 -12.82 -40.49
CA ILE A 1456 22.27 -11.50 -41.12
C ILE A 1456 22.16 -10.36 -40.13
N ALA A 1457 21.85 -10.64 -38.88
CA ALA A 1457 21.85 -9.62 -37.83
C ALA A 1457 23.14 -9.61 -37.03
N GLN A 1458 24.16 -10.35 -37.50
CA GLN A 1458 25.48 -10.47 -36.85
C GLN A 1458 25.35 -10.97 -35.42
N LEU A 1459 24.56 -12.02 -35.23
CA LEU A 1459 24.33 -12.56 -33.91
C LEU A 1459 24.29 -14.08 -33.89
N LYS A 1460 24.63 -14.74 -34.99
CA LYS A 1460 24.61 -16.20 -35.02
C LYS A 1460 25.71 -16.78 -34.15
N LEU A 1461 26.89 -16.17 -34.15
CA LEU A 1461 27.98 -16.65 -33.33
C LEU A 1461 27.80 -16.31 -31.86
N VAL A 1462 27.02 -15.28 -31.54
CA VAL A 1462 26.74 -14.97 -30.15
C VAL A 1462 25.67 -15.90 -29.60
N VAL A 1463 24.60 -16.12 -30.37
CA VAL A 1463 23.50 -16.97 -29.91
C VAL A 1463 23.92 -18.43 -29.89
N LYS A 1464 24.75 -18.85 -30.86
CA LYS A 1464 25.21 -20.22 -30.88
C LYS A 1464 26.25 -20.52 -29.79
N ALA A 1465 26.83 -19.50 -29.19
CA ALA A 1465 27.73 -19.68 -28.05
C ALA A 1465 27.01 -19.62 -26.72
N LEU A 1466 25.73 -19.31 -26.71
CA LEU A 1466 24.94 -19.31 -25.49
C LEU A 1466 24.73 -20.74 -25.01
N PRO A 1467 24.41 -20.95 -23.72
CA PRO A 1467 24.14 -22.32 -23.25
C PRO A 1467 22.92 -22.95 -23.90
N GLY A 1468 21.82 -22.21 -24.00
CA GLY A 1468 20.64 -22.78 -24.62
C GLY A 1468 20.74 -22.87 -26.13
N GLY A 1469 21.56 -22.03 -26.75
CA GLY A 1469 21.53 -21.87 -28.18
C GLY A 1469 20.32 -21.03 -28.53
N LEU A 1470 19.36 -21.60 -29.25
CA LEU A 1470 18.04 -20.99 -29.26
C LEU A 1470 17.31 -21.35 -27.98
N ASP A 1471 16.17 -20.69 -27.77
CA ASP A 1471 15.36 -20.77 -26.54
C ASP A 1471 16.17 -20.43 -25.29
N ALA A 1472 17.16 -19.55 -25.41
CA ALA A 1472 17.91 -19.05 -24.27
C ALA A 1472 17.17 -17.88 -23.66
N ILE A 1473 17.29 -17.73 -22.35
CA ILE A 1473 16.44 -16.82 -21.60
C ILE A 1473 16.91 -15.38 -21.80
N ILE A 1474 16.01 -14.54 -22.28
CA ILE A 1474 16.15 -13.09 -22.20
C ILE A 1474 15.33 -12.63 -21.00
N THR A 1475 15.96 -11.88 -20.11
CA THR A 1475 15.27 -11.45 -18.90
C THR A 1475 14.46 -10.18 -19.21
N GLU A 1476 13.93 -9.54 -18.16
CA GLU A 1476 12.96 -8.48 -18.32
C GLU A 1476 13.60 -7.23 -18.88
N GLY A 1477 13.11 -6.80 -20.05
CA GLY A 1477 13.66 -5.64 -20.72
C GLY A 1477 14.86 -5.93 -21.59
N GLY A 1478 15.39 -7.15 -21.58
CA GLY A 1478 16.58 -7.45 -22.34
C GLY A 1478 17.86 -7.10 -21.64
N GLU A 1479 17.85 -6.99 -20.32
CA GLU A 1479 19.05 -6.63 -19.57
C GLU A 1479 20.04 -7.76 -19.44
N ASN A 1480 19.71 -8.96 -19.93
CA ASN A 1480 20.66 -10.06 -19.92
C ASN A 1480 21.79 -9.82 -20.90
N PHE A 1481 21.54 -9.05 -21.96
CA PHE A 1481 22.52 -8.73 -22.98
C PHE A 1481 22.90 -7.26 -22.88
N SER A 1482 23.68 -6.79 -23.85
CA SER A 1482 24.15 -5.42 -23.87
C SER A 1482 23.07 -4.51 -24.43
N GLN A 1483 23.42 -3.28 -24.78
CA GLN A 1483 22.52 -2.43 -25.53
C GLN A 1483 22.83 -2.44 -27.01
N GLY A 1484 23.88 -3.14 -27.43
CA GLY A 1484 24.13 -3.35 -28.83
C GLY A 1484 23.52 -4.66 -29.27
N GLN A 1485 23.66 -5.68 -28.44
CA GLN A 1485 23.03 -6.97 -28.74
C GLN A 1485 21.51 -6.88 -28.60
N ARG A 1486 21.01 -5.97 -27.79
CA ARG A 1486 19.57 -5.72 -27.73
C ARG A 1486 19.05 -5.17 -29.04
N GLN A 1487 19.75 -4.19 -29.61
CA GLN A 1487 19.36 -3.63 -30.89
C GLN A 1487 19.53 -4.64 -32.02
N LEU A 1488 20.56 -5.49 -31.93
CA LEU A 1488 20.70 -6.57 -32.89
C LEU A 1488 19.59 -7.60 -32.75
N PHE A 1489 19.07 -7.81 -31.54
CA PHE A 1489 17.97 -8.75 -31.37
C PHE A 1489 16.67 -8.18 -31.92
N CYS A 1490 16.44 -6.87 -31.78
CA CYS A 1490 15.28 -6.28 -32.43
C CYS A 1490 15.41 -6.25 -33.95
N LEU A 1491 16.64 -6.08 -34.46
CA LEU A 1491 16.86 -6.17 -35.90
C LEU A 1491 16.59 -7.57 -36.41
N ALA A 1492 17.03 -8.59 -35.67
CA ALA A 1492 16.73 -9.97 -36.04
C ALA A 1492 15.26 -10.28 -35.89
N ARG A 1493 14.57 -9.60 -34.97
CA ARG A 1493 13.13 -9.77 -34.83
C ARG A 1493 12.40 -9.23 -36.05
N ALA A 1494 12.85 -8.10 -36.58
CA ALA A 1494 12.20 -7.56 -37.76
C ALA A 1494 12.58 -8.27 -39.04
N PHE A 1495 13.66 -9.05 -39.06
CA PHE A 1495 14.10 -9.69 -40.29
C PHE A 1495 13.42 -11.02 -40.55
N VAL A 1496 12.71 -11.58 -39.56
CA VAL A 1496 12.03 -12.85 -39.78
C VAL A 1496 10.73 -12.69 -40.56
N ARG A 1497 10.29 -11.47 -40.79
CA ARG A 1497 9.12 -11.22 -41.62
C ARG A 1497 9.54 -11.09 -43.07
N LYS A 1498 8.74 -11.68 -43.96
CA LYS A 1498 9.03 -11.69 -45.38
C LYS A 1498 8.25 -10.62 -46.13
N THR A 1499 8.05 -9.46 -45.51
CA THR A 1499 7.38 -8.36 -46.17
C THR A 1499 8.29 -7.72 -47.22
N SER A 1500 7.74 -6.78 -47.99
CA SER A 1500 8.50 -6.14 -49.04
C SER A 1500 8.62 -4.64 -48.87
N ILE A 1501 8.40 -4.14 -47.64
CA ILE A 1501 8.65 -2.74 -47.31
C ILE A 1501 9.32 -2.72 -45.94
N PHE A 1502 10.50 -2.10 -45.87
CA PHE A 1502 11.24 -2.02 -44.63
C PHE A 1502 11.48 -0.56 -44.26
N ILE A 1503 11.33 -0.25 -42.98
CA ILE A 1503 11.58 1.08 -42.46
C ILE A 1503 12.51 0.94 -41.27
N MET A 1504 13.64 1.63 -41.29
CA MET A 1504 14.63 1.49 -40.22
C MET A 1504 14.83 2.85 -39.55
N ASP A 1505 14.06 3.10 -38.49
CA ASP A 1505 14.07 4.39 -37.80
C ASP A 1505 15.31 4.44 -36.91
N GLU A 1506 16.44 4.81 -37.53
CA GLU A 1506 17.75 4.93 -36.90
C GLU A 1506 18.16 3.65 -36.18
N ALA A 1507 18.15 2.56 -36.92
CA ALA A 1507 18.37 1.25 -36.32
C ALA A 1507 19.81 1.06 -35.88
N THR A 1508 20.76 1.48 -36.71
CA THR A 1508 22.17 1.30 -36.43
C THR A 1508 22.73 2.45 -35.59
N ALA A 1509 22.08 2.74 -34.47
CA ALA A 1509 22.52 3.81 -33.59
C ALA A 1509 23.45 3.29 -32.50
N SER A 1510 23.00 2.28 -31.75
CA SER A 1510 23.82 1.71 -30.70
C SER A 1510 24.90 0.77 -31.24
N ILE A 1511 24.82 0.37 -32.49
CA ILE A 1511 25.79 -0.55 -33.08
C ILE A 1511 27.02 0.24 -33.49
N ASP A 1512 28.18 -0.40 -33.40
CA ASP A 1512 29.42 0.26 -33.77
C ASP A 1512 29.54 0.39 -35.29
N MET A 1513 30.57 1.11 -35.72
CA MET A 1513 30.73 1.37 -37.15
C MET A 1513 31.18 0.13 -37.91
N ALA A 1514 31.98 -0.74 -37.30
CA ALA A 1514 32.44 -1.94 -37.98
C ALA A 1514 31.30 -2.95 -38.18
N THR A 1515 30.56 -3.23 -37.10
CA THR A 1515 29.41 -4.12 -37.21
C THR A 1515 28.31 -3.50 -38.07
N GLU A 1516 28.21 -2.17 -38.09
CA GLU A 1516 27.23 -1.52 -38.96
C GLU A 1516 27.64 -1.65 -40.42
N ASN A 1517 28.94 -1.52 -40.73
CA ASN A 1517 29.39 -1.66 -42.11
C ASN A 1517 29.29 -3.09 -42.59
N ILE A 1518 29.41 -4.06 -41.69
CA ILE A 1518 29.12 -5.45 -42.07
C ILE A 1518 27.62 -5.64 -42.27
N LEU A 1519 26.82 -5.10 -41.35
CA LEU A 1519 25.38 -5.37 -41.31
C LEU A 1519 24.65 -4.73 -42.48
N GLN A 1520 25.10 -3.55 -42.92
CA GLN A 1520 24.48 -2.92 -44.08
C GLN A 1520 24.78 -3.69 -45.36
N LYS A 1521 25.99 -4.21 -45.50
CA LYS A 1521 26.33 -4.98 -46.68
C LYS A 1521 25.64 -6.33 -46.71
N VAL A 1522 25.32 -6.92 -45.56
CA VAL A 1522 24.52 -8.14 -45.55
C VAL A 1522 23.03 -7.86 -45.72
N VAL A 1523 22.52 -6.75 -45.19
CA VAL A 1523 21.09 -6.44 -45.30
C VAL A 1523 20.74 -6.01 -46.72
N MET A 1524 21.52 -5.10 -47.31
CA MET A 1524 21.24 -4.63 -48.66
C MET A 1524 21.76 -5.56 -49.76
N THR A 1525 22.04 -6.81 -49.41
CA THR A 1525 22.25 -7.92 -50.34
C THR A 1525 21.20 -9.01 -50.17
N ALA A 1526 20.87 -9.36 -48.93
CA ALA A 1526 19.79 -10.31 -48.69
C ALA A 1526 18.44 -9.71 -49.02
N PHE A 1527 18.23 -8.44 -48.66
CA PHE A 1527 17.03 -7.71 -49.05
C PHE A 1527 17.30 -6.87 -50.28
N ALA A 1528 17.76 -7.54 -51.35
CA ALA A 1528 18.16 -6.82 -52.56
C ALA A 1528 16.97 -6.33 -53.37
N ASP A 1529 15.77 -6.87 -53.13
CA ASP A 1529 14.60 -6.53 -53.91
C ASP A 1529 13.53 -5.82 -53.10
N ARG A 1530 13.74 -5.62 -51.81
CA ARG A 1530 12.73 -5.01 -50.95
C ARG A 1530 12.96 -3.51 -50.84
N THR A 1531 11.87 -2.75 -50.84
CA THR A 1531 11.95 -1.32 -50.63
C THR A 1531 12.31 -1.03 -49.18
N VAL A 1532 13.48 -0.45 -48.96
CA VAL A 1532 13.96 -0.11 -47.64
C VAL A 1532 13.97 1.40 -47.52
N VAL A 1533 13.42 1.91 -46.43
CA VAL A 1533 13.47 3.33 -46.10
C VAL A 1533 14.33 3.47 -44.86
N THR A 1534 15.53 3.98 -45.02
CA THR A 1534 16.54 3.96 -43.95
C THR A 1534 16.69 5.34 -43.36
N ILE A 1535 16.14 5.55 -42.18
CA ILE A 1535 16.47 6.74 -41.41
C ILE A 1535 17.91 6.59 -40.92
N ALA A 1536 18.80 7.45 -41.40
CA ALA A 1536 20.23 7.26 -41.19
C ALA A 1536 20.68 8.04 -39.97
N HIS A 1537 21.29 7.33 -39.01
CA HIS A 1537 21.92 8.02 -37.89
C HIS A 1537 23.22 8.68 -38.34
N ARG A 1538 24.18 7.88 -38.81
CA ARG A 1538 25.39 8.41 -39.41
C ARG A 1538 25.24 8.44 -40.91
N VAL A 1539 25.19 9.65 -41.48
CA VAL A 1539 24.87 9.84 -42.89
C VAL A 1539 25.94 9.37 -43.85
N HIS A 1540 27.06 8.87 -43.34
CA HIS A 1540 28.01 8.20 -44.22
C HIS A 1540 27.57 6.80 -44.59
N THR A 1541 26.60 6.22 -43.89
CA THR A 1541 26.11 4.90 -44.26
C THR A 1541 25.01 4.97 -45.32
N ILE A 1542 24.56 6.17 -45.65
CA ILE A 1542 23.41 6.34 -46.54
C ILE A 1542 23.81 6.78 -47.94
N LEU A 1543 25.11 6.91 -48.21
CA LEU A 1543 25.58 7.34 -49.52
C LEU A 1543 25.39 6.28 -50.60
N SER A 1544 25.14 5.04 -50.23
CA SER A 1544 24.92 3.97 -51.18
C SER A 1544 23.46 3.81 -51.58
N ALA A 1545 22.59 4.71 -51.12
CA ALA A 1545 21.17 4.64 -51.40
C ALA A 1545 20.89 5.03 -52.85
N ASP A 1546 19.72 4.64 -53.35
CA ASP A 1546 19.31 5.09 -54.66
C ASP A 1546 18.87 6.54 -54.64
N LEU A 1547 18.00 6.90 -53.71
CA LEU A 1547 17.62 8.30 -53.52
C LEU A 1547 17.72 8.63 -52.04
N VAL A 1548 17.79 9.92 -51.73
CA VAL A 1548 17.99 10.39 -50.36
C VAL A 1548 17.01 11.51 -50.07
N ILE A 1549 16.26 11.36 -48.99
CA ILE A 1549 15.37 12.40 -48.48
C ILE A 1549 16.12 13.21 -47.44
N VAL A 1550 16.12 14.53 -47.58
CA VAL A 1550 16.69 15.42 -46.57
C VAL A 1550 15.53 16.23 -45.99
N LEU A 1551 15.10 15.86 -44.79
CA LEU A 1551 14.10 16.64 -44.08
C LEU A 1551 14.77 17.80 -43.35
N LYS A 1552 14.08 18.94 -43.33
CA LYS A 1552 14.54 20.07 -42.52
C LYS A 1552 13.31 20.79 -42.01
N ARG A 1553 12.94 20.48 -40.75
CA ARG A 1553 11.84 21.12 -40.02
C ARG A 1553 10.51 20.93 -40.76
N GLY A 1554 10.14 19.67 -40.95
CA GLY A 1554 8.92 19.39 -41.67
C GLY A 1554 9.13 18.93 -43.10
N ALA A 1555 8.99 19.84 -44.05
CA ALA A 1555 8.92 19.49 -45.46
C ALA A 1555 10.25 18.97 -45.99
N ILE A 1556 10.17 18.23 -47.09
CA ILE A 1556 11.34 17.65 -47.73
C ILE A 1556 12.15 18.76 -48.38
N LEU A 1557 13.41 18.89 -47.98
CA LEU A 1557 14.28 19.92 -48.54
C LEU A 1557 14.99 19.45 -49.79
N GLU A 1558 15.50 18.22 -49.79
CA GLU A 1558 16.19 17.66 -50.94
C GLU A 1558 15.69 16.25 -51.17
N PHE A 1559 15.50 15.89 -52.44
CA PHE A 1559 15.08 14.53 -52.78
C PHE A 1559 15.67 14.21 -54.15
N ASP A 1560 16.85 13.60 -54.13
CA ASP A 1560 17.56 13.26 -55.37
C ASP A 1560 18.55 12.16 -55.05
N LYS A 1561 19.38 11.83 -56.05
CA LYS A 1561 20.42 10.82 -55.88
C LYS A 1561 21.52 11.35 -54.96
N PRO A 1562 22.18 10.48 -54.21
CA PRO A 1562 23.22 10.95 -53.29
C PRO A 1562 24.45 11.51 -53.99
N GLU A 1563 24.81 10.97 -55.16
CA GLU A 1563 25.92 11.54 -55.92
C GLU A 1563 25.56 12.92 -56.45
N LYS A 1564 24.32 13.11 -56.88
CA LYS A 1564 23.90 14.42 -57.36
C LYS A 1564 23.75 15.42 -56.22
N LEU A 1565 23.45 14.94 -55.01
CA LEU A 1565 23.40 15.85 -53.87
C LEU A 1565 24.79 16.21 -53.39
N LEU A 1566 25.74 15.27 -53.47
CA LEU A 1566 27.12 15.56 -53.07
C LEU A 1566 27.87 16.37 -54.12
N SER A 1567 27.42 16.37 -55.37
CA SER A 1567 28.08 17.16 -56.39
C SER A 1567 27.83 18.65 -56.24
N ARG A 1568 26.81 19.04 -55.46
CA ARG A 1568 26.44 20.44 -55.38
C ARG A 1568 27.38 21.23 -54.49
N LYS A 1569 27.86 20.62 -53.39
CA LYS A 1569 28.90 21.06 -52.47
C LYS A 1569 28.42 22.20 -51.56
N ASP A 1570 27.25 22.76 -51.83
CA ASP A 1570 26.60 23.71 -50.93
C ASP A 1570 25.27 23.18 -50.43
N SER A 1571 24.95 21.93 -50.71
CA SER A 1571 23.69 21.33 -50.29
C SER A 1571 23.76 20.88 -48.84
N VAL A 1572 22.60 20.59 -48.27
CA VAL A 1572 22.52 20.18 -46.88
C VAL A 1572 23.06 18.77 -46.71
N PHE A 1573 22.97 17.93 -47.75
CA PHE A 1573 23.53 16.59 -47.65
C PHE A 1573 25.06 16.63 -47.65
N ALA A 1574 25.64 17.48 -48.48
CA ALA A 1574 27.08 17.69 -48.44
C ALA A 1574 27.52 18.41 -47.17
N SER A 1575 26.61 19.17 -46.54
CA SER A 1575 26.92 19.71 -45.22
C SER A 1575 26.88 18.62 -44.16
N PHE A 1576 26.01 17.64 -44.30
CA PHE A 1576 25.86 16.59 -43.31
C PHE A 1576 27.01 15.58 -43.39
N VAL A 1577 27.41 15.21 -44.60
CA VAL A 1577 28.54 14.29 -44.74
C VAL A 1577 29.88 14.96 -44.54
N ARG A 1578 29.92 16.27 -44.39
CA ARG A 1578 31.17 16.93 -44.07
C ARG A 1578 31.52 16.79 -42.60
N ALA A 1579 30.52 16.78 -41.73
CA ALA A 1579 30.74 16.72 -40.29
C ALA A 1579 30.92 15.31 -39.76
N ASP A 1580 31.00 14.31 -40.64
CA ASP A 1580 31.20 12.94 -40.24
C ASP A 1580 32.50 12.33 -40.74
N LYS A 1581 33.26 13.04 -41.58
CA LYS A 1581 34.50 12.51 -42.12
C LYS A 1581 35.61 12.54 -41.08
PB ADP B . 13.03 13.22 -35.05
O1B ADP B . 13.16 11.75 -34.78
O2B ADP B . 14.18 14.02 -34.49
O3B ADP B . 12.68 13.59 -36.47
PA ADP B . 10.30 13.13 -34.32
O1A ADP B . 10.11 12.06 -33.28
O2A ADP B . 10.04 12.79 -35.76
O3A ADP B . 11.80 13.69 -34.15
O5' ADP B . 9.39 14.37 -33.91
C5' ADP B . 9.56 15.65 -34.53
C4' ADP B . 8.69 16.63 -33.75
O4' ADP B . 7.46 15.99 -33.44
C3' ADP B . 9.34 17.04 -32.45
O3' ADP B . 9.56 18.44 -32.46
C2' ADP B . 8.37 16.68 -31.36
O2' ADP B . 8.04 17.84 -30.60
C1' ADP B . 7.12 16.18 -32.07
N9 ADP B . 6.71 14.90 -31.45
C8 ADP B . 7.33 13.73 -31.63
N7 ADP B . 6.72 12.74 -30.92
C5 ADP B . 5.68 13.29 -30.28
C6 ADP B . 4.63 12.82 -29.37
N6 ADP B . 4.56 11.52 -29.00
N1 ADP B . 3.72 13.72 -28.93
C2 ADP B . 3.79 15.01 -29.29
N3 ADP B . 4.72 15.51 -30.11
C4 ADP B . 5.68 14.71 -30.64
MG MG C . 27.55 -0.72 -24.17
MG MG D . 13.63 9.36 -34.53
PG ATP E . 27.78 -2.19 -26.18
O1G ATP E . 27.47 -3.37 -27.06
O2G ATP E . 26.84 -1.03 -26.31
O3G ATP E . 29.23 -1.82 -26.11
PB ATP E . 28.70 -3.50 -23.95
O1B ATP E . 29.36 -4.43 -24.93
O2B ATP E . 29.52 -2.46 -23.24
O3B ATP E . 27.52 -2.74 -24.70
PA ATP E . 28.69 -5.35 -21.90
O1A ATP E . 28.15 -5.16 -20.51
O2A ATP E . 30.13 -5.13 -22.21
O3A ATP E . 27.90 -4.39 -22.90
O5' ATP E . 28.36 -6.83 -22.43
C5' ATP E . 29.38 -7.83 -22.37
C4' ATP E . 28.75 -9.21 -22.32
O4' ATP E . 28.26 -9.45 -21.00
C3' ATP E . 27.59 -9.34 -23.27
O3' ATP E . 27.86 -10.36 -24.22
C2' ATP E . 26.40 -9.77 -22.44
O2' ATP E . 25.99 -11.06 -22.88
C1' ATP E . 26.90 -9.86 -21.02
N9 ATP E . 26.16 -8.89 -20.18
C8 ATP E . 26.14 -7.56 -20.39
N7 ATP E . 25.38 -6.92 -19.48
C5 ATP E . 24.90 -7.86 -18.66
C6 ATP E . 24.03 -7.86 -17.47
N6 ATP E . 23.52 -6.70 -16.99
N1 ATP E . 23.75 -9.05 -16.90
C2 ATP E . 24.26 -10.20 -17.38
N3 ATP E . 25.06 -10.26 -18.45
C4 ATP E . 25.41 -9.15 -19.12
#